data_6PYZ
#
_entry.id   6PYZ
#
_cell.length_a   143.648
_cell.length_b   154.158
_cell.length_c   87.951
_cell.angle_alpha   90.000
_cell.angle_beta   90.000
_cell.angle_gamma   90.000
#
_symmetry.space_group_name_H-M   'P 21 21 2'
#
loop_
_entity.id
_entity.type
_entity.pdbx_description
1 polymer 'Tryptophan 2,3-dioxygenase'
2 non-polymer 'PROTOPORPHYRIN IX CONTAINING FE'
3 non-polymer (3S)-3-(5-fluoro-1H-indol-3-yl)pyrrolidine-2,5-dione
4 non-polymer alpha-methyl-L-tryptophan
5 water water
#
_entity_poly.entity_id   1
_entity_poly.type   'polypeptide(L)'
_entity_poly.pdbx_seq_one_letter_code
;MLPVEGSEEDKSQTGVNRASKGGLIYGNYLHLEKVLNAQELQSETKGNKIHDEHLFIITHQAYELWFKQILWELDSVREI
FQNGHVRDERNMLKVVSRMHRVSVILKLLVQQFSILETMTALDFNDFREYLSPASGFQSLQFRLLENKIGVLQNMRVPYN
RRHYRDNFKGEENELLLKSEQEKTLLELVEAWLERTPGLEPHGFNFWGKLEKNITRGLEEEFIRIQAKEESEEKEEQVAE
FQKQKEVLLSLFDEKRHEHLLSKGERRLSYRALQGALMIYFYREEPRFQVPFQLLTSLMDIDSLMTKWRYNHVCMVHRML
GSKAGTGGSSGYHYLRSTVSDRYKVFVDLFNLSTYLIPRHWIPKMNPTIHKFLEHHHHHH
;
_entity_poly.pdbx_strand_id   A,B,C,D
#
# COMPACT_ATOMS: atom_id res chain seq x y z
N GLY A 23 -31.32 -24.08 2.07
CA GLY A 23 -30.79 -22.70 1.81
C GLY A 23 -29.28 -22.68 1.77
N LEU A 24 -28.69 -21.85 0.91
CA LEU A 24 -27.22 -21.74 0.73
C LEU A 24 -26.57 -21.21 2.02
N ILE A 25 -25.44 -21.80 2.41
CA ILE A 25 -24.63 -21.40 3.61
C ILE A 25 -23.20 -21.04 3.18
N TYR A 26 -22.67 -19.96 3.77
CA TYR A 26 -21.34 -19.34 3.52
C TYR A 26 -20.27 -20.41 3.29
N GLY A 27 -20.00 -21.22 4.31
CA GLY A 27 -18.94 -22.24 4.30
C GLY A 27 -19.11 -23.19 3.13
N ASN A 28 -20.35 -23.54 2.80
CA ASN A 28 -20.66 -24.50 1.72
C ASN A 28 -20.46 -23.80 0.37
N TYR A 29 -21.00 -22.59 0.22
CA TYR A 29 -20.84 -21.74 -0.99
C TYR A 29 -19.37 -21.68 -1.43
N LEU A 30 -18.47 -21.39 -0.49
CA LEU A 30 -17.02 -21.21 -0.71
C LEU A 30 -16.23 -22.51 -0.58
N HIS A 31 -16.88 -23.64 -0.34
CA HIS A 31 -16.23 -24.96 -0.15
C HIS A 31 -15.08 -24.84 0.84
N LEU A 32 -15.32 -24.22 1.99
CA LEU A 32 -14.30 -24.15 3.08
C LEU A 32 -13.99 -25.56 3.62
N GLU A 33 -14.84 -26.56 3.38
CA GLU A 33 -14.54 -27.96 3.79
C GLU A 33 -13.33 -28.45 2.99
N LYS A 34 -13.02 -27.83 1.85
CA LYS A 34 -11.76 -28.07 1.09
C LYS A 34 -10.67 -27.05 1.51
N VAL A 35 -10.95 -25.75 1.44
CA VAL A 35 -9.92 -24.67 1.54
C VAL A 35 -9.25 -24.73 2.92
N LEU A 36 -10.05 -24.91 3.98
CA LEU A 36 -9.57 -24.89 5.40
C LEU A 36 -9.33 -26.31 5.94
N ASN A 37 -9.31 -27.33 5.07
CA ASN A 37 -8.86 -28.71 5.43
C ASN A 37 -7.73 -29.10 4.48
N ALA A 38 -6.86 -28.14 4.13
CA ALA A 38 -5.78 -28.28 3.13
C ALA A 38 -4.42 -27.92 3.74
N GLN A 39 -4.36 -27.81 5.06
CA GLN A 39 -3.13 -27.38 5.77
C GLN A 39 -2.57 -28.56 6.55
N GLU A 40 -1.46 -29.10 6.04
CA GLU A 40 -0.71 -30.24 6.58
C GLU A 40 0.77 -29.85 6.68
N LEU A 41 1.25 -29.58 7.89
CA LEU A 41 2.67 -29.26 8.18
C LEU A 41 3.49 -30.55 8.07
N GLN A 42 4.41 -30.62 7.10
CA GLN A 42 5.32 -31.80 6.96
C GLN A 42 6.12 -31.93 8.25
N SER A 43 6.57 -30.81 8.85
CA SER A 43 7.29 -30.79 10.15
C SER A 43 6.51 -31.64 11.17
N GLU A 44 5.20 -31.48 11.22
CA GLU A 44 4.32 -32.20 12.18
C GLU A 44 4.21 -33.67 11.77
N THR A 45 4.12 -33.95 10.47
CA THR A 45 4.00 -35.32 9.92
C THR A 45 5.21 -36.15 10.32
N LYS A 46 6.42 -35.58 10.23
CA LYS A 46 7.70 -36.21 10.66
C LYS A 46 7.96 -35.95 12.14
N GLY A 47 6.90 -35.69 12.92
CA GLY A 47 6.88 -35.62 14.40
C GLY A 47 7.78 -34.54 15.00
N ASN A 48 7.89 -33.37 14.36
CA ASN A 48 8.63 -32.20 14.91
C ASN A 48 7.95 -30.89 14.47
N LYS A 49 6.67 -30.69 14.82
CA LYS A 49 5.85 -29.50 14.40
C LYS A 49 6.66 -28.21 14.59
N ILE A 50 6.81 -27.43 13.51
CA ILE A 50 7.42 -26.06 13.53
C ILE A 50 6.32 -25.04 13.21
N HIS A 51 6.04 -24.17 14.17
CA HIS A 51 4.94 -23.18 14.15
C HIS A 51 4.94 -22.40 12.82
N ASP A 52 6.06 -21.84 12.40
CA ASP A 52 6.08 -20.93 11.21
C ASP A 52 5.77 -21.68 9.92
N GLU A 53 5.76 -23.02 9.92
CA GLU A 53 5.49 -23.78 8.67
C GLU A 53 4.06 -23.49 8.25
N HIS A 54 3.14 -23.31 9.21
CA HIS A 54 1.73 -22.98 8.89
C HIS A 54 1.70 -21.71 8.01
N LEU A 55 2.51 -20.72 8.33
CA LEU A 55 2.49 -19.42 7.61
C LEU A 55 2.99 -19.63 6.17
N PHE A 56 4.05 -20.41 6.03
CA PHE A 56 4.66 -20.81 4.74
C PHE A 56 3.61 -21.42 3.82
N ILE A 57 2.81 -22.36 4.34
CA ILE A 57 1.75 -23.05 3.56
C ILE A 57 0.64 -22.05 3.18
N ILE A 58 0.08 -21.31 4.14
CA ILE A 58 -1.06 -20.41 3.89
C ILE A 58 -0.64 -19.34 2.86
N THR A 59 0.56 -18.79 2.97
CA THR A 59 1.07 -17.75 2.05
C THR A 59 1.04 -18.31 0.62
N HIS A 60 1.57 -19.52 0.42
CA HIS A 60 1.64 -20.15 -0.92
C HIS A 60 0.22 -20.38 -1.42
N GLN A 61 -0.68 -20.81 -0.53
CA GLN A 61 -2.06 -21.17 -0.90
C GLN A 61 -2.82 -19.93 -1.34
N ALA A 62 -2.58 -18.79 -0.68
CA ALA A 62 -3.20 -17.51 -1.03
C ALA A 62 -2.65 -17.05 -2.39
N TYR A 63 -1.34 -17.14 -2.59
CA TYR A 63 -0.75 -16.87 -3.93
C TYR A 63 -1.44 -17.72 -5.00
N GLU A 64 -1.61 -19.02 -4.77
CA GLU A 64 -2.19 -19.97 -5.76
C GLU A 64 -3.67 -19.64 -6.02
N LEU A 65 -4.44 -19.19 -5.02
CA LEU A 65 -5.83 -18.73 -5.28
C LEU A 65 -5.80 -17.55 -6.26
N TRP A 66 -4.92 -16.58 -6.05
CA TRP A 66 -4.89 -15.31 -6.82
C TRP A 66 -4.31 -15.59 -8.22
N PHE A 67 -3.34 -16.50 -8.35
CA PHE A 67 -2.90 -17.02 -9.67
C PHE A 67 -4.11 -17.59 -10.42
N LYS A 68 -4.94 -18.37 -9.74
CA LYS A 68 -6.16 -18.96 -10.34
C LYS A 68 -7.07 -17.85 -10.84
N GLN A 69 -7.31 -16.82 -10.01
CA GLN A 69 -8.17 -15.68 -10.41
C GLN A 69 -7.55 -14.97 -11.61
N ILE A 70 -6.25 -14.72 -11.60
CA ILE A 70 -5.56 -14.04 -12.74
C ILE A 70 -5.79 -14.86 -14.02
N LEU A 71 -5.69 -16.18 -13.94
CA LEU A 71 -5.84 -17.07 -15.12
C LEU A 71 -7.27 -17.00 -15.63
N TRP A 72 -8.23 -16.92 -14.70
CA TRP A 72 -9.66 -16.75 -15.02
C TRP A 72 -9.85 -15.48 -15.84
N GLU A 73 -9.28 -14.35 -15.37
CA GLU A 73 -9.43 -13.05 -16.08
C GLU A 73 -8.73 -13.16 -17.44
N LEU A 74 -7.49 -13.67 -17.44
CA LEU A 74 -6.58 -13.77 -18.61
C LEU A 74 -7.23 -14.59 -19.72
N ASP A 75 -7.66 -15.82 -19.41
CA ASP A 75 -8.32 -16.75 -20.36
C ASP A 75 -9.60 -16.09 -20.92
N SER A 76 -10.34 -15.33 -20.11
CA SER A 76 -11.58 -14.67 -20.54
C SER A 76 -11.24 -13.54 -21.54
N VAL A 77 -10.12 -12.85 -21.36
CA VAL A 77 -9.71 -11.76 -22.29
C VAL A 77 -9.11 -12.40 -23.56
N ARG A 78 -8.30 -13.44 -23.42
CA ARG A 78 -7.81 -14.25 -24.57
C ARG A 78 -9.01 -14.70 -25.41
N GLU A 79 -10.05 -15.24 -24.78
CA GLU A 79 -11.27 -15.77 -25.47
C GLU A 79 -11.99 -14.63 -26.23
N ILE A 80 -12.08 -13.43 -25.66
CA ILE A 80 -12.74 -12.26 -26.33
C ILE A 80 -11.96 -11.88 -27.60
N PHE A 81 -10.64 -11.96 -27.58
CA PHE A 81 -9.81 -11.75 -28.80
C PHE A 81 -10.07 -12.92 -29.77
N GLN A 82 -9.87 -14.16 -29.33
CA GLN A 82 -9.89 -15.39 -30.17
C GLN A 82 -11.23 -15.58 -30.89
N ASN A 83 -12.35 -15.26 -30.25
CA ASN A 83 -13.70 -15.53 -30.81
C ASN A 83 -14.17 -14.31 -31.61
N GLY A 84 -13.36 -13.26 -31.72
CA GLY A 84 -13.69 -12.08 -32.55
C GLY A 84 -14.53 -11.04 -31.84
N HIS A 85 -15.04 -11.33 -30.63
CA HIS A 85 -15.88 -10.35 -29.88
C HIS A 85 -15.13 -9.02 -29.74
N VAL A 86 -13.80 -9.04 -29.62
CA VAL A 86 -12.99 -7.79 -29.45
C VAL A 86 -13.24 -6.83 -30.62
N ARG A 87 -13.63 -7.34 -31.80
CA ARG A 87 -13.90 -6.52 -33.03
C ARG A 87 -14.99 -5.50 -32.73
N ASP A 88 -15.95 -5.87 -31.88
CA ASP A 88 -17.05 -5.00 -31.46
C ASP A 88 -16.57 -4.18 -30.25
N GLU A 89 -16.48 -2.87 -30.40
CA GLU A 89 -15.74 -1.96 -29.50
C GLU A 89 -16.52 -1.76 -28.19
N ARG A 90 -17.77 -2.26 -28.13
CA ARG A 90 -18.57 -2.37 -26.88
C ARG A 90 -17.79 -3.14 -25.82
N ASN A 91 -17.00 -4.14 -26.23
CA ASN A 91 -16.34 -5.09 -25.31
C ASN A 91 -15.03 -4.51 -24.78
N MET A 92 -14.62 -3.30 -25.16
CA MET A 92 -13.30 -2.74 -24.75
C MET A 92 -13.28 -2.38 -23.25
N LEU A 93 -14.38 -1.84 -22.71
CA LEU A 93 -14.47 -1.52 -21.26
C LEU A 93 -14.23 -2.80 -20.44
N LYS A 94 -14.88 -3.89 -20.81
CA LYS A 94 -14.74 -5.22 -20.15
C LYS A 94 -13.28 -5.69 -20.26
N VAL A 95 -12.67 -5.58 -21.45
CA VAL A 95 -11.25 -6.02 -21.66
C VAL A 95 -10.32 -5.21 -20.74
N VAL A 96 -10.39 -3.89 -20.76
CA VAL A 96 -9.51 -3.04 -19.91
C VAL A 96 -9.84 -3.27 -18.43
N SER A 97 -11.11 -3.38 -18.04
CA SER A 97 -11.48 -3.58 -16.62
C SER A 97 -10.82 -4.87 -16.11
N ARG A 98 -10.84 -5.95 -16.90
CA ARG A 98 -10.31 -7.26 -16.44
C ARG A 98 -8.79 -7.27 -16.45
N MET A 99 -8.13 -6.57 -17.40
CA MET A 99 -6.66 -6.48 -17.45
C MET A 99 -6.18 -5.57 -16.31
N HIS A 100 -6.88 -4.47 -16.06
CA HIS A 100 -6.63 -3.62 -14.87
C HIS A 100 -6.83 -4.46 -13.59
N ARG A 101 -7.86 -5.30 -13.53
CA ARG A 101 -8.10 -6.18 -12.35
C ARG A 101 -6.86 -7.04 -12.14
N VAL A 102 -6.28 -7.59 -13.21
CA VAL A 102 -5.09 -8.46 -13.09
C VAL A 102 -3.96 -7.66 -12.43
N SER A 103 -3.75 -6.42 -12.84
CA SER A 103 -2.66 -5.57 -12.28
C SER A 103 -2.95 -5.25 -10.81
N VAL A 104 -4.22 -5.06 -10.43
CA VAL A 104 -4.59 -4.79 -9.02
C VAL A 104 -4.30 -6.04 -8.16
N ILE A 105 -4.59 -7.22 -8.67
CA ILE A 105 -4.27 -8.50 -7.97
C ILE A 105 -2.74 -8.60 -7.81
N LEU A 106 -2.00 -8.42 -8.90
CA LEU A 106 -0.51 -8.56 -8.89
C LEU A 106 0.07 -7.57 -7.89
N LYS A 107 -0.51 -6.39 -7.76
CA LYS A 107 -0.04 -5.37 -6.79
C LYS A 107 -0.24 -5.92 -5.37
N LEU A 108 -1.37 -6.53 -5.07
CA LEU A 108 -1.55 -7.22 -3.76
C LEU A 108 -0.51 -8.33 -3.61
N LEU A 109 -0.25 -9.11 -4.65
CA LEU A 109 0.69 -10.26 -4.58
C LEU A 109 2.12 -9.80 -4.30
N VAL A 110 2.53 -8.65 -4.85
CA VAL A 110 3.86 -8.04 -4.56
C VAL A 110 3.90 -7.64 -3.08
N GLN A 111 2.83 -7.02 -2.55
CA GLN A 111 2.76 -6.57 -1.12
C GLN A 111 2.74 -7.79 -0.20
N GLN A 112 2.11 -8.89 -0.63
CA GLN A 112 1.87 -10.10 0.20
C GLN A 112 3.19 -10.68 0.71
N PHE A 113 4.32 -10.44 0.02
CA PHE A 113 5.66 -10.90 0.48
C PHE A 113 5.96 -10.36 1.87
N SER A 114 5.48 -9.17 2.22
CA SER A 114 5.66 -8.55 3.56
C SER A 114 5.19 -9.51 4.66
N ILE A 115 4.15 -10.30 4.43
CA ILE A 115 3.67 -11.28 5.44
C ILE A 115 4.75 -12.34 5.70
N LEU A 116 5.27 -12.97 4.65
CA LEU A 116 6.18 -14.13 4.84
C LEU A 116 7.54 -13.64 5.36
N GLU A 117 7.82 -12.35 5.19
CA GLU A 117 9.06 -11.70 5.71
C GLU A 117 9.00 -11.50 7.24
N THR A 118 7.87 -11.76 7.89
CA THR A 118 7.77 -11.80 9.38
C THR A 118 8.30 -13.14 9.89
N MET A 119 8.65 -14.05 8.97
CA MET A 119 9.38 -15.32 9.29
C MET A 119 10.87 -15.04 9.14
N THR A 120 11.61 -15.24 10.22
CA THR A 120 13.11 -15.15 10.25
C THR A 120 13.68 -16.35 9.48
N ALA A 121 14.86 -16.19 8.92
CA ALA A 121 15.59 -17.28 8.23
C ALA A 121 15.85 -18.42 9.23
N LEU A 122 16.15 -18.07 10.49
CA LEU A 122 16.42 -19.01 11.60
C LEU A 122 15.24 -19.97 11.74
N ASP A 123 14.02 -19.44 11.80
CA ASP A 123 12.79 -20.24 12.02
C ASP A 123 12.49 -21.04 10.75
N PHE A 124 12.70 -20.46 9.58
CA PHE A 124 12.49 -21.14 8.27
C PHE A 124 13.42 -22.35 8.21
N ASN A 125 14.65 -22.18 8.68
CA ASN A 125 15.71 -23.21 8.68
C ASN A 125 15.26 -24.45 9.48
N ASP A 126 14.32 -24.32 10.41
CA ASP A 126 13.91 -25.42 11.32
C ASP A 126 12.92 -26.36 10.64
N PHE A 127 12.29 -25.96 9.54
CA PHE A 127 11.35 -26.86 8.82
C PHE A 127 11.74 -27.01 7.34
N ARG A 128 12.70 -26.23 6.84
CA ARG A 128 13.14 -26.25 5.43
C ARG A 128 13.43 -27.69 4.98
N GLU A 129 14.21 -28.43 5.78
CA GLU A 129 14.64 -29.83 5.48
C GLU A 129 13.44 -30.70 5.09
N TYR A 130 12.26 -30.47 5.66
CA TYR A 130 11.07 -31.34 5.44
C TYR A 130 10.38 -31.05 4.10
N LEU A 131 10.79 -30.00 3.39
CA LEU A 131 10.16 -29.54 2.12
C LEU A 131 10.76 -30.28 0.93
N SER A 132 12.08 -30.52 0.95
CA SER A 132 12.90 -31.08 -0.15
C SER A 132 12.20 -32.30 -0.78
N PRO A 133 12.27 -32.48 -2.12
CA PRO A 133 12.84 -31.51 -3.05
C PRO A 133 11.80 -30.56 -3.68
N ALA A 134 10.61 -30.45 -3.06
CA ALA A 134 9.51 -29.58 -3.51
C ALA A 134 9.98 -28.12 -3.59
N SER A 135 9.47 -27.37 -4.57
CA SER A 135 9.85 -25.97 -4.88
C SER A 135 8.73 -25.24 -5.63
N GLY A 136 8.66 -23.91 -5.48
CA GLY A 136 7.73 -23.04 -6.21
C GLY A 136 7.91 -23.21 -7.71
N PHE A 137 9.13 -23.58 -8.08
CA PHE A 137 9.50 -24.05 -9.44
C PHE A 137 8.45 -25.02 -9.99
N GLN A 138 7.78 -25.75 -9.11
CA GLN A 138 6.78 -26.79 -9.47
C GLN A 138 5.36 -26.21 -9.52
N SER A 139 5.20 -24.89 -9.42
CA SER A 139 3.87 -24.24 -9.52
C SER A 139 3.35 -24.35 -10.95
N LEU A 140 2.41 -25.24 -11.22
CA LEU A 140 1.72 -25.33 -12.54
C LEU A 140 1.22 -23.93 -12.92
N GLN A 141 0.46 -23.28 -12.03
CA GLN A 141 -0.34 -22.07 -12.36
C GLN A 141 0.59 -20.90 -12.75
N PHE A 142 1.75 -20.79 -12.11
CA PHE A 142 2.73 -19.73 -12.43
C PHE A 142 3.21 -19.91 -13.88
N ARG A 143 3.48 -21.15 -14.30
CA ARG A 143 3.94 -21.44 -15.69
C ARG A 143 2.77 -21.17 -16.66
N LEU A 144 1.56 -21.62 -16.32
CA LEU A 144 0.35 -21.33 -17.12
C LEU A 144 0.27 -19.80 -17.30
N LEU A 145 0.49 -19.04 -16.23
CA LEU A 145 0.38 -17.56 -16.28
C LEU A 145 1.49 -17.02 -17.18
N GLU A 146 2.74 -17.43 -16.99
CA GLU A 146 3.87 -17.00 -17.87
C GLU A 146 3.48 -17.28 -19.33
N ASN A 147 3.09 -18.51 -19.63
CA ASN A 147 2.88 -18.96 -21.03
C ASN A 147 1.71 -18.20 -21.65
N LYS A 148 0.60 -18.05 -20.93
CA LYS A 148 -0.65 -17.45 -21.48
C LYS A 148 -0.45 -15.95 -21.74
N ILE A 149 0.40 -15.27 -20.97
CA ILE A 149 0.75 -13.85 -21.27
C ILE A 149 1.57 -13.88 -22.56
N GLY A 150 2.52 -14.81 -22.66
CA GLY A 150 3.24 -15.12 -23.91
C GLY A 150 4.74 -15.23 -23.76
N VAL A 151 5.25 -15.58 -22.58
CA VAL A 151 6.68 -15.94 -22.39
C VAL A 151 6.98 -17.09 -23.37
N LEU A 152 8.01 -16.94 -24.20
CA LEU A 152 8.45 -17.97 -25.19
C LEU A 152 9.64 -18.76 -24.63
N GLN A 153 9.78 -20.01 -25.07
CA GLN A 153 10.85 -20.95 -24.62
C GLN A 153 12.21 -20.23 -24.65
N ASN A 154 12.49 -19.46 -25.71
CA ASN A 154 13.78 -18.77 -25.93
C ASN A 154 13.92 -17.52 -25.05
N MET A 155 12.82 -17.00 -24.49
CA MET A 155 12.85 -15.87 -23.51
C MET A 155 13.41 -16.40 -22.16
N ARG A 156 13.19 -17.68 -21.85
CA ARG A 156 13.48 -18.29 -20.52
C ARG A 156 15.00 -18.51 -20.35
N VAL A 157 15.56 -18.17 -19.18
CA VAL A 157 17.03 -18.32 -18.92
C VAL A 157 17.36 -19.82 -18.97
N PRO A 158 18.55 -20.19 -19.50
CA PRO A 158 18.94 -21.58 -19.73
C PRO A 158 18.42 -22.60 -18.69
N TYR A 159 18.64 -22.36 -17.40
CA TYR A 159 18.21 -23.29 -16.32
C TYR A 159 16.68 -23.45 -16.37
N ASN A 160 15.97 -22.32 -16.43
CA ASN A 160 14.48 -22.25 -16.46
C ASN A 160 13.98 -23.12 -17.62
N ARG A 161 14.37 -22.77 -18.85
CA ARG A 161 14.07 -23.47 -20.13
C ARG A 161 14.30 -24.98 -19.97
N ARG A 162 15.47 -25.37 -19.45
CA ARG A 162 15.91 -26.80 -19.35
C ARG A 162 14.92 -27.61 -18.52
N HIS A 163 14.55 -27.13 -17.33
CA HIS A 163 14.00 -27.96 -16.22
C HIS A 163 12.48 -27.77 -16.01
N TYR A 164 11.88 -26.66 -16.45
CA TYR A 164 10.54 -26.22 -15.98
C TYR A 164 9.42 -27.17 -16.45
N ARG A 165 9.44 -27.60 -17.71
CA ARG A 165 8.44 -28.54 -18.29
C ARG A 165 8.51 -29.89 -17.56
N ASP A 166 9.72 -30.32 -17.19
CA ASP A 166 9.99 -31.67 -16.60
C ASP A 166 9.94 -31.56 -15.07
N ASN A 167 8.81 -31.08 -14.55
CA ASN A 167 8.40 -31.21 -13.11
C ASN A 167 6.94 -31.67 -13.09
N PHE A 168 6.41 -32.07 -14.26
CA PHE A 168 4.96 -32.19 -14.56
C PHE A 168 4.72 -33.41 -15.45
N LYS A 169 3.59 -34.10 -15.24
CA LYS A 169 3.15 -35.31 -16.00
C LYS A 169 1.63 -35.33 -16.11
N GLY A 170 1.08 -36.25 -16.91
CA GLY A 170 -0.37 -36.48 -17.06
C GLY A 170 -1.08 -35.22 -17.53
N GLU A 171 -2.23 -34.92 -16.92
CA GLU A 171 -3.10 -33.75 -17.26
C GLU A 171 -2.35 -32.43 -17.03
N GLU A 172 -1.53 -32.35 -15.96
CA GLU A 172 -0.69 -31.16 -15.66
C GLU A 172 0.24 -30.90 -16.85
N ASN A 173 0.84 -31.95 -17.39
CA ASN A 173 1.69 -31.83 -18.60
C ASN A 173 0.85 -31.31 -19.77
N GLU A 174 -0.36 -31.85 -19.96
CA GLU A 174 -1.28 -31.47 -21.07
C GLU A 174 -1.62 -29.97 -20.97
N LEU A 175 -2.00 -29.50 -19.78
CA LEU A 175 -2.33 -28.06 -19.54
C LEU A 175 -1.11 -27.21 -19.90
N LEU A 176 0.08 -27.60 -19.44
CA LEU A 176 1.32 -26.84 -19.76
C LEU A 176 1.41 -26.71 -21.28
N LEU A 177 1.23 -27.82 -22.00
CA LEU A 177 1.40 -27.88 -23.49
C LEU A 177 0.37 -26.94 -24.12
N LYS A 178 -0.88 -27.05 -23.69
CA LYS A 178 -1.98 -26.17 -24.15
C LYS A 178 -1.57 -24.71 -23.97
N SER A 179 -1.02 -24.37 -22.80
CA SER A 179 -0.64 -22.98 -22.41
C SER A 179 0.42 -22.45 -23.38
N GLU A 180 1.14 -23.35 -24.05
CA GLU A 180 2.16 -23.01 -25.08
C GLU A 180 1.57 -23.08 -26.49
N GLN A 181 0.73 -24.07 -26.78
CA GLN A 181 0.16 -24.31 -28.14
C GLN A 181 -0.88 -23.24 -28.47
N GLU A 182 -1.77 -22.94 -27.54
CA GLU A 182 -2.91 -22.03 -27.77
C GLU A 182 -2.38 -20.60 -27.89
N LYS A 183 -3.18 -19.74 -28.52
CA LYS A 183 -2.84 -18.33 -28.84
C LYS A 183 -2.60 -17.60 -27.52
N THR A 184 -1.44 -16.95 -27.38
CA THR A 184 -1.03 -16.20 -26.17
C THR A 184 -1.65 -14.80 -26.22
N LEU A 185 -1.68 -14.09 -25.09
CA LEU A 185 -2.12 -12.68 -25.06
C LEU A 185 -1.28 -11.83 -26.04
N LEU A 186 0.03 -12.07 -26.09
CA LEU A 186 0.98 -11.39 -27.01
C LEU A 186 0.47 -11.56 -28.45
N GLU A 187 0.18 -12.80 -28.87
CA GLU A 187 -0.25 -13.14 -30.26
C GLU A 187 -1.60 -12.49 -30.57
N LEU A 188 -2.52 -12.55 -29.62
CA LEU A 188 -3.91 -12.06 -29.85
C LEU A 188 -3.89 -10.53 -29.90
N VAL A 189 -3.08 -9.87 -29.07
CA VAL A 189 -2.97 -8.38 -29.07
C VAL A 189 -2.27 -7.95 -30.36
N GLU A 190 -1.23 -8.69 -30.78
CA GLU A 190 -0.49 -8.42 -32.07
C GLU A 190 -1.48 -8.37 -33.23
N ALA A 191 -2.28 -9.42 -33.40
CA ALA A 191 -3.32 -9.55 -34.45
C ALA A 191 -4.25 -8.33 -34.44
N TRP A 192 -4.70 -7.94 -33.25
CA TRP A 192 -5.66 -6.82 -33.08
C TRP A 192 -4.98 -5.48 -33.41
N LEU A 193 -3.72 -5.30 -32.99
CA LEU A 193 -2.95 -4.06 -33.28
C LEU A 193 -2.71 -3.91 -34.80
N GLU A 194 -2.49 -5.02 -35.50
CA GLU A 194 -2.31 -5.05 -36.98
C GLU A 194 -3.55 -4.44 -37.66
N ARG A 195 -4.73 -4.52 -37.04
CA ARG A 195 -5.99 -4.01 -37.65
C ARG A 195 -6.27 -2.57 -37.19
N THR A 196 -5.37 -1.93 -36.44
CA THR A 196 -5.61 -0.57 -35.90
C THR A 196 -5.98 0.35 -37.05
N PRO A 197 -7.14 1.06 -36.99
CA PRO A 197 -7.50 2.04 -38.03
C PRO A 197 -6.47 3.17 -38.16
N GLY A 198 -6.21 3.59 -39.41
CA GLY A 198 -5.28 4.69 -39.75
C GLY A 198 -3.99 4.23 -40.42
N LEU A 199 -3.69 2.93 -40.42
CA LEU A 199 -2.44 2.36 -41.01
C LEU A 199 -2.58 2.18 -42.53
N GLU A 200 -3.82 2.14 -43.05
CA GLU A 200 -4.08 1.71 -44.45
C GLU A 200 -3.48 2.75 -45.39
N PRO A 201 -2.50 2.35 -46.25
CA PRO A 201 -1.86 3.30 -47.17
C PRO A 201 -2.89 4.10 -47.98
N HIS A 202 -3.99 3.47 -48.40
CA HIS A 202 -5.06 4.13 -49.22
C HIS A 202 -5.84 5.13 -48.35
N GLY A 203 -5.83 4.95 -47.03
CA GLY A 203 -6.50 5.86 -46.08
C GLY A 203 -5.51 6.84 -45.46
N PHE A 204 -5.48 6.91 -44.13
CA PHE A 204 -4.72 7.93 -43.37
C PHE A 204 -3.22 7.78 -43.61
N ASN A 205 -2.76 6.57 -43.89
CA ASN A 205 -1.36 6.32 -44.35
C ASN A 205 -0.43 6.80 -43.24
N PHE A 206 -0.69 6.37 -42.00
CA PHE A 206 0.00 6.87 -40.79
C PHE A 206 1.51 6.78 -41.03
N TRP A 207 2.01 5.58 -41.36
CA TRP A 207 3.47 5.27 -41.40
C TRP A 207 4.19 6.14 -42.44
N GLY A 208 3.55 6.38 -43.58
CA GLY A 208 4.10 7.21 -44.66
C GLY A 208 4.24 8.66 -44.22
N LYS A 209 3.14 9.20 -43.67
CA LYS A 209 3.07 10.59 -43.14
C LYS A 209 4.10 10.76 -42.02
N LEU A 210 4.21 9.79 -41.11
CA LEU A 210 5.14 9.86 -39.96
C LEU A 210 6.59 9.94 -40.47
N GLU A 211 6.98 9.05 -41.38
CA GLU A 211 8.35 9.06 -41.96
C GLU A 211 8.61 10.43 -42.59
N LYS A 212 7.65 10.95 -43.35
CA LYS A 212 7.78 12.26 -44.02
C LYS A 212 7.94 13.38 -42.98
N ASN A 213 7.10 13.42 -41.95
CA ASN A 213 7.15 14.49 -40.90
C ASN A 213 8.46 14.39 -40.10
N ILE A 214 8.91 13.18 -39.77
CA ILE A 214 10.16 12.98 -38.98
C ILE A 214 11.37 13.39 -39.85
N THR A 215 11.44 12.92 -41.09
CA THR A 215 12.50 13.34 -42.07
C THR A 215 12.53 14.88 -42.16
N ARG A 216 11.37 15.52 -42.38
CA ARG A 216 11.28 17.00 -42.46
C ARG A 216 11.72 17.61 -41.13
N GLY A 217 11.29 17.04 -39.99
CA GLY A 217 11.53 17.59 -38.65
C GLY A 217 13.02 17.55 -38.30
N LEU A 218 13.68 16.46 -38.66
CA LEU A 218 15.14 16.29 -38.44
C LEU A 218 15.90 17.30 -39.31
N GLU A 219 15.48 17.48 -40.57
CA GLU A 219 16.12 18.45 -41.50
C GLU A 219 16.04 19.86 -40.89
N GLU A 220 14.88 20.25 -40.36
CA GLU A 220 14.68 21.58 -39.72
C GLU A 220 15.61 21.72 -38.50
N GLU A 221 15.75 20.65 -37.71
CA GLU A 221 16.60 20.61 -36.49
C GLU A 221 18.07 20.72 -36.91
N PHE A 222 18.52 19.96 -37.92
CA PHE A 222 19.91 20.04 -38.41
C PHE A 222 20.23 21.50 -38.79
N ILE A 223 19.31 22.17 -39.49
CA ILE A 223 19.45 23.58 -39.95
C ILE A 223 19.58 24.48 -38.72
N ARG A 224 18.68 24.36 -37.73
CA ARG A 224 18.69 25.16 -36.47
C ARG A 224 20.07 25.04 -35.79
N ILE A 225 20.56 23.80 -35.66
CA ILE A 225 21.87 23.48 -35.01
C ILE A 225 23.02 24.04 -35.86
N GLN A 226 23.01 23.82 -37.18
CA GLN A 226 24.13 24.25 -38.08
C GLN A 226 24.24 25.78 -38.07
N ALA A 227 23.13 26.50 -37.82
CA ALA A 227 23.04 27.98 -37.82
C ALA A 227 23.71 28.59 -36.58
N LYS A 228 24.06 27.80 -35.57
CA LYS A 228 24.64 28.32 -34.30
C LYS A 228 26.14 28.59 -34.49
N GLU A 229 26.70 29.51 -33.69
CA GLU A 229 28.11 29.96 -33.80
C GLU A 229 29.05 28.86 -33.31
N GLU A 230 30.08 28.55 -34.10
CA GLU A 230 30.93 27.33 -34.00
C GLU A 230 31.54 27.21 -32.60
N SER A 231 30.73 26.76 -31.61
CA SER A 231 31.13 26.60 -30.19
C SER A 231 31.50 25.13 -29.92
N GLU A 232 31.64 24.78 -28.63
CA GLU A 232 31.84 23.37 -28.16
C GLU A 232 30.46 22.75 -27.94
N GLU A 233 29.58 23.47 -27.24
CA GLU A 233 28.15 23.10 -27.00
C GLU A 233 27.46 22.71 -28.32
N LYS A 234 27.76 23.41 -29.41
CA LYS A 234 27.15 23.16 -30.75
C LYS A 234 27.52 21.75 -31.21
N GLU A 235 28.81 21.41 -31.18
CA GLU A 235 29.34 20.09 -31.64
C GLU A 235 28.80 18.98 -30.72
N GLU A 236 28.37 19.34 -29.50
CA GLU A 236 27.64 18.43 -28.57
C GLU A 236 26.21 18.22 -29.09
N GLN A 237 25.54 19.30 -29.53
CA GLN A 237 24.21 19.24 -30.18
C GLN A 237 24.29 18.43 -31.49
N VAL A 238 25.36 18.60 -32.26
CA VAL A 238 25.57 17.95 -33.59
C VAL A 238 25.57 16.44 -33.40
N ALA A 239 26.44 15.93 -32.52
CA ALA A 239 26.65 14.47 -32.33
C ALA A 239 25.44 13.87 -31.61
N GLU A 240 24.77 14.66 -30.75
CA GLU A 240 23.49 14.29 -30.07
C GLU A 240 22.37 14.18 -31.11
N PHE A 241 22.30 15.14 -32.04
CA PHE A 241 21.32 15.14 -33.16
C PHE A 241 21.55 13.90 -34.02
N GLN A 242 22.81 13.60 -34.33
CA GLN A 242 23.17 12.50 -35.26
C GLN A 242 22.85 11.16 -34.58
N LYS A 243 22.92 11.11 -33.25
CA LYS A 243 22.48 9.94 -32.45
C LYS A 243 20.95 9.82 -32.58
N GLN A 244 20.21 10.90 -32.30
CA GLN A 244 18.71 10.91 -32.33
C GLN A 244 18.23 10.60 -33.75
N LYS A 245 18.91 11.13 -34.78
CA LYS A 245 18.52 10.90 -36.20
C LYS A 245 18.68 9.42 -36.53
N GLU A 246 19.81 8.80 -36.18
CA GLU A 246 20.02 7.36 -36.51
C GLU A 246 18.88 6.55 -35.87
N VAL A 247 18.57 6.82 -34.59
CA VAL A 247 17.54 6.07 -33.82
C VAL A 247 16.18 6.26 -34.49
N LEU A 248 15.75 7.51 -34.71
CA LEU A 248 14.39 7.79 -35.24
C LEU A 248 14.21 7.17 -36.63
N LEU A 249 15.21 7.32 -37.52
CA LEU A 249 15.07 6.88 -38.92
C LEU A 249 15.15 5.35 -38.96
N SER A 250 15.87 4.73 -38.02
CA SER A 250 15.92 3.26 -37.82
C SER A 250 14.51 2.68 -37.58
N LEU A 251 13.57 3.49 -37.07
CA LEU A 251 12.16 3.06 -36.88
C LEU A 251 11.61 2.52 -38.19
N PHE A 252 11.95 3.15 -39.33
CA PHE A 252 11.34 2.89 -40.66
C PHE A 252 12.08 1.76 -41.38
N ASP A 253 13.14 1.20 -40.80
CA ASP A 253 13.90 0.06 -41.38
C ASP A 253 13.25 -1.27 -40.94
N GLU A 254 12.35 -1.80 -41.75
CA GLU A 254 11.64 -3.06 -41.46
C GLU A 254 12.62 -4.24 -41.38
N LYS A 255 13.73 -4.20 -42.11
CA LYS A 255 14.73 -5.31 -42.11
C LYS A 255 15.40 -5.37 -40.74
N ARG A 256 15.74 -4.20 -40.18
CA ARG A 256 16.32 -4.09 -38.82
C ARG A 256 15.33 -4.70 -37.81
N HIS A 257 14.05 -4.40 -37.97
CA HIS A 257 12.98 -4.93 -37.07
C HIS A 257 13.04 -6.45 -37.07
N GLU A 258 13.00 -7.06 -38.27
CA GLU A 258 13.00 -8.53 -38.46
C GLU A 258 14.29 -9.08 -37.85
N HIS A 259 15.38 -8.35 -37.94
CA HIS A 259 16.68 -8.75 -37.32
C HIS A 259 16.58 -8.71 -35.79
N LEU A 260 15.92 -7.70 -35.22
CA LEU A 260 15.76 -7.60 -33.75
C LEU A 260 14.74 -8.65 -33.28
N LEU A 261 13.78 -9.01 -34.14
CA LEU A 261 12.79 -10.09 -33.91
C LEU A 261 13.54 -11.44 -33.72
N SER A 262 14.43 -11.78 -34.66
CA SER A 262 15.26 -13.01 -34.64
C SER A 262 16.07 -13.10 -33.36
N LYS A 263 16.71 -11.99 -32.96
CA LYS A 263 17.54 -11.85 -31.73
C LYS A 263 16.63 -11.76 -30.49
N GLY A 264 15.31 -11.75 -30.68
CA GLY A 264 14.31 -11.69 -29.62
C GLY A 264 14.42 -10.43 -28.78
N GLU A 265 14.93 -9.33 -29.35
CA GLU A 265 14.98 -8.02 -28.67
C GLU A 265 13.65 -7.29 -28.88
N ARG A 266 12.96 -7.61 -29.97
CA ARG A 266 11.53 -7.23 -30.23
C ARG A 266 10.69 -8.50 -30.30
N ARG A 267 9.38 -8.38 -30.08
CA ARG A 267 8.43 -9.52 -30.13
C ARG A 267 7.28 -9.23 -31.10
N LEU A 268 6.81 -7.98 -31.16
CA LEU A 268 5.62 -7.64 -31.97
C LEU A 268 6.02 -7.54 -33.44
N SER A 269 5.16 -7.99 -34.35
CA SER A 269 5.23 -7.74 -35.81
C SER A 269 5.44 -6.24 -36.07
N TYR A 270 6.15 -5.92 -37.15
CA TYR A 270 6.37 -4.52 -37.60
C TYR A 270 5.02 -3.78 -37.65
N ARG A 271 3.98 -4.44 -38.15
CA ARG A 271 2.67 -3.78 -38.36
C ARG A 271 1.94 -3.57 -37.02
N ALA A 272 2.02 -4.54 -36.09
CA ALA A 272 1.48 -4.39 -34.72
C ALA A 272 2.11 -3.14 -34.09
N LEU A 273 3.42 -2.96 -34.26
CA LEU A 273 4.19 -1.82 -33.69
C LEU A 273 3.64 -0.50 -34.22
N GLN A 274 3.25 -0.48 -35.49
CA GLN A 274 2.68 0.74 -36.12
C GLN A 274 1.31 1.02 -35.50
N GLY A 275 0.51 -0.03 -35.26
CA GLY A 275 -0.77 0.09 -34.53
C GLY A 275 -0.58 0.69 -33.13
N ALA A 276 0.36 0.15 -32.35
CA ALA A 276 0.64 0.62 -30.97
C ALA A 276 0.99 2.11 -31.00
N LEU A 277 1.86 2.52 -31.93
CA LEU A 277 2.36 3.91 -32.00
C LEU A 277 1.23 4.85 -32.46
N MET A 278 0.40 4.40 -33.39
CA MET A 278 -0.84 5.12 -33.80
C MET A 278 -1.69 5.41 -32.55
N ILE A 279 -1.97 4.37 -31.75
CA ILE A 279 -2.83 4.49 -30.53
C ILE A 279 -2.18 5.49 -29.56
N TYR A 280 -0.86 5.40 -29.35
CA TYR A 280 -0.06 6.30 -28.46
C TYR A 280 -0.22 7.77 -28.87
N PHE A 281 0.09 8.10 -30.13
CA PHE A 281 0.08 9.50 -30.63
C PHE A 281 -1.36 10.04 -30.67
N TYR A 282 -2.34 9.21 -31.01
CA TYR A 282 -3.74 9.66 -31.20
C TYR A 282 -4.66 9.18 -30.05
N ARG A 283 -4.09 8.87 -28.90
CA ARG A 283 -4.80 8.31 -27.69
C ARG A 283 -6.05 9.11 -27.34
N GLU A 284 -6.09 10.40 -27.62
CA GLU A 284 -7.23 11.24 -27.20
C GLU A 284 -8.41 11.11 -28.17
N GLU A 285 -8.21 10.61 -29.40
CA GLU A 285 -9.34 10.37 -30.34
C GLU A 285 -10.26 9.34 -29.67
N PRO A 286 -11.60 9.58 -29.61
CA PRO A 286 -12.48 8.74 -28.79
C PRO A 286 -12.31 7.23 -28.94
N ARG A 287 -12.12 6.73 -30.18
CA ARG A 287 -11.96 5.28 -30.45
C ARG A 287 -10.59 4.77 -29.99
N PHE A 288 -9.64 5.64 -29.64
CA PHE A 288 -8.30 5.19 -29.16
C PHE A 288 -8.14 5.36 -27.65
N GLN A 289 -9.14 5.91 -26.96
CA GLN A 289 -9.05 6.25 -25.52
C GLN A 289 -8.92 4.97 -24.70
N VAL A 290 -9.84 4.04 -24.87
CA VAL A 290 -9.80 2.76 -24.09
C VAL A 290 -8.69 1.86 -24.60
N PRO A 291 -8.49 1.67 -25.94
CA PRO A 291 -7.31 0.96 -26.43
C PRO A 291 -5.98 1.42 -25.80
N PHE A 292 -5.77 2.72 -25.61
CA PHE A 292 -4.54 3.27 -24.98
C PHE A 292 -4.46 2.80 -23.52
N GLN A 293 -5.60 2.77 -22.82
CA GLN A 293 -5.70 2.24 -21.45
C GLN A 293 -5.27 0.77 -21.48
N LEU A 294 -5.72 -0.01 -22.48
CA LEU A 294 -5.30 -1.43 -22.56
C LEU A 294 -3.77 -1.53 -22.68
N LEU A 295 -3.13 -0.73 -23.55
CA LEU A 295 -1.67 -0.82 -23.78
C LEU A 295 -0.94 -0.46 -22.48
N THR A 296 -1.43 0.56 -21.78
CA THR A 296 -0.91 0.95 -20.45
C THR A 296 -1.01 -0.26 -19.51
N SER A 297 -2.17 -0.94 -19.48
CA SER A 297 -2.42 -2.06 -18.54
C SER A 297 -1.48 -3.24 -18.85
N LEU A 298 -1.20 -3.51 -20.13
CA LEU A 298 -0.28 -4.60 -20.54
C LEU A 298 1.13 -4.29 -20.04
N MET A 299 1.56 -3.03 -20.10
CA MET A 299 2.88 -2.60 -19.54
C MET A 299 2.86 -2.78 -18.01
N ASP A 300 1.79 -2.34 -17.35
CA ASP A 300 1.64 -2.46 -15.88
C ASP A 300 1.79 -3.93 -15.49
N ILE A 301 1.16 -4.84 -16.24
CA ILE A 301 1.21 -6.28 -15.91
C ILE A 301 2.65 -6.78 -16.04
N ASP A 302 3.38 -6.41 -17.10
CA ASP A 302 4.83 -6.74 -17.26
C ASP A 302 5.62 -6.17 -16.07
N SER A 303 5.42 -4.90 -15.69
CA SER A 303 6.17 -4.25 -14.57
C SER A 303 5.88 -5.00 -13.27
N LEU A 304 4.62 -5.35 -13.02
CA LEU A 304 4.22 -5.98 -11.74
C LEU A 304 4.69 -7.43 -11.70
N MET A 305 4.71 -8.11 -12.84
CA MET A 305 5.27 -9.48 -12.93
C MET A 305 6.75 -9.40 -12.53
N THR A 306 7.51 -8.40 -13.00
CA THR A 306 8.97 -8.32 -12.74
C THR A 306 9.20 -7.86 -11.30
N LYS A 307 8.33 -7.00 -10.77
CA LYS A 307 8.37 -6.58 -9.34
C LYS A 307 8.07 -7.79 -8.45
N TRP A 308 7.16 -8.66 -8.84
CA TRP A 308 6.87 -9.94 -8.14
C TRP A 308 8.16 -10.76 -8.09
N ARG A 309 8.87 -10.85 -9.21
CA ARG A 309 10.09 -11.68 -9.34
C ARG A 309 11.18 -11.07 -8.44
N TYR A 310 11.29 -9.75 -8.44
CA TYR A 310 12.32 -9.03 -7.66
C TYR A 310 12.01 -9.07 -6.16
N ASN A 311 10.75 -8.95 -5.77
CA ASN A 311 10.36 -9.04 -4.34
C ASN A 311 10.63 -10.46 -3.85
N HIS A 312 10.38 -11.46 -4.69
CA HIS A 312 10.67 -12.90 -4.40
C HIS A 312 12.17 -13.05 -4.13
N VAL A 313 13.02 -12.48 -5.00
CA VAL A 313 14.51 -12.52 -4.93
C VAL A 313 14.98 -11.92 -3.60
N CYS A 314 14.57 -10.69 -3.27
CA CYS A 314 14.96 -9.98 -2.02
C CYS A 314 14.67 -10.88 -0.81
N MET A 315 13.50 -11.52 -0.78
CA MET A 315 13.12 -12.44 0.33
C MET A 315 14.01 -13.69 0.34
N VAL A 316 14.10 -14.41 -0.78
CA VAL A 316 14.93 -15.66 -0.91
C VAL A 316 16.38 -15.41 -0.48
N HIS A 317 16.91 -14.20 -0.66
CA HIS A 317 18.26 -13.80 -0.21
C HIS A 317 18.35 -13.83 1.32
N ARG A 318 17.38 -13.21 2.02
CA ARG A 318 17.36 -13.23 3.51
C ARG A 318 17.16 -14.66 4.01
N MET A 319 16.40 -15.49 3.28
CA MET A 319 15.99 -16.84 3.77
C MET A 319 17.12 -17.86 3.56
N LEU A 320 17.90 -17.74 2.49
CA LEU A 320 18.89 -18.77 2.07
C LEU A 320 20.31 -18.21 1.96
N GLY A 321 20.48 -16.90 1.79
CA GLY A 321 21.80 -16.32 1.47
C GLY A 321 22.27 -16.81 0.10
N SER A 322 23.49 -17.34 0.03
CA SER A 322 24.06 -17.92 -1.22
C SER A 322 23.68 -19.40 -1.39
N LYS A 323 23.03 -20.01 -0.38
CA LYS A 323 22.64 -21.45 -0.39
C LYS A 323 21.75 -21.77 -1.59
N ALA A 324 21.98 -22.93 -2.22
CA ALA A 324 21.21 -23.47 -3.36
C ALA A 324 19.80 -23.85 -2.88
N GLY A 325 18.83 -23.85 -3.77
CA GLY A 325 17.42 -24.14 -3.46
C GLY A 325 17.15 -25.63 -3.38
N THR A 326 16.05 -26.01 -2.72
CA THR A 326 15.52 -27.40 -2.62
C THR A 326 15.13 -27.90 -4.02
N GLY A 327 14.69 -27.01 -4.91
CA GLY A 327 14.25 -27.33 -6.29
C GLY A 327 15.38 -27.80 -7.17
N GLY A 328 16.62 -27.38 -6.89
CA GLY A 328 17.84 -27.82 -7.58
C GLY A 328 18.69 -26.67 -8.11
N SER A 329 18.13 -25.45 -8.18
CA SER A 329 18.79 -24.24 -8.75
C SER A 329 19.83 -23.69 -7.77
N SER A 330 20.67 -22.76 -8.24
CA SER A 330 21.65 -21.98 -7.43
C SER A 330 20.91 -21.13 -6.39
N GLY A 331 19.60 -20.97 -6.57
CA GLY A 331 18.73 -20.19 -5.67
C GLY A 331 18.79 -18.72 -6.05
N TYR A 332 19.31 -17.89 -5.14
CA TYR A 332 19.36 -16.40 -5.24
C TYR A 332 19.80 -15.97 -6.64
N HIS A 333 20.84 -16.59 -7.19
CA HIS A 333 21.49 -16.13 -8.45
C HIS A 333 20.61 -16.49 -9.66
N TYR A 334 19.99 -17.66 -9.68
CA TYR A 334 19.07 -18.06 -10.79
C TYR A 334 17.86 -17.12 -10.84
N LEU A 335 17.23 -16.91 -9.68
CA LEU A 335 16.01 -16.07 -9.55
C LEU A 335 16.34 -14.62 -9.95
N ARG A 336 17.47 -14.11 -9.48
CA ARG A 336 18.02 -12.77 -9.86
C ARG A 336 18.11 -12.65 -11.38
N SER A 337 18.40 -13.75 -12.10
CA SER A 337 18.59 -13.74 -13.57
C SER A 337 17.23 -13.66 -14.30
N THR A 338 16.12 -13.94 -13.61
CA THR A 338 14.74 -13.84 -14.19
C THR A 338 14.23 -12.40 -14.10
N VAL A 339 14.94 -11.53 -13.38
CA VAL A 339 14.58 -10.09 -13.25
C VAL A 339 15.26 -9.37 -14.40
N SER A 340 14.70 -9.54 -15.59
CA SER A 340 15.32 -9.16 -16.89
C SER A 340 14.22 -8.86 -17.90
N ASP A 341 14.48 -7.95 -18.84
CA ASP A 341 13.53 -7.57 -19.93
C ASP A 341 13.31 -8.77 -20.86
N ARG A 342 14.17 -9.79 -20.83
CA ARG A 342 13.97 -11.02 -21.63
C ARG A 342 12.65 -11.71 -21.20
N TYR A 343 12.16 -11.44 -19.98
CA TYR A 343 10.85 -11.93 -19.47
C TYR A 343 9.73 -10.90 -19.68
N LYS A 344 10.03 -9.66 -20.05
CA LYS A 344 8.98 -8.64 -20.34
C LYS A 344 8.36 -8.99 -21.70
N VAL A 345 7.13 -9.49 -21.71
CA VAL A 345 6.41 -9.94 -22.94
C VAL A 345 6.12 -8.73 -23.84
N PHE A 346 5.70 -7.61 -23.25
CA PHE A 346 5.27 -6.39 -23.98
C PHE A 346 6.39 -5.36 -23.96
N VAL A 347 7.64 -5.84 -23.95
CA VAL A 347 8.88 -5.02 -23.90
C VAL A 347 8.83 -3.94 -24.99
N ASP A 348 8.22 -4.23 -26.14
CA ASP A 348 8.11 -3.28 -27.29
C ASP A 348 7.27 -2.05 -26.90
N LEU A 349 6.23 -2.23 -26.09
CA LEU A 349 5.35 -1.11 -25.66
C LEU A 349 6.15 -0.13 -24.79
N PHE A 350 7.07 -0.63 -23.97
CA PHE A 350 8.01 0.25 -23.20
C PHE A 350 8.94 0.96 -24.19
N ASN A 351 9.51 0.21 -25.13
CA ASN A 351 10.66 0.69 -25.96
C ASN A 351 10.17 1.68 -27.01
N LEU A 352 8.85 1.78 -27.24
CA LEU A 352 8.26 2.82 -28.12
C LEU A 352 8.60 4.21 -27.59
N SER A 353 8.84 4.37 -26.28
CA SER A 353 9.24 5.66 -25.66
C SER A 353 10.55 6.19 -26.27
N THR A 354 11.43 5.30 -26.72
CA THR A 354 12.67 5.64 -27.49
C THR A 354 12.34 6.56 -28.67
N TYR A 355 11.16 6.41 -29.30
CA TYR A 355 10.79 6.99 -30.62
C TYR A 355 9.76 8.12 -30.49
N LEU A 356 9.57 8.67 -29.29
CA LEU A 356 8.70 9.86 -29.11
C LEU A 356 9.34 11.05 -29.81
N ILE A 357 8.50 11.91 -30.35
CA ILE A 357 8.92 13.09 -31.15
C ILE A 357 8.12 14.28 -30.65
N PRO A 358 8.57 15.52 -30.96
CA PRO A 358 7.79 16.71 -30.63
C PRO A 358 6.36 16.59 -31.17
N ARG A 359 5.39 17.06 -30.38
CA ARG A 359 3.95 17.05 -30.72
C ARG A 359 3.75 17.56 -32.15
N HIS A 360 4.48 18.60 -32.54
CA HIS A 360 4.23 19.34 -33.81
C HIS A 360 4.63 18.50 -35.02
N TRP A 361 5.43 17.43 -34.85
CA TRP A 361 5.83 16.49 -35.94
C TRP A 361 4.76 15.42 -36.15
N ILE A 362 3.78 15.26 -35.26
CA ILE A 362 2.81 14.14 -35.37
C ILE A 362 1.84 14.48 -36.50
N PRO A 363 1.68 13.60 -37.51
CA PRO A 363 0.77 13.85 -38.62
C PRO A 363 -0.61 14.33 -38.15
N LYS A 364 -1.03 15.48 -38.69
CA LYS A 364 -2.31 16.16 -38.38
C LYS A 364 -3.48 15.27 -38.80
N MET A 365 -4.54 15.28 -37.99
CA MET A 365 -5.80 14.53 -38.23
C MET A 365 -6.71 15.38 -39.11
N ASN A 366 -7.15 14.84 -40.25
CA ASN A 366 -8.07 15.49 -41.22
C ASN A 366 -9.48 15.40 -40.65
N PRO A 367 -10.40 16.35 -40.98
CA PRO A 367 -11.78 16.26 -40.49
C PRO A 367 -12.44 14.89 -40.73
N THR A 368 -12.12 14.24 -41.85
CA THR A 368 -12.74 12.95 -42.29
C THR A 368 -12.27 11.78 -41.40
N ILE A 369 -10.97 11.69 -41.08
CA ILE A 369 -10.42 10.57 -40.23
C ILE A 369 -10.72 10.84 -38.76
N HIS A 370 -10.80 12.12 -38.35
CA HIS A 370 -11.33 12.55 -37.02
C HIS A 370 -12.70 11.90 -36.78
N LYS A 371 -13.63 12.11 -37.72
CA LYS A 371 -15.02 11.56 -37.66
C LYS A 371 -14.97 10.02 -37.67
N PHE A 372 -13.98 9.43 -38.36
CA PHE A 372 -13.76 7.96 -38.40
C PHE A 372 -13.34 7.42 -37.02
N LEU A 373 -12.67 8.25 -36.20
CA LEU A 373 -12.14 7.88 -34.85
C LEU A 373 -13.03 8.45 -33.72
N GLU A 374 -14.17 9.03 -34.08
CA GLU A 374 -15.32 9.26 -33.16
C GLU A 374 -16.10 7.94 -33.04
N HIS A 375 -16.80 7.72 -31.94
CA HIS A 375 -17.73 6.57 -31.80
C HIS A 375 -18.91 6.77 -32.74
N GLY B 22 8.78 -41.61 -3.88
CA GLY B 22 9.37 -40.42 -4.53
C GLY B 22 9.16 -39.15 -3.71
N GLY B 23 9.74 -38.04 -4.16
CA GLY B 23 9.80 -36.77 -3.42
C GLY B 23 8.44 -36.14 -3.18
N LEU B 24 8.36 -35.30 -2.14
CA LEU B 24 7.23 -34.37 -1.91
C LEU B 24 7.14 -33.41 -3.11
N ILE B 25 5.95 -33.28 -3.72
CA ILE B 25 5.68 -32.32 -4.83
C ILE B 25 4.87 -31.12 -4.28
N TYR B 26 5.24 -29.91 -4.75
CA TYR B 26 4.67 -28.58 -4.39
C TYR B 26 3.15 -28.69 -4.24
N GLY B 27 2.46 -29.03 -5.33
CA GLY B 27 0.99 -29.15 -5.35
C GLY B 27 0.44 -30.08 -4.30
N ASN B 28 1.11 -31.22 -4.02
CA ASN B 28 0.65 -32.20 -2.99
C ASN B 28 0.91 -31.61 -1.60
N TYR B 29 2.08 -31.03 -1.38
CA TYR B 29 2.46 -30.38 -0.10
C TYR B 29 1.39 -29.37 0.30
N LEU B 30 0.92 -28.55 -0.66
CA LEU B 30 -0.05 -27.44 -0.42
C LEU B 30 -1.49 -27.93 -0.58
N HIS B 31 -1.68 -29.22 -0.85
CA HIS B 31 -3.02 -29.84 -1.06
C HIS B 31 -3.81 -28.98 -2.04
N LEU B 32 -3.17 -28.56 -3.12
CA LEU B 32 -3.82 -27.74 -4.18
C LEU B 32 -4.95 -28.53 -4.84
N GLU B 33 -4.97 -29.87 -4.70
CA GLU B 33 -6.10 -30.70 -5.20
C GLU B 33 -7.39 -30.29 -4.47
N LYS B 34 -7.27 -29.76 -3.25
CA LYS B 34 -8.43 -29.20 -2.51
C LYS B 34 -8.57 -27.71 -2.81
N VAL B 35 -7.49 -26.95 -2.61
CA VAL B 35 -7.51 -25.46 -2.66
C VAL B 35 -8.02 -25.00 -4.03
N LEU B 36 -7.53 -25.60 -5.13
CA LEU B 36 -7.87 -25.14 -6.50
C LEU B 36 -8.98 -25.98 -7.14
N ASN B 37 -9.71 -26.77 -6.33
CA ASN B 37 -10.95 -27.48 -6.76
C ASN B 37 -12.07 -27.12 -5.79
N ALA B 38 -12.13 -25.84 -5.40
CA ALA B 38 -13.05 -25.34 -4.35
C ALA B 38 -13.88 -24.18 -4.88
N GLN B 39 -13.91 -24.00 -6.21
CA GLN B 39 -14.52 -22.83 -6.85
C GLN B 39 -15.71 -23.27 -7.71
N GLU B 40 -16.90 -23.07 -7.18
CA GLU B 40 -18.18 -23.46 -7.81
C GLU B 40 -19.07 -22.22 -7.87
N LEU B 41 -19.28 -21.67 -9.07
CA LEU B 41 -20.12 -20.47 -9.28
C LEU B 41 -21.58 -20.93 -9.23
N GLN B 42 -22.37 -20.37 -8.30
CA GLN B 42 -23.81 -20.72 -8.14
C GLN B 42 -24.55 -20.26 -9.40
N SER B 43 -24.14 -19.12 -9.98
CA SER B 43 -24.64 -18.63 -11.28
C SER B 43 -24.51 -19.74 -12.34
N GLU B 44 -23.37 -20.43 -12.38
CA GLU B 44 -23.10 -21.51 -13.35
C GLU B 44 -23.94 -22.75 -12.99
N THR B 45 -23.95 -23.15 -11.72
CA THR B 45 -24.76 -24.29 -11.19
C THR B 45 -26.23 -24.14 -11.62
N LYS B 46 -26.76 -22.91 -11.67
CA LYS B 46 -28.17 -22.60 -12.06
C LYS B 46 -28.24 -22.14 -13.53
N GLY B 47 -27.28 -22.53 -14.37
CA GLY B 47 -27.30 -22.35 -15.83
C GLY B 47 -27.27 -20.90 -16.33
N ASN B 48 -26.61 -19.98 -15.62
CA ASN B 48 -26.41 -18.56 -16.04
C ASN B 48 -25.07 -18.04 -15.50
N LYS B 49 -23.96 -18.66 -15.91
CA LYS B 49 -22.59 -18.32 -15.46
C LYS B 49 -22.35 -16.81 -15.56
N ILE B 50 -21.96 -16.18 -14.44
CA ILE B 50 -21.58 -14.73 -14.40
C ILE B 50 -20.10 -14.64 -14.02
N HIS B 51 -19.30 -14.05 -14.89
CA HIS B 51 -17.81 -14.01 -14.82
C HIS B 51 -17.33 -13.55 -13.43
N ASP B 52 -17.84 -12.42 -12.92
CA ASP B 52 -17.28 -11.78 -11.70
C ASP B 52 -17.62 -12.60 -10.45
N GLU B 53 -18.53 -13.58 -10.51
CA GLU B 53 -18.77 -14.47 -9.34
C GLU B 53 -17.46 -15.15 -8.94
N HIS B 54 -16.61 -15.52 -9.90
CA HIS B 54 -15.34 -16.22 -9.60
C HIS B 54 -14.48 -15.36 -8.66
N LEU B 55 -14.38 -14.05 -8.95
CA LEU B 55 -13.62 -13.09 -8.11
C LEU B 55 -14.19 -13.06 -6.68
N PHE B 56 -15.51 -13.00 -6.56
CA PHE B 56 -16.23 -12.93 -5.26
C PHE B 56 -15.83 -14.12 -4.41
N ILE B 57 -15.85 -15.31 -5.00
CA ILE B 57 -15.47 -16.59 -4.32
C ILE B 57 -14.00 -16.53 -3.88
N ILE B 58 -13.09 -16.27 -4.81
CA ILE B 58 -11.62 -16.30 -4.54
C ILE B 58 -11.29 -15.29 -3.44
N THR B 59 -11.80 -14.07 -3.54
CA THR B 59 -11.55 -13.02 -2.52
C THR B 59 -11.93 -13.58 -1.13
N HIS B 60 -13.13 -14.13 -0.99
CA HIS B 60 -13.61 -14.70 0.32
C HIS B 60 -12.70 -15.84 0.79
N GLN B 61 -12.29 -16.74 -0.12
CA GLN B 61 -11.39 -17.88 0.22
C GLN B 61 -10.03 -17.35 0.69
N ALA B 62 -9.49 -16.32 0.03
CA ALA B 62 -8.21 -15.70 0.48
C ALA B 62 -8.38 -15.11 1.89
N TYR B 63 -9.43 -14.33 2.12
CA TYR B 63 -9.74 -13.79 3.48
C TYR B 63 -9.76 -14.95 4.49
N GLU B 64 -10.43 -16.07 4.20
CA GLU B 64 -10.58 -17.21 5.17
C GLU B 64 -9.24 -17.93 5.39
N LEU B 65 -8.37 -18.03 4.38
CA LEU B 65 -7.02 -18.62 4.61
C LEU B 65 -6.28 -17.75 5.64
N TRP B 66 -6.38 -16.43 5.51
CA TRP B 66 -5.64 -15.47 6.37
C TRP B 66 -6.27 -15.44 7.77
N PHE B 67 -7.58 -15.57 7.87
CA PHE B 67 -8.29 -15.71 9.18
C PHE B 67 -7.78 -16.94 9.91
N LYS B 68 -7.60 -18.05 9.17
CA LYS B 68 -7.04 -19.30 9.74
C LYS B 68 -5.62 -19.05 10.21
N GLN B 69 -4.79 -18.37 9.40
CA GLN B 69 -3.43 -17.98 9.85
C GLN B 69 -3.51 -17.12 11.11
N ILE B 70 -4.44 -16.14 11.17
CA ILE B 70 -4.47 -15.20 12.31
C ILE B 70 -4.81 -16.01 13.57
N LEU B 71 -5.78 -16.92 13.44
CA LEU B 71 -6.24 -17.81 14.55
C LEU B 71 -5.07 -18.68 15.02
N TRP B 72 -4.27 -19.16 14.08
CA TRP B 72 -3.06 -19.97 14.39
C TRP B 72 -2.08 -19.18 15.25
N GLU B 73 -1.78 -17.93 14.89
CA GLU B 73 -0.84 -17.07 15.65
C GLU B 73 -1.45 -16.74 17.02
N LEU B 74 -2.70 -16.30 17.03
CA LEU B 74 -3.45 -15.82 18.22
C LEU B 74 -3.57 -16.97 19.25
N ASP B 75 -4.03 -18.15 18.80
CA ASP B 75 -4.14 -19.36 19.67
C ASP B 75 -2.76 -19.65 20.28
N SER B 76 -1.68 -19.60 19.49
CA SER B 76 -0.31 -19.88 19.97
C SER B 76 0.09 -18.86 21.05
N VAL B 77 -0.31 -17.59 20.91
CA VAL B 77 0.09 -16.52 21.87
C VAL B 77 -0.76 -16.70 23.14
N ARG B 78 -2.05 -16.96 22.99
CA ARG B 78 -2.97 -17.26 24.13
C ARG B 78 -2.37 -18.37 24.99
N GLU B 79 -1.83 -19.43 24.37
CA GLU B 79 -1.27 -20.60 25.07
C GLU B 79 0.00 -20.21 25.84
N ILE B 80 0.83 -19.35 25.27
CA ILE B 80 2.10 -18.92 25.93
C ILE B 80 1.78 -18.13 27.21
N PHE B 81 0.63 -17.44 27.26
CA PHE B 81 0.13 -16.76 28.47
C PHE B 81 -0.50 -17.82 29.39
N GLN B 82 -1.39 -18.69 28.88
CA GLN B 82 -2.14 -19.70 29.69
C GLN B 82 -1.19 -20.61 30.48
N ASN B 83 -0.10 -21.09 29.88
CA ASN B 83 0.82 -22.10 30.47
C ASN B 83 1.97 -21.44 31.26
N GLY B 84 1.97 -20.11 31.37
CA GLY B 84 2.95 -19.38 32.19
C GLY B 84 4.32 -19.26 31.51
N HIS B 85 4.44 -19.74 30.27
CA HIS B 85 5.67 -19.52 29.45
C HIS B 85 5.96 -18.02 29.34
N VAL B 86 4.93 -17.17 29.28
CA VAL B 86 5.11 -15.69 29.19
C VAL B 86 5.92 -15.18 30.39
N ARG B 87 5.89 -15.88 31.54
CA ARG B 87 6.62 -15.45 32.77
C ARG B 87 8.12 -15.48 32.51
N ASP B 88 8.58 -16.38 31.64
CA ASP B 88 9.99 -16.41 31.18
C ASP B 88 10.12 -15.41 30.02
N GLU B 89 10.82 -14.32 30.28
CA GLU B 89 10.84 -13.11 29.42
C GLU B 89 11.65 -13.40 28.16
N ARG B 90 12.28 -14.58 28.08
CA ARG B 90 12.91 -15.11 26.83
C ARG B 90 11.83 -15.24 25.75
N ASN B 91 10.59 -15.51 26.14
CA ASN B 91 9.47 -15.78 25.20
C ASN B 91 8.84 -14.49 24.68
N MET B 92 9.31 -13.31 25.09
CA MET B 92 8.63 -12.03 24.74
C MET B 92 8.88 -11.69 23.25
N LEU B 93 10.05 -11.97 22.69
CA LEU B 93 10.35 -11.71 21.26
C LEU B 93 9.38 -12.52 20.39
N LYS B 94 9.18 -13.80 20.72
CA LYS B 94 8.21 -14.69 20.04
C LYS B 94 6.80 -14.09 20.14
N VAL B 95 6.41 -13.65 21.33
CA VAL B 95 5.03 -13.11 21.56
C VAL B 95 4.84 -11.89 20.66
N VAL B 96 5.77 -10.94 20.70
CA VAL B 96 5.64 -9.64 19.97
C VAL B 96 5.73 -9.91 18.46
N SER B 97 6.64 -10.80 18.01
CA SER B 97 6.81 -11.13 16.56
C SER B 97 5.50 -11.67 16.00
N ARG B 98 4.82 -12.53 16.75
CA ARG B 98 3.58 -13.18 16.26
C ARG B 98 2.42 -12.17 16.26
N MET B 99 2.30 -11.37 17.30
CA MET B 99 1.24 -10.32 17.40
C MET B 99 1.49 -9.28 16.28
N HIS B 100 2.74 -8.90 16.10
CA HIS B 100 3.13 -7.99 14.97
C HIS B 100 2.72 -8.65 13.65
N ARG B 101 2.96 -9.96 13.51
CA ARG B 101 2.65 -10.70 12.27
C ARG B 101 1.15 -10.61 12.02
N VAL B 102 0.33 -10.64 13.07
CA VAL B 102 -1.14 -10.60 12.93
C VAL B 102 -1.52 -9.24 12.33
N SER B 103 -0.86 -8.18 12.76
CA SER B 103 -1.17 -6.81 12.27
C SER B 103 -0.68 -6.66 10.82
N VAL B 104 0.45 -7.28 10.47
CA VAL B 104 0.92 -7.26 9.05
C VAL B 104 -0.11 -7.97 8.15
N ILE B 105 -0.70 -9.07 8.61
CA ILE B 105 -1.72 -9.85 7.85
C ILE B 105 -2.97 -8.97 7.73
N LEU B 106 -3.41 -8.35 8.84
CA LEU B 106 -4.64 -7.52 8.85
C LEU B 106 -4.45 -6.34 7.89
N LYS B 107 -3.25 -5.76 7.85
CA LYS B 107 -2.88 -4.69 6.87
C LYS B 107 -3.17 -5.20 5.45
N LEU B 108 -2.67 -6.38 5.10
CA LEU B 108 -2.94 -6.95 3.75
C LEU B 108 -4.45 -7.10 3.55
N LEU B 109 -5.20 -7.56 4.55
CA LEU B 109 -6.66 -7.84 4.39
C LEU B 109 -7.44 -6.52 4.21
N VAL B 110 -7.01 -5.46 4.87
CA VAL B 110 -7.59 -4.11 4.62
C VAL B 110 -7.31 -3.71 3.16
N GLN B 111 -6.07 -3.84 2.70
CA GLN B 111 -5.67 -3.50 1.29
C GLN B 111 -6.42 -4.37 0.28
N GLN B 112 -6.76 -5.61 0.65
CA GLN B 112 -7.29 -6.66 -0.26
C GLN B 112 -8.70 -6.31 -0.77
N PHE B 113 -9.42 -5.42 -0.08
CA PHE B 113 -10.72 -4.89 -0.55
C PHE B 113 -10.53 -4.19 -1.90
N SER B 114 -9.35 -3.63 -2.14
CA SER B 114 -9.03 -2.96 -3.42
C SER B 114 -9.31 -3.90 -4.61
N ILE B 115 -9.05 -5.21 -4.45
CA ILE B 115 -9.32 -6.21 -5.54
C ILE B 115 -10.82 -6.29 -5.81
N LEU B 116 -11.65 -6.42 -4.78
CA LEU B 116 -13.09 -6.71 -4.98
C LEU B 116 -13.80 -5.44 -5.48
N GLU B 117 -13.24 -4.27 -5.22
CA GLU B 117 -13.76 -2.98 -5.74
C GLU B 117 -13.49 -2.80 -7.25
N THR B 118 -12.75 -3.70 -7.89
CA THR B 118 -12.65 -3.72 -9.38
C THR B 118 -13.92 -4.38 -9.94
N MET B 119 -14.82 -4.87 -9.08
CA MET B 119 -16.15 -5.41 -9.47
C MET B 119 -17.19 -4.29 -9.35
N THR B 120 -17.89 -3.98 -10.44
CA THR B 120 -18.95 -2.94 -10.43
C THR B 120 -20.19 -3.51 -9.71
N ALA B 121 -20.96 -2.62 -9.10
CA ALA B 121 -22.25 -2.95 -8.42
C ALA B 121 -23.17 -3.62 -9.44
N LEU B 122 -23.12 -3.18 -10.71
CA LEU B 122 -23.98 -3.67 -11.81
C LEU B 122 -23.65 -5.14 -12.10
N ASP B 123 -22.38 -5.50 -12.14
CA ASP B 123 -21.96 -6.91 -12.40
C ASP B 123 -22.27 -7.77 -11.17
N PHE B 124 -22.09 -7.22 -9.98
CA PHE B 124 -22.41 -7.92 -8.70
C PHE B 124 -23.91 -8.24 -8.70
N ASN B 125 -24.72 -7.27 -9.16
CA ASN B 125 -26.19 -7.40 -9.29
C ASN B 125 -26.57 -8.58 -10.21
N ASP B 126 -25.70 -9.02 -11.12
CA ASP B 126 -26.05 -10.13 -12.05
C ASP B 126 -25.96 -11.51 -11.37
N PHE B 127 -25.25 -11.67 -10.24
CA PHE B 127 -25.17 -13.00 -9.56
C PHE B 127 -25.60 -12.92 -8.10
N ARG B 128 -25.89 -11.73 -7.59
CA ARG B 128 -26.24 -11.51 -6.17
C ARG B 128 -27.37 -12.48 -5.75
N GLU B 129 -28.41 -12.63 -6.59
CA GLU B 129 -29.64 -13.41 -6.29
C GLU B 129 -29.27 -14.86 -5.91
N TYR B 130 -28.23 -15.42 -6.53
CA TYR B 130 -27.79 -16.83 -6.37
C TYR B 130 -27.10 -17.05 -5.02
N LEU B 131 -26.87 -15.98 -4.25
CA LEU B 131 -26.12 -16.06 -2.96
C LEU B 131 -27.07 -16.28 -1.79
N SER B 132 -28.24 -15.64 -1.80
CA SER B 132 -29.08 -15.54 -0.58
C SER B 132 -29.56 -16.94 -0.21
N PRO B 133 -29.76 -17.27 1.09
CA PRO B 133 -29.63 -16.29 2.18
C PRO B 133 -28.26 -16.33 2.88
N ALA B 134 -27.22 -16.76 2.15
CA ALA B 134 -25.82 -16.82 2.65
C ALA B 134 -25.30 -15.41 2.92
N SER B 135 -24.42 -15.26 3.90
CA SER B 135 -23.80 -13.96 4.27
C SER B 135 -22.56 -14.15 5.13
N GLY B 136 -21.78 -13.07 5.26
CA GLY B 136 -20.57 -13.02 6.10
C GLY B 136 -20.87 -13.28 7.57
N PHE B 137 -22.10 -13.04 8.05
CA PHE B 137 -22.53 -13.40 9.42
C PHE B 137 -22.22 -14.88 9.67
N GLN B 138 -22.14 -15.66 8.59
CA GLN B 138 -21.94 -17.11 8.69
C GLN B 138 -20.45 -17.44 8.66
N SER B 139 -19.55 -16.44 8.64
CA SER B 139 -18.09 -16.69 8.75
C SER B 139 -17.78 -17.12 10.19
N LEU B 140 -17.57 -18.42 10.38
CA LEU B 140 -17.20 -18.99 11.70
C LEU B 140 -15.90 -18.34 12.16
N GLN B 141 -14.90 -18.31 11.27
CA GLN B 141 -13.54 -17.86 11.63
C GLN B 141 -13.57 -16.39 12.07
N PHE B 142 -14.38 -15.55 11.44
CA PHE B 142 -14.43 -14.12 11.83
C PHE B 142 -14.94 -14.04 13.27
N ARG B 143 -15.98 -14.81 13.62
CA ARG B 143 -16.56 -14.83 14.99
C ARG B 143 -15.53 -15.39 15.97
N LEU B 144 -14.86 -16.49 15.60
CA LEU B 144 -13.79 -17.09 16.45
C LEU B 144 -12.71 -16.04 16.74
N LEU B 145 -12.36 -15.23 15.72
CA LEU B 145 -11.30 -14.20 15.84
C LEU B 145 -11.78 -13.08 16.78
N GLU B 146 -12.97 -12.54 16.56
CA GLU B 146 -13.56 -11.49 17.43
C GLU B 146 -13.56 -11.97 18.88
N ASN B 147 -14.04 -13.20 19.12
CA ASN B 147 -14.20 -13.77 20.49
C ASN B 147 -12.83 -14.01 21.13
N LYS B 148 -11.88 -14.57 20.39
CA LYS B 148 -10.57 -14.97 20.95
C LYS B 148 -9.75 -13.74 21.35
N ILE B 149 -9.91 -12.62 20.64
CA ILE B 149 -9.25 -11.32 20.95
C ILE B 149 -9.90 -10.78 22.25
N GLY B 150 -11.23 -10.74 22.28
CA GLY B 150 -12.01 -10.47 23.51
C GLY B 150 -13.21 -9.57 23.27
N VAL B 151 -13.87 -9.66 22.11
CA VAL B 151 -15.16 -8.95 21.85
C VAL B 151 -16.21 -9.58 22.76
N LEU B 152 -16.82 -8.79 23.65
CA LEU B 152 -17.80 -9.30 24.66
C LEU B 152 -19.19 -9.39 24.03
N GLN B 153 -19.95 -10.42 24.42
CA GLN B 153 -21.34 -10.75 23.95
C GLN B 153 -22.28 -9.56 24.16
N ASN B 154 -22.27 -8.96 25.35
CA ASN B 154 -23.19 -7.88 25.78
C ASN B 154 -22.92 -6.61 24.94
N MET B 155 -21.66 -6.33 24.63
CA MET B 155 -21.20 -5.12 23.89
C MET B 155 -21.16 -5.40 22.37
N ARG B 156 -21.95 -6.36 21.88
CA ARG B 156 -22.23 -6.53 20.42
C ARG B 156 -23.51 -5.73 20.11
N VAL B 157 -23.57 -5.15 18.90
CA VAL B 157 -24.70 -4.30 18.42
C VAL B 157 -25.98 -5.16 18.35
N PRO B 158 -27.14 -4.66 18.85
CA PRO B 158 -28.34 -5.47 18.99
C PRO B 158 -28.51 -6.50 17.86
N TYR B 159 -28.59 -6.04 16.62
CA TYR B 159 -28.72 -6.92 15.42
C TYR B 159 -27.37 -7.59 15.16
N TYR B 164 -25.95 -13.52 17.25
CA TYR B 164 -24.97 -13.81 16.16
C TYR B 164 -24.80 -15.32 15.98
N ARG B 165 -24.84 -16.09 17.08
CA ARG B 165 -24.40 -17.51 17.15
C ARG B 165 -25.50 -18.46 16.64
N ASP B 166 -26.72 -17.98 16.37
CA ASP B 166 -27.84 -18.84 15.89
C ASP B 166 -27.73 -19.02 14.36
N ASN B 167 -26.86 -18.24 13.70
CA ASN B 167 -26.42 -18.48 12.30
C ASN B 167 -25.63 -19.80 12.21
N PHE B 168 -25.35 -20.44 13.36
CA PHE B 168 -24.48 -21.64 13.48
C PHE B 168 -25.20 -22.76 14.23
N LYS B 169 -24.63 -23.97 14.17
CA LYS B 169 -25.19 -25.24 14.68
C LYS B 169 -24.15 -26.35 14.52
N GLY B 170 -24.23 -27.42 15.32
CA GLY B 170 -23.33 -28.58 15.22
C GLY B 170 -22.01 -28.30 15.94
N GLU B 171 -20.90 -28.89 15.46
CA GLU B 171 -19.54 -28.58 15.98
C GLU B 171 -19.30 -27.07 15.90
N GLU B 172 -19.66 -26.43 14.77
CA GLU B 172 -19.47 -24.97 14.57
C GLU B 172 -19.98 -24.21 15.79
N ASN B 173 -21.24 -24.46 16.18
CA ASN B 173 -21.87 -23.80 17.36
C ASN B 173 -21.09 -24.19 18.61
N GLU B 174 -20.56 -25.42 18.65
CA GLU B 174 -19.70 -25.92 19.76
C GLU B 174 -18.43 -25.08 19.84
N LEU B 175 -17.70 -24.96 18.72
CA LEU B 175 -16.39 -24.26 18.64
C LEU B 175 -16.56 -22.82 19.10
N LEU B 176 -17.68 -22.19 18.75
CA LEU B 176 -17.98 -20.77 19.11
C LEU B 176 -18.12 -20.63 20.62
N LEU B 177 -18.80 -21.58 21.28
CA LEU B 177 -19.03 -21.54 22.75
C LEU B 177 -17.68 -21.66 23.46
N LYS B 178 -16.86 -22.64 23.08
CA LYS B 178 -15.46 -22.78 23.59
C LYS B 178 -14.75 -21.42 23.46
N SER B 179 -14.92 -20.72 22.33
CA SER B 179 -14.23 -19.44 22.02
C SER B 179 -14.81 -18.32 22.90
N GLU B 180 -16.05 -18.46 23.37
CA GLU B 180 -16.71 -17.48 24.27
C GLU B 180 -16.31 -17.70 25.74
N GLN B 181 -15.93 -18.92 26.14
CA GLN B 181 -15.66 -19.32 27.55
C GLN B 181 -14.16 -19.45 27.84
N GLU B 182 -13.37 -19.93 26.88
CA GLU B 182 -11.90 -20.04 27.04
C GLU B 182 -11.34 -18.65 27.31
N LYS B 183 -10.19 -18.54 27.96
CA LYS B 183 -9.54 -17.23 28.30
C LYS B 183 -9.22 -16.49 26.99
N THR B 184 -9.71 -15.27 26.86
CA THR B 184 -9.45 -14.37 25.72
C THR B 184 -8.05 -13.77 25.85
N LEU B 185 -7.53 -13.22 24.75
CA LEU B 185 -6.26 -12.47 24.75
C LEU B 185 -6.38 -11.32 25.76
N LEU B 186 -7.51 -10.63 25.80
CA LEU B 186 -7.76 -9.53 26.77
C LEU B 186 -7.58 -10.03 28.21
N GLU B 187 -8.24 -11.13 28.57
CA GLU B 187 -8.15 -11.70 29.94
C GLU B 187 -6.70 -12.10 30.22
N LEU B 188 -6.01 -12.69 29.24
CA LEU B 188 -4.64 -13.21 29.47
C LEU B 188 -3.68 -12.03 29.61
N VAL B 189 -3.83 -11.01 28.77
CA VAL B 189 -3.00 -9.78 28.89
C VAL B 189 -3.33 -9.10 30.23
N GLU B 190 -4.61 -9.03 30.61
CA GLU B 190 -5.02 -8.42 31.91
C GLU B 190 -4.25 -9.09 33.07
N ALA B 191 -4.26 -10.41 33.16
CA ALA B 191 -3.61 -11.18 34.25
C ALA B 191 -2.13 -10.82 34.26
N TRP B 192 -1.50 -10.81 33.09
CA TRP B 192 -0.06 -10.49 32.92
C TRP B 192 0.20 -9.03 33.34
N LEU B 193 -0.67 -8.09 33.00
CA LEU B 193 -0.49 -6.66 33.37
C LEU B 193 -0.54 -6.50 34.90
N GLU B 194 -1.40 -7.27 35.56
CA GLU B 194 -1.55 -7.26 37.05
C GLU B 194 -0.25 -7.69 37.73
N ARG B 195 0.61 -8.47 37.07
CA ARG B 195 1.91 -8.89 37.68
C ARG B 195 3.05 -7.96 37.28
N THR B 196 2.76 -6.84 36.62
CA THR B 196 3.83 -5.92 36.15
C THR B 196 4.69 -5.53 37.35
N PRO B 197 6.03 -5.68 37.28
CA PRO B 197 6.89 -5.23 38.36
C PRO B 197 6.85 -3.71 38.58
N GLY B 198 6.78 -3.30 39.84
CA GLY B 198 6.82 -1.89 40.27
C GLY B 198 5.54 -1.45 40.94
N LEU B 199 4.46 -2.21 40.79
CA LEU B 199 3.14 -1.87 41.39
C LEU B 199 3.09 -2.16 42.90
N GLU B 200 4.08 -2.87 43.45
CA GLU B 200 4.03 -3.44 44.84
C GLU B 200 4.06 -2.29 45.84
N PRO B 201 3.00 -2.09 46.64
CA PRO B 201 2.99 -0.99 47.61
C PRO B 201 4.22 -0.90 48.54
N HIS B 202 4.83 -2.03 48.89
CA HIS B 202 6.06 -2.11 49.74
C HIS B 202 7.32 -2.18 48.86
N GLY B 203 7.16 -2.26 47.54
CA GLY B 203 8.24 -2.14 46.55
C GLY B 203 8.34 -0.72 46.02
N PHE B 204 8.39 -0.54 44.71
CA PHE B 204 8.53 0.78 44.04
C PHE B 204 7.29 1.63 44.32
N ASN B 205 6.13 1.01 44.55
CA ASN B 205 4.86 1.71 44.93
C ASN B 205 4.51 2.75 43.85
N PHE B 206 4.50 2.34 42.58
CA PHE B 206 4.26 3.22 41.42
C PHE B 206 3.01 4.08 41.67
N TRP B 207 1.88 3.46 42.07
CA TRP B 207 0.55 4.13 42.12
C TRP B 207 0.48 5.18 43.23
N GLY B 208 0.94 4.83 44.44
CA GLY B 208 1.16 5.77 45.55
C GLY B 208 1.98 6.98 45.12
N LYS B 209 3.15 6.77 44.51
CA LYS B 209 4.07 7.86 44.13
C LYS B 209 3.46 8.70 43.00
N LEU B 210 2.74 8.05 42.07
CA LEU B 210 2.11 8.74 40.92
C LEU B 210 1.04 9.70 41.47
N GLU B 211 0.16 9.20 42.36
CA GLU B 211 -0.89 10.04 42.97
C GLU B 211 -0.26 11.24 43.68
N LYS B 212 0.81 10.99 44.45
CA LYS B 212 1.53 12.03 45.24
C LYS B 212 2.08 13.10 44.31
N ASN B 213 2.79 12.71 43.24
CA ASN B 213 3.47 13.60 42.28
C ASN B 213 2.44 14.43 41.50
N ILE B 214 1.34 13.81 41.10
CA ILE B 214 0.28 14.51 40.32
C ILE B 214 -0.39 15.55 41.22
N THR B 215 -0.78 15.16 42.44
CA THR B 215 -1.36 16.07 43.47
C THR B 215 -0.41 17.26 43.65
N ARG B 216 0.87 17.01 43.91
CA ARG B 216 1.90 18.08 44.15
C ARG B 216 2.03 18.95 42.89
N GLY B 217 2.29 18.33 41.74
CA GLY B 217 2.42 19.01 40.43
C GLY B 217 1.25 19.96 40.15
N LEU B 218 0.02 19.52 40.44
CA LEU B 218 -1.21 20.33 40.24
C LEU B 218 -1.23 21.50 41.23
N GLU B 219 -1.05 21.22 42.52
CA GLU B 219 -0.98 22.23 43.63
C GLU B 219 -0.02 23.37 43.23
N GLU B 220 1.14 23.02 42.68
CA GLU B 220 2.17 23.98 42.22
C GLU B 220 1.69 24.71 40.96
N GLU B 221 1.07 24.00 40.02
CA GLU B 221 0.59 24.61 38.76
C GLU B 221 -0.45 25.68 39.13
N PHE B 222 -1.25 25.45 40.18
CA PHE B 222 -2.33 26.37 40.60
C PHE B 222 -1.74 27.62 41.27
N ILE B 223 -0.72 27.45 42.11
CA ILE B 223 0.04 28.57 42.75
C ILE B 223 0.61 29.47 41.65
N ARG B 224 1.15 28.85 40.61
CA ARG B 224 1.69 29.53 39.39
C ARG B 224 0.59 30.38 38.73
N ILE B 225 -0.66 29.89 38.74
CA ILE B 225 -1.81 30.52 38.04
C ILE B 225 -2.39 31.63 38.92
N GLN B 226 -2.60 31.34 40.21
CA GLN B 226 -3.14 32.29 41.23
C GLN B 226 -2.20 33.50 41.35
N ALA B 227 -0.89 33.27 41.25
CA ALA B 227 0.16 34.30 41.42
C ALA B 227 0.04 35.36 40.32
N LYS B 228 -0.44 35.01 39.14
CA LYS B 228 -0.61 35.96 38.00
C LYS B 228 -1.55 37.09 38.41
N GLU B 229 -1.37 38.26 37.79
CA GLU B 229 -2.34 39.39 37.86
C GLU B 229 -3.56 39.02 37.01
N GLU B 230 -4.76 39.43 37.46
CA GLU B 230 -6.06 39.11 36.81
C GLU B 230 -5.96 39.49 35.32
N SER B 231 -6.29 38.56 34.44
CA SER B 231 -6.15 38.72 32.97
C SER B 231 -7.08 37.77 32.23
N GLU B 232 -7.16 37.90 30.91
CA GLU B 232 -7.97 37.05 30.02
C GLU B 232 -7.38 35.63 30.01
N GLU B 233 -6.06 35.54 29.85
CA GLU B 233 -5.34 34.24 29.71
C GLU B 233 -5.18 33.59 31.08
N LYS B 234 -5.34 34.36 32.17
CA LYS B 234 -5.35 33.81 33.57
C LYS B 234 -6.62 32.97 33.78
N GLU B 235 -7.76 33.44 33.29
CA GLU B 235 -9.06 32.78 33.51
C GLU B 235 -9.16 31.54 32.65
N GLU B 236 -8.61 31.60 31.43
CA GLU B 236 -8.55 30.46 30.49
C GLU B 236 -7.68 29.38 31.13
N GLN B 237 -6.59 29.78 31.78
CA GLN B 237 -5.64 28.87 32.47
C GLN B 237 -6.31 28.25 33.70
N VAL B 238 -7.15 28.99 34.42
CA VAL B 238 -7.93 28.45 35.57
C VAL B 238 -8.87 27.38 35.01
N ALA B 239 -9.58 27.71 33.94
CA ALA B 239 -10.60 26.83 33.34
C ALA B 239 -9.90 25.55 32.87
N GLU B 240 -8.73 25.72 32.26
CA GLU B 240 -7.93 24.60 31.68
C GLU B 240 -7.35 23.76 32.83
N PHE B 241 -6.86 24.42 33.90
CA PHE B 241 -6.31 23.75 35.08
C PHE B 241 -7.37 22.85 35.72
N GLN B 242 -8.61 23.36 35.87
CA GLN B 242 -9.69 22.63 36.59
C GLN B 242 -10.07 21.38 35.78
N LYS B 243 -10.05 21.46 34.45
CA LYS B 243 -10.34 20.30 33.57
C LYS B 243 -9.21 19.26 33.71
N GLN B 244 -7.95 19.69 33.60
CA GLN B 244 -6.74 18.82 33.72
C GLN B 244 -6.83 18.09 35.08
N LYS B 245 -7.01 18.85 36.15
CA LYS B 245 -7.07 18.33 37.55
C LYS B 245 -8.12 17.23 37.68
N GLU B 246 -9.31 17.49 37.16
CA GLU B 246 -10.45 16.54 37.24
C GLU B 246 -10.10 15.24 36.51
N VAL B 247 -9.56 15.34 35.29
CA VAL B 247 -9.21 14.15 34.47
C VAL B 247 -8.14 13.35 35.23
N LEU B 248 -7.04 13.98 35.64
CA LEU B 248 -5.86 13.29 36.21
C LEU B 248 -6.21 12.64 37.54
N LEU B 249 -6.96 13.31 38.40
CA LEU B 249 -7.27 12.76 39.74
C LEU B 249 -8.30 11.64 39.62
N SER B 250 -9.16 11.65 38.60
CA SER B 250 -10.21 10.62 38.37
C SER B 250 -9.55 9.26 38.09
N LEU B 251 -8.27 9.26 37.69
CA LEU B 251 -7.47 8.03 37.46
C LEU B 251 -7.39 7.25 38.78
N PHE B 252 -7.38 7.95 39.92
CA PHE B 252 -7.15 7.36 41.26
C PHE B 252 -8.48 7.00 41.94
N ASP B 253 -9.60 7.08 41.20
CA ASP B 253 -10.94 6.76 41.72
C ASP B 253 -11.32 5.35 41.25
N GLU B 254 -11.06 4.34 42.08
CA GLU B 254 -11.26 2.89 41.75
C GLU B 254 -12.75 2.59 41.62
N LYS B 255 -13.60 3.17 42.46
CA LYS B 255 -15.07 2.96 42.38
C LYS B 255 -15.58 3.40 41.01
N ARG B 256 -15.10 4.55 40.52
CA ARG B 256 -15.44 5.06 39.16
C ARG B 256 -15.06 3.98 38.13
N HIS B 257 -13.84 3.46 38.21
CA HIS B 257 -13.34 2.43 37.26
C HIS B 257 -14.27 1.20 37.30
N GLU B 258 -14.65 0.72 38.49
CA GLU B 258 -15.52 -0.47 38.66
C GLU B 258 -16.90 -0.19 38.05
N HIS B 259 -17.44 1.01 38.30
CA HIS B 259 -18.72 1.47 37.71
C HIS B 259 -18.59 1.42 36.18
N LEU B 260 -17.53 1.98 35.63
CA LEU B 260 -17.33 2.00 34.16
C LEU B 260 -17.06 0.58 33.64
N LEU B 261 -16.38 -0.30 34.39
CA LEU B 261 -16.25 -1.72 33.96
C LEU B 261 -17.65 -2.29 33.68
N SER B 262 -18.56 -2.15 34.67
CA SER B 262 -19.90 -2.80 34.66
C SER B 262 -20.78 -2.25 33.52
N LYS B 263 -20.49 -1.04 33.02
CA LYS B 263 -21.21 -0.42 31.89
C LYS B 263 -20.52 -0.76 30.55
N GLY B 264 -19.49 -1.60 30.59
CA GLY B 264 -18.70 -2.00 29.40
C GLY B 264 -17.91 -0.84 28.80
N GLU B 265 -17.73 0.27 29.52
CA GLU B 265 -17.01 1.46 29.00
C GLU B 265 -15.50 1.26 29.17
N ARG B 266 -15.10 0.41 30.12
CA ARG B 266 -13.69 -0.02 30.30
C ARG B 266 -13.70 -1.55 30.33
N ARG B 267 -12.55 -2.18 30.14
CA ARG B 267 -12.44 -3.66 29.97
C ARG B 267 -11.41 -4.24 30.93
N LEU B 268 -10.31 -3.54 31.17
CA LEU B 268 -9.20 -4.00 32.04
C LEU B 268 -9.48 -3.69 33.51
N SER B 269 -9.14 -4.64 34.38
CA SER B 269 -9.11 -4.46 35.85
C SER B 269 -8.32 -3.19 36.17
N TYR B 270 -8.59 -2.60 37.33
CA TYR B 270 -7.92 -1.38 37.82
C TYR B 270 -6.42 -1.65 37.89
N ARG B 271 -6.02 -2.79 38.46
CA ARG B 271 -4.58 -3.12 38.64
C ARG B 271 -3.89 -3.31 37.27
N ALA B 272 -4.55 -3.89 36.28
CA ALA B 272 -3.99 -4.11 34.92
C ALA B 272 -3.75 -2.76 34.24
N LEU B 273 -4.65 -1.81 34.45
CA LEU B 273 -4.53 -0.40 34.00
C LEU B 273 -3.25 0.21 34.57
N GLN B 274 -2.97 -0.06 35.85
CA GLN B 274 -1.76 0.47 36.53
C GLN B 274 -0.49 -0.13 35.91
N GLY B 275 -0.49 -1.45 35.67
CA GLY B 275 0.60 -2.15 34.98
C GLY B 275 0.86 -1.58 33.59
N ALA B 276 -0.19 -1.36 32.79
CA ALA B 276 -0.09 -0.77 31.44
C ALA B 276 0.56 0.61 31.52
N LEU B 277 0.12 1.45 32.47
CA LEU B 277 0.65 2.83 32.60
C LEU B 277 2.12 2.77 33.05
N MET B 278 2.47 1.79 33.89
CA MET B 278 3.88 1.56 34.32
C MET B 278 4.73 1.27 33.08
N ILE B 279 4.28 0.36 32.22
CA ILE B 279 5.02 -0.02 30.98
C ILE B 279 5.13 1.23 30.08
N TYR B 280 4.05 2.02 29.95
CA TYR B 280 4.06 3.27 29.14
C TYR B 280 5.16 4.19 29.65
N PHE B 281 5.11 4.56 30.94
CA PHE B 281 6.00 5.58 31.52
C PHE B 281 7.44 5.10 31.49
N TYR B 282 7.70 3.80 31.72
CA TYR B 282 9.06 3.26 31.94
C TYR B 282 9.47 2.33 30.78
N ARG B 283 8.88 2.56 29.61
CA ARG B 283 9.04 1.73 28.38
C ARG B 283 10.51 1.59 27.97
N GLU B 284 11.36 2.57 28.27
CA GLU B 284 12.79 2.52 27.86
C GLU B 284 13.59 1.59 28.78
N GLU B 285 13.07 1.27 29.97
CA GLU B 285 13.73 0.30 30.91
C GLU B 285 13.76 -1.05 30.20
N PRO B 286 14.95 -1.70 30.10
CA PRO B 286 15.10 -2.89 29.27
C PRO B 286 13.98 -3.94 29.43
N ARG B 287 13.53 -4.21 30.66
CA ARG B 287 12.49 -5.24 30.92
C ARG B 287 11.14 -4.78 30.36
N PHE B 288 10.96 -3.48 30.10
CA PHE B 288 9.68 -2.91 29.62
C PHE B 288 9.68 -2.65 28.10
N GLN B 289 10.82 -2.74 27.42
CA GLN B 289 10.94 -2.37 25.99
C GLN B 289 10.01 -3.21 25.13
N VAL B 290 10.10 -4.54 25.22
CA VAL B 290 9.29 -5.46 24.38
C VAL B 290 7.86 -5.49 24.90
N PRO B 291 7.59 -5.47 26.23
CA PRO B 291 6.21 -5.26 26.69
C PRO B 291 5.56 -4.00 26.07
N PHE B 292 6.25 -2.87 26.03
CA PHE B 292 5.70 -1.66 25.37
C PHE B 292 5.37 -1.96 23.89
N GLN B 293 6.27 -2.64 23.15
CA GLN B 293 6.02 -3.07 21.74
C GLN B 293 4.76 -3.92 21.69
N LEU B 294 4.53 -4.76 22.71
CA LEU B 294 3.34 -5.64 22.72
C LEU B 294 2.07 -4.80 22.87
N LEU B 295 2.06 -3.87 23.81
CA LEU B 295 0.88 -3.01 24.05
C LEU B 295 0.61 -2.22 22.75
N THR B 296 1.66 -1.76 22.07
CA THR B 296 1.54 -1.00 20.80
C THR B 296 0.87 -1.91 19.77
N SER B 297 1.33 -3.16 19.69
CA SER B 297 0.78 -4.19 18.77
C SER B 297 -0.71 -4.44 19.01
N LEU B 298 -1.13 -4.54 20.28
CA LEU B 298 -2.54 -4.82 20.65
C LEU B 298 -3.40 -3.65 20.16
N MET B 299 -2.95 -2.41 20.36
CA MET B 299 -3.65 -1.22 19.81
C MET B 299 -3.66 -1.26 18.27
N ASP B 300 -2.55 -1.66 17.63
CA ASP B 300 -2.47 -1.82 16.15
C ASP B 300 -3.54 -2.77 15.66
N ILE B 301 -3.70 -3.91 16.34
CA ILE B 301 -4.68 -4.96 15.95
C ILE B 301 -6.12 -4.43 16.08
N ASP B 302 -6.44 -3.72 17.17
CA ASP B 302 -7.76 -3.06 17.32
C ASP B 302 -7.95 -2.04 16.19
N SER B 303 -6.95 -1.21 15.90
CA SER B 303 -7.04 -0.18 14.83
C SER B 303 -7.28 -0.89 13.48
N LEU B 304 -6.55 -1.96 13.19
CA LEU B 304 -6.67 -2.61 11.86
C LEU B 304 -8.00 -3.38 11.72
N MET B 305 -8.50 -3.96 12.82
CA MET B 305 -9.79 -4.67 12.82
C MET B 305 -10.88 -3.65 12.45
N THR B 306 -10.86 -2.46 13.05
CA THR B 306 -11.89 -1.40 12.82
C THR B 306 -11.70 -0.86 11.39
N LYS B 307 -10.46 -0.77 10.90
CA LYS B 307 -10.20 -0.38 9.50
C LYS B 307 -10.81 -1.43 8.55
N TRP B 308 -10.71 -2.72 8.89
CA TRP B 308 -11.30 -3.83 8.09
C TRP B 308 -12.80 -3.58 7.99
N ARG B 309 -13.44 -3.36 9.13
CA ARG B 309 -14.89 -3.07 9.22
C ARG B 309 -15.22 -1.82 8.39
N TYR B 310 -14.42 -0.77 8.46
CA TYR B 310 -14.74 0.49 7.72
C TYR B 310 -14.54 0.26 6.20
N ASN B 311 -13.47 -0.40 5.76
CA ASN B 311 -13.23 -0.63 4.30
C ASN B 311 -14.34 -1.52 3.75
N HIS B 312 -14.80 -2.49 4.54
CA HIS B 312 -15.95 -3.39 4.24
C HIS B 312 -17.19 -2.51 4.02
N VAL B 313 -17.52 -1.63 4.98
CA VAL B 313 -18.67 -0.67 4.91
C VAL B 313 -18.60 0.14 3.60
N CYS B 314 -17.45 0.75 3.27
CA CYS B 314 -17.33 1.67 2.11
C CYS B 314 -17.63 0.91 0.82
N MET B 315 -17.22 -0.36 0.74
CA MET B 315 -17.42 -1.23 -0.45
C MET B 315 -18.91 -1.60 -0.55
N VAL B 316 -19.47 -2.14 0.54
CA VAL B 316 -20.89 -2.57 0.62
C VAL B 316 -21.82 -1.41 0.25
N HIS B 317 -21.46 -0.17 0.62
CA HIS B 317 -22.24 1.05 0.27
C HIS B 317 -22.33 1.12 -1.26
N ARG B 318 -21.20 1.05 -1.95
CA ARG B 318 -21.19 1.13 -3.44
C ARG B 318 -21.96 -0.07 -4.04
N MET B 319 -21.87 -1.26 -3.42
CA MET B 319 -22.44 -2.51 -4.00
C MET B 319 -23.97 -2.53 -3.82
N LEU B 320 -24.47 -2.15 -2.63
CA LEU B 320 -25.90 -2.38 -2.28
C LEU B 320 -26.65 -1.05 -2.13
N GLY B 321 -25.97 0.07 -1.86
CA GLY B 321 -26.64 1.31 -1.42
C GLY B 321 -27.33 1.09 -0.08
N SER B 322 -28.59 1.50 0.04
CA SER B 322 -29.44 1.27 1.25
C SER B 322 -30.28 -0.01 1.15
N LYS B 323 -29.98 -0.90 0.19
CA LYS B 323 -30.62 -2.24 0.08
C LYS B 323 -30.26 -3.09 1.30
N ALA B 324 -31.18 -3.97 1.71
CA ALA B 324 -30.98 -4.95 2.80
C ALA B 324 -30.05 -6.06 2.31
N GLY B 325 -29.25 -6.63 3.22
CA GLY B 325 -28.32 -7.73 2.93
C GLY B 325 -29.03 -9.07 2.79
N THR B 326 -28.43 -10.00 2.05
CA THR B 326 -28.93 -11.39 1.84
C THR B 326 -29.00 -12.11 3.20
N GLY B 327 -28.21 -11.67 4.19
CA GLY B 327 -28.11 -12.29 5.52
C GLY B 327 -29.16 -11.77 6.49
N GLY B 328 -29.95 -10.77 6.08
CA GLY B 328 -31.14 -10.29 6.81
C GLY B 328 -31.04 -8.83 7.20
N SER B 329 -29.84 -8.36 7.57
CA SER B 329 -29.59 -7.01 8.14
C SER B 329 -29.93 -5.91 7.12
N SER B 330 -30.01 -4.66 7.60
CA SER B 330 -30.20 -3.43 6.79
C SER B 330 -29.01 -3.24 5.84
N GLY B 331 -27.90 -3.94 6.14
CA GLY B 331 -26.65 -3.87 5.37
C GLY B 331 -25.80 -2.69 5.82
N TYR B 332 -25.68 -1.69 4.95
CA TYR B 332 -24.78 -0.51 5.10
C TYR B 332 -24.95 0.10 6.49
N HIS B 333 -26.19 0.29 6.93
CA HIS B 333 -26.53 0.94 8.24
C HIS B 333 -26.02 0.07 9.41
N TYR B 334 -26.31 -1.24 9.42
CA TYR B 334 -25.84 -2.15 10.49
C TYR B 334 -24.30 -2.20 10.51
N LEU B 335 -23.67 -2.35 9.34
CA LEU B 335 -22.19 -2.45 9.24
C LEU B 335 -21.56 -1.16 9.80
N ARG B 336 -22.11 0.02 9.47
CA ARG B 336 -21.64 1.33 10.00
C ARG B 336 -21.59 1.27 11.54
N SER B 337 -22.58 0.61 12.16
CA SER B 337 -22.76 0.55 13.65
C SER B 337 -21.64 -0.28 14.28
N THR B 338 -21.02 -1.20 13.53
CA THR B 338 -19.89 -2.03 14.02
C THR B 338 -18.60 -1.19 14.09
N VAL B 339 -18.54 -0.02 13.46
CA VAL B 339 -17.34 0.85 13.41
C VAL B 339 -17.40 1.80 14.61
N SER B 340 -17.29 1.25 15.82
CA SER B 340 -17.31 2.05 17.08
C SER B 340 -16.27 1.47 18.05
N ASP B 341 -15.93 2.26 19.06
CA ASP B 341 -14.98 1.90 20.15
C ASP B 341 -15.62 0.81 21.03
N ARG B 342 -16.92 0.55 20.86
CA ARG B 342 -17.65 -0.59 21.46
C ARG B 342 -16.97 -1.93 21.07
N TYR B 343 -16.28 -1.98 19.93
CA TYR B 343 -15.63 -3.22 19.43
C TYR B 343 -14.12 -3.18 19.66
N LYS B 344 -13.58 -2.06 20.15
CA LYS B 344 -12.14 -1.94 20.52
C LYS B 344 -11.93 -2.69 21.84
N VAL B 345 -11.40 -3.90 21.76
CA VAL B 345 -11.11 -4.77 22.93
C VAL B 345 -10.11 -4.07 23.86
N PHE B 346 -9.12 -3.39 23.28
CA PHE B 346 -8.04 -2.69 24.03
C PHE B 346 -8.31 -1.17 24.09
N VAL B 347 -9.57 -0.72 24.07
CA VAL B 347 -9.95 0.71 24.31
C VAL B 347 -9.09 1.32 25.42
N ASP B 348 -8.90 0.62 26.53
CA ASP B 348 -8.22 1.20 27.73
C ASP B 348 -6.77 1.54 27.37
N LEU B 349 -6.14 0.80 26.45
CA LEU B 349 -4.74 1.08 26.09
C LEU B 349 -4.66 2.41 25.33
N PHE B 350 -5.65 2.70 24.48
CA PHE B 350 -5.77 3.98 23.75
C PHE B 350 -6.02 5.10 24.74
N ASN B 351 -6.90 4.88 25.71
CA ASN B 351 -7.44 5.99 26.55
C ASN B 351 -6.43 6.35 27.65
N LEU B 352 -5.37 5.58 27.83
CA LEU B 352 -4.27 6.00 28.75
C LEU B 352 -3.60 7.28 28.26
N SER B 353 -3.71 7.63 26.96
CA SER B 353 -3.27 8.94 26.41
C SER B 353 -3.98 10.11 27.12
N THR B 354 -5.21 9.91 27.59
CA THR B 354 -5.98 10.91 28.37
C THR B 354 -5.19 11.36 29.62
N TYR B 355 -4.34 10.48 30.18
CA TYR B 355 -3.75 10.65 31.53
C TYR B 355 -2.24 10.87 31.45
N LEU B 356 -1.72 11.30 30.30
CA LEU B 356 -0.29 11.69 30.18
C LEU B 356 -0.06 13.00 30.97
N ILE B 357 1.14 13.13 31.51
CA ILE B 357 1.54 14.16 32.50
C ILE B 357 2.92 14.65 32.10
N PRO B 358 3.36 15.83 32.57
CA PRO B 358 4.71 16.29 32.29
C PRO B 358 5.73 15.23 32.76
N ARG B 359 6.74 14.99 31.94
CA ARG B 359 7.84 14.01 32.16
C ARG B 359 8.36 14.15 33.61
N HIS B 360 8.50 15.38 34.08
CA HIS B 360 9.08 15.73 35.41
C HIS B 360 8.19 15.21 36.56
N TRP B 361 6.91 14.90 36.32
CA TRP B 361 5.98 14.39 37.36
C TRP B 361 6.08 12.87 37.48
N ILE B 362 6.62 12.18 36.48
CA ILE B 362 6.72 10.69 36.52
C ILE B 362 7.65 10.32 37.67
N PRO B 363 7.24 9.44 38.60
CA PRO B 363 8.11 9.06 39.72
C PRO B 363 9.46 8.58 39.20
N LYS B 364 10.55 9.05 39.80
CA LYS B 364 11.93 8.75 39.38
C LYS B 364 12.26 7.30 39.70
N MET B 365 13.08 6.67 38.86
CA MET B 365 13.70 5.34 39.11
C MET B 365 15.06 5.53 39.80
N ASN B 366 15.32 4.75 40.84
CA ASN B 366 16.52 4.85 41.72
C ASN B 366 17.40 3.62 41.47
N PRO B 367 18.74 3.72 41.56
CA PRO B 367 19.65 2.67 41.06
C PRO B 367 19.30 1.21 41.43
N THR B 368 18.40 1.01 42.41
CA THR B 368 17.91 -0.33 42.87
C THR B 368 16.77 -0.82 41.96
N ILE B 369 15.84 0.06 41.57
CA ILE B 369 14.66 -0.30 40.73
C ILE B 369 15.09 -0.33 39.26
N HIS B 370 16.06 0.51 38.87
CA HIS B 370 16.76 0.46 37.55
C HIS B 370 17.34 -0.93 37.30
N LYS B 371 17.90 -1.56 38.35
CA LYS B 371 18.63 -2.86 38.27
C LYS B 371 17.65 -4.03 38.22
N PHE B 372 16.57 -3.98 39.02
CA PHE B 372 15.44 -4.96 38.98
C PHE B 372 14.89 -5.02 37.56
N LEU B 373 14.80 -3.86 36.88
CA LEU B 373 14.37 -3.73 35.47
C LEU B 373 15.58 -3.72 34.53
N GLY C 23 -0.41 34.26 18.85
CA GLY C 23 -0.94 32.87 18.65
C GLY C 23 -0.31 32.20 17.43
N LEU C 24 0.27 31.02 17.61
CA LEU C 24 0.91 30.22 16.52
C LEU C 24 -0.17 29.78 15.52
N ILE C 25 0.12 29.91 14.22
CA ILE C 25 -0.82 29.55 13.12
C ILE C 25 -0.21 28.40 12.30
N TYR C 26 -1.01 27.36 12.01
CA TYR C 26 -0.68 26.19 11.16
C TYR C 26 0.31 26.61 10.05
N GLY C 27 -0.12 27.48 9.14
CA GLY C 27 0.64 27.87 7.94
C GLY C 27 2.00 28.46 8.26
N ASN C 28 2.08 29.26 9.33
CA ASN C 28 3.35 29.87 9.80
C ASN C 28 4.23 28.80 10.45
N TYR C 29 3.65 27.99 11.34
CA TYR C 29 4.35 26.87 12.03
C TYR C 29 5.05 25.99 10.99
N LEU C 30 4.37 25.71 9.88
CA LEU C 30 4.81 24.76 8.82
C LEU C 30 5.61 25.50 7.73
N HIS C 31 5.72 26.83 7.82
CA HIS C 31 6.43 27.72 6.86
C HIS C 31 5.93 27.37 5.45
N LEU C 32 4.61 27.33 5.31
CA LEU C 32 3.95 27.05 4.02
C LEU C 32 4.18 28.22 3.05
N GLU C 33 4.56 29.41 3.55
CA GLU C 33 4.90 30.58 2.69
C GLU C 33 6.12 30.21 1.83
N LYS C 34 6.94 29.27 2.27
CA LYS C 34 8.09 28.74 1.50
C LYS C 34 7.69 27.47 0.74
N VAL C 35 7.14 26.49 1.45
CA VAL C 35 6.84 25.12 0.93
C VAL C 35 5.92 25.24 -0.30
N LEU C 36 4.88 26.07 -0.21
CA LEU C 36 3.79 26.20 -1.22
C LEU C 36 4.04 27.40 -2.14
N ASN C 37 5.24 27.96 -2.13
CA ASN C 37 5.68 29.01 -3.11
C ASN C 37 6.99 28.56 -3.76
N ALA C 38 7.15 27.25 -3.98
CA ALA C 38 8.43 26.66 -4.46
C ALA C 38 8.19 25.88 -5.76
N GLN C 39 7.06 26.14 -6.42
CA GLN C 39 6.62 25.39 -7.63
C GLN C 39 6.73 26.34 -8.82
N GLU C 40 7.76 26.13 -9.64
CA GLU C 40 8.00 26.92 -10.87
C GLU C 40 8.17 25.94 -12.04
N LEU C 41 7.17 25.89 -12.91
CA LEU C 41 7.22 25.08 -14.16
C LEU C 41 8.15 25.79 -15.14
N GLN C 42 9.29 25.18 -15.48
CA GLN C 42 10.20 25.69 -16.53
C GLN C 42 9.42 25.81 -17.85
N SER C 43 8.59 24.82 -18.16
CA SER C 43 7.68 24.83 -19.33
C SER C 43 6.97 26.17 -19.39
N GLU C 44 6.45 26.64 -18.25
CA GLU C 44 5.69 27.92 -18.14
C GLU C 44 6.65 29.11 -18.25
N THR C 45 7.81 29.02 -17.59
CA THR C 45 8.88 30.07 -17.59
C THR C 45 9.43 30.27 -19.02
N LYS C 46 9.47 29.22 -19.85
CA LYS C 46 9.88 29.32 -21.28
C LYS C 46 8.64 29.44 -22.19
N GLY C 47 7.48 29.83 -21.64
CA GLY C 47 6.28 30.29 -22.40
C GLY C 47 5.44 29.17 -23.03
N ASN C 48 5.54 27.93 -22.54
CA ASN C 48 4.80 26.75 -23.08
C ASN C 48 4.38 25.81 -21.95
N LYS C 49 3.57 26.31 -21.01
CA LYS C 49 3.16 25.62 -19.77
C LYS C 49 2.61 24.21 -20.07
N ILE C 50 3.26 23.16 -19.54
CA ILE C 50 2.78 21.76 -19.66
C ILE C 50 2.20 21.32 -18.29
N HIS C 51 0.92 20.97 -18.25
CA HIS C 51 0.15 20.64 -17.02
C HIS C 51 0.92 19.64 -16.15
N ASP C 52 1.43 18.54 -16.71
CA ASP C 52 1.98 17.41 -15.92
C ASP C 52 3.31 17.79 -15.28
N GLU C 53 3.92 18.92 -15.67
CA GLU C 53 5.22 19.32 -15.08
C GLU C 53 4.99 19.63 -13.60
N HIS C 54 3.81 20.12 -13.23
CA HIS C 54 3.48 20.40 -11.81
C HIS C 54 3.61 19.11 -11.00
N LEU C 55 3.05 17.99 -11.47
CA LEU C 55 3.16 16.66 -10.81
C LEU C 55 4.64 16.28 -10.64
N PHE C 56 5.46 16.49 -11.66
CA PHE C 56 6.89 16.09 -11.67
C PHE C 56 7.62 16.81 -10.55
N ILE C 57 7.30 18.10 -10.38
CA ILE C 57 7.93 18.97 -9.34
C ILE C 57 7.46 18.53 -7.95
N ILE C 58 6.16 18.45 -7.72
CA ILE C 58 5.60 18.11 -6.37
C ILE C 58 6.14 16.74 -5.94
N THR C 59 6.21 15.76 -6.85
CA THR C 59 6.67 14.38 -6.51
C THR C 59 8.11 14.46 -5.95
N HIS C 60 9.02 15.14 -6.64
CA HIS C 60 10.47 15.27 -6.26
C HIS C 60 10.56 15.96 -4.91
N GLN C 61 9.76 17.00 -4.70
CA GLN C 61 9.77 17.83 -3.48
C GLN C 61 9.36 16.97 -2.27
N ALA C 62 8.32 16.15 -2.44
CA ALA C 62 7.81 15.24 -1.39
C ALA C 62 8.89 14.22 -1.07
N TYR C 63 9.46 13.59 -2.11
CA TYR C 63 10.65 12.70 -1.98
C TYR C 63 11.73 13.40 -1.14
N GLU C 64 12.03 14.67 -1.42
CA GLU C 64 13.15 15.42 -0.76
C GLU C 64 12.79 15.75 0.69
N LEU C 65 11.56 16.17 1.00
CA LEU C 65 11.10 16.32 2.41
C LEU C 65 11.36 15.01 3.17
N TRP C 66 10.97 13.85 2.62
CA TRP C 66 11.13 12.52 3.28
C TRP C 66 12.60 12.13 3.41
N PHE C 67 13.44 12.43 2.40
CA PHE C 67 14.91 12.23 2.49
C PHE C 67 15.44 13.01 3.71
N LYS C 68 14.98 14.25 3.88
CA LYS C 68 15.39 15.09 5.01
C LYS C 68 15.01 14.41 6.34
N GLN C 69 13.80 13.86 6.43
CA GLN C 69 13.30 13.18 7.65
C GLN C 69 14.17 11.93 7.89
N ILE C 70 14.51 11.20 6.83
CA ILE C 70 15.35 9.97 6.95
C ILE C 70 16.74 10.38 7.45
N LEU C 71 17.31 11.47 6.92
CA LEU C 71 18.64 11.98 7.38
C LEU C 71 18.54 12.40 8.85
N TRP C 72 17.44 13.05 9.24
CA TRP C 72 17.21 13.48 10.65
C TRP C 72 17.18 12.26 11.58
N GLU C 73 16.50 11.19 11.18
CA GLU C 73 16.43 9.95 11.99
C GLU C 73 17.82 9.29 12.02
N LEU C 74 18.42 9.10 10.84
CA LEU C 74 19.69 8.36 10.67
C LEU C 74 20.83 9.03 11.45
N ASP C 75 20.94 10.37 11.38
CA ASP C 75 21.97 11.16 12.10
C ASP C 75 21.77 11.09 13.62
N SER C 76 20.52 11.06 14.11
CA SER C 76 20.22 10.95 15.56
C SER C 76 20.68 9.57 16.05
N VAL C 77 20.60 8.56 15.21
CA VAL C 77 20.96 7.16 15.59
C VAL C 77 22.48 7.02 15.54
N ARG C 78 23.11 7.60 14.52
CA ARG C 78 24.58 7.63 14.35
C ARG C 78 25.16 8.26 15.63
N GLU C 79 24.59 9.38 16.05
CA GLU C 79 25.05 10.15 17.23
C GLU C 79 24.88 9.32 18.50
N ILE C 80 23.81 8.52 18.62
CA ILE C 80 23.54 7.67 19.82
C ILE C 80 24.62 6.60 19.93
N PHE C 81 25.07 6.04 18.80
CA PHE C 81 26.23 5.12 18.76
C PHE C 81 27.50 5.89 19.11
N GLN C 82 27.70 7.03 18.44
CA GLN C 82 28.98 7.78 18.43
C GLN C 82 29.25 8.39 19.82
N ASN C 83 28.22 8.82 20.54
CA ASN C 83 28.40 9.49 21.87
C ASN C 83 28.41 8.46 23.00
N GLY C 84 28.35 7.16 22.67
CA GLY C 84 28.42 6.05 23.65
C GLY C 84 27.08 5.72 24.30
N HIS C 85 26.02 6.51 24.06
CA HIS C 85 24.68 6.28 24.66
C HIS C 85 24.15 4.88 24.33
N VAL C 86 24.53 4.29 23.19
CA VAL C 86 24.04 2.95 22.77
C VAL C 86 24.50 1.88 23.77
N ARG C 87 25.55 2.18 24.56
CA ARG C 87 26.14 1.24 25.55
C ARG C 87 25.12 1.00 26.66
N ASP C 88 24.39 2.05 27.04
CA ASP C 88 23.22 2.00 27.95
C ASP C 88 22.05 1.35 27.19
N GLU C 89 21.69 0.12 27.53
CA GLU C 89 20.74 -0.70 26.74
C GLU C 89 19.31 -0.15 26.86
N ARG C 90 19.09 0.83 27.74
CA ARG C 90 17.74 1.46 27.87
C ARG C 90 17.47 2.32 26.63
N ASN C 91 18.51 2.57 25.80
CA ASN C 91 18.38 3.41 24.58
C ASN C 91 18.05 2.53 23.36
N MET C 92 17.98 1.21 23.49
CA MET C 92 17.78 0.32 22.32
C MET C 92 16.36 0.50 21.74
N LEU C 93 15.35 0.74 22.58
CA LEU C 93 13.95 0.93 22.09
C LEU C 93 13.94 2.13 21.13
N LYS C 94 14.55 3.23 21.54
CA LYS C 94 14.66 4.46 20.72
C LYS C 94 15.36 4.14 19.39
N VAL C 95 16.53 3.49 19.46
CA VAL C 95 17.34 3.15 18.26
C VAL C 95 16.51 2.32 17.29
N VAL C 96 15.86 1.26 17.75
CA VAL C 96 15.08 0.35 16.87
C VAL C 96 13.82 1.05 16.34
N SER C 97 13.16 1.91 17.13
CA SER C 97 11.95 2.66 16.73
C SER C 97 12.31 3.59 15.59
N ARG C 98 13.45 4.25 15.71
CA ARG C 98 13.90 5.29 14.75
C ARG C 98 14.33 4.62 13.45
N MET C 99 15.00 3.46 13.51
CA MET C 99 15.45 2.70 12.32
C MET C 99 14.21 2.07 11.68
N HIS C 100 13.26 1.58 12.49
CA HIS C 100 11.96 1.05 11.97
C HIS C 100 11.20 2.20 11.29
N ARG C 101 11.24 3.39 11.87
CA ARG C 101 10.59 4.58 11.26
C ARG C 101 11.22 4.85 9.88
N VAL C 102 12.54 4.72 9.75
CA VAL C 102 13.22 4.91 8.44
C VAL C 102 12.61 3.93 7.42
N SER C 103 12.39 2.67 7.83
CA SER C 103 11.84 1.59 6.98
C SER C 103 10.42 1.95 6.52
N VAL C 104 9.62 2.46 7.45
CA VAL C 104 8.22 2.83 7.15
C VAL C 104 8.21 3.97 6.12
N ILE C 105 9.07 4.98 6.28
CA ILE C 105 9.19 6.12 5.32
C ILE C 105 9.60 5.57 3.95
N LEU C 106 10.66 4.75 3.88
CA LEU C 106 11.15 4.17 2.60
C LEU C 106 10.02 3.39 1.92
N LYS C 107 9.23 2.63 2.69
CA LYS C 107 8.08 1.84 2.20
C LYS C 107 7.08 2.78 1.52
N LEU C 108 6.80 3.96 2.09
CA LEU C 108 5.94 4.97 1.43
C LEU C 108 6.65 5.52 0.17
N LEU C 109 7.96 5.71 0.20
CA LEU C 109 8.69 6.29 -0.96
C LEU C 109 8.69 5.30 -2.15
N VAL C 110 8.70 3.99 -1.88
CA VAL C 110 8.56 2.93 -2.92
C VAL C 110 7.16 3.00 -3.52
N GLN C 111 6.13 3.14 -2.68
CA GLN C 111 4.72 3.23 -3.15
C GLN C 111 4.49 4.54 -3.91
N GLN C 112 5.24 5.59 -3.60
CA GLN C 112 5.01 6.96 -4.11
C GLN C 112 5.25 7.02 -5.63
N PHE C 113 6.03 6.11 -6.22
CA PHE C 113 6.27 6.04 -7.69
C PHE C 113 4.93 5.83 -8.40
N SER C 114 3.98 5.14 -7.75
CA SER C 114 2.60 4.94 -8.26
C SER C 114 2.01 6.28 -8.71
N ILE C 115 2.32 7.39 -8.02
CA ILE C 115 1.72 8.70 -8.39
C ILE C 115 2.33 9.17 -9.71
N LEU C 116 3.65 9.11 -9.84
CA LEU C 116 4.34 9.69 -11.03
C LEU C 116 4.05 8.80 -12.25
N GLU C 117 3.66 7.54 -12.03
CA GLU C 117 3.27 6.62 -13.13
C GLU C 117 1.88 6.95 -13.70
N THR C 118 1.12 7.86 -13.09
CA THR C 118 -0.13 8.38 -13.71
C THR C 118 0.23 9.46 -14.77
N MET C 119 1.52 9.76 -14.95
CA MET C 119 2.06 10.59 -16.06
C MET C 119 2.49 9.66 -17.20
N THR C 120 1.93 9.85 -18.41
CA THR C 120 2.34 9.07 -19.61
C THR C 120 3.73 9.54 -20.07
N ALA C 121 4.51 8.65 -20.67
CA ALA C 121 5.78 8.97 -21.36
C ALA C 121 5.54 10.12 -22.35
N LEU C 122 4.37 10.13 -23.02
CA LEU C 122 4.02 11.11 -24.07
C LEU C 122 3.88 12.51 -23.46
N ASP C 123 3.20 12.63 -22.32
CA ASP C 123 3.02 13.93 -21.63
C ASP C 123 4.36 14.36 -21.01
N PHE C 124 5.12 13.42 -20.46
CA PHE C 124 6.48 13.71 -19.94
C PHE C 124 7.30 14.32 -21.09
N ASN C 125 7.21 13.72 -22.28
CA ASN C 125 7.99 14.12 -23.48
C ASN C 125 7.68 15.58 -23.85
N ASP C 126 6.54 16.13 -23.44
CA ASP C 126 6.14 17.52 -23.75
C ASP C 126 6.91 18.56 -22.92
N PHE C 127 7.51 18.21 -21.77
CA PHE C 127 8.21 19.24 -20.94
C PHE C 127 9.64 18.83 -20.61
N ARG C 128 9.99 17.59 -20.92
CA ARG C 128 11.32 16.96 -20.72
C ARG C 128 12.48 17.86 -21.19
N GLU C 129 12.38 18.44 -22.39
CA GLU C 129 13.38 19.39 -22.98
C GLU C 129 13.77 20.48 -21.97
N TYR C 130 12.81 21.02 -21.20
CA TYR C 130 13.02 22.21 -20.33
C TYR C 130 13.79 21.86 -19.05
N LEU C 131 14.10 20.59 -18.81
CA LEU C 131 14.78 20.10 -17.58
C LEU C 131 16.29 20.06 -17.79
N SER C 132 16.74 19.79 -19.02
CA SER C 132 18.17 19.54 -19.35
C SER C 132 19.06 20.67 -18.83
N PRO C 133 20.26 20.37 -18.29
CA PRO C 133 20.74 19.00 -18.11
C PRO C 133 20.58 18.47 -16.67
N ALA C 134 19.64 19.04 -15.90
CA ALA C 134 19.35 18.67 -14.49
C ALA C 134 18.95 17.18 -14.40
N SER C 135 19.33 16.52 -13.31
CA SER C 135 18.97 15.10 -13.03
C SER C 135 19.02 14.79 -11.53
N GLY C 136 18.48 13.63 -11.17
CA GLY C 136 18.52 13.06 -9.81
C GLY C 136 19.95 12.83 -9.33
N PHE C 137 20.92 12.72 -10.24
CA PHE C 137 22.37 12.68 -9.92
C PHE C 137 22.77 13.89 -9.07
N GLN C 138 21.99 14.97 -9.14
CA GLN C 138 22.29 16.24 -8.42
C GLN C 138 21.48 16.29 -7.12
N SER C 139 20.89 15.17 -6.67
CA SER C 139 20.23 15.11 -5.34
C SER C 139 21.29 14.95 -4.27
N LEU C 140 21.60 16.05 -3.58
CA LEU C 140 22.52 16.06 -2.42
C LEU C 140 22.03 15.05 -1.38
N GLN C 141 20.76 15.16 -1.00
CA GLN C 141 20.17 14.36 0.12
C GLN C 141 20.30 12.87 -0.19
N PHE C 142 20.02 12.46 -1.43
CA PHE C 142 20.12 11.03 -1.83
C PHE C 142 21.57 10.55 -1.65
N ARG C 143 22.56 11.37 -2.00
CA ARG C 143 24.01 11.02 -1.86
C ARG C 143 24.39 10.98 -0.37
N LEU C 144 24.05 12.03 0.39
CA LEU C 144 24.22 12.06 1.87
C LEU C 144 23.65 10.78 2.49
N LEU C 145 22.45 10.37 2.08
CA LEU C 145 21.75 9.17 2.62
C LEU C 145 22.59 7.92 2.34
N GLU C 146 22.97 7.72 1.08
CA GLU C 146 23.83 6.57 0.67
C GLU C 146 25.10 6.55 1.52
N ASN C 147 25.77 7.70 1.65
CA ASN C 147 27.08 7.80 2.32
C ASN C 147 26.89 7.47 3.81
N LYS C 148 25.98 8.19 4.50
CA LYS C 148 25.73 8.07 5.95
C LYS C 148 25.38 6.61 6.32
N ILE C 149 24.71 5.86 5.45
CA ILE C 149 24.37 4.43 5.74
C ILE C 149 25.66 3.59 5.61
N GLY C 150 26.46 3.85 4.56
CA GLY C 150 27.82 3.30 4.39
C GLY C 150 28.08 2.74 3.01
N VAL C 151 27.53 3.36 1.95
CA VAL C 151 27.85 2.97 0.54
C VAL C 151 29.26 3.49 0.28
N LEU C 152 30.17 2.63 -0.16
CA LEU C 152 31.59 2.99 -0.39
C LEU C 152 31.76 3.53 -1.81
N GLN C 153 32.45 4.67 -1.95
CA GLN C 153 32.72 5.38 -3.23
C GLN C 153 33.46 4.45 -4.19
N ASN C 154 34.38 3.62 -3.68
CA ASN C 154 35.23 2.70 -4.48
C ASN C 154 34.39 1.55 -5.05
N MET C 155 33.16 1.36 -4.54
CA MET C 155 32.26 0.24 -4.97
C MET C 155 31.12 0.77 -5.84
N ARG C 156 30.96 2.09 -5.96
CA ARG C 156 29.97 2.73 -6.87
C ARG C 156 30.33 2.33 -8.31
N VAL C 157 29.32 1.98 -9.12
CA VAL C 157 29.51 1.76 -10.59
C VAL C 157 29.73 3.13 -11.22
N PRO C 158 30.61 3.26 -12.24
CA PRO C 158 30.85 4.55 -12.89
C PRO C 158 29.78 4.94 -13.92
N TYR C 159 29.45 6.23 -13.97
CA TYR C 159 28.58 6.88 -15.00
C TYR C 159 27.12 6.48 -14.79
N HIS C 163 33.45 9.87 -9.87
CA HIS C 163 32.41 10.30 -10.85
C HIS C 163 31.26 11.04 -10.13
N TYR C 164 30.60 10.40 -9.15
CA TYR C 164 29.30 10.82 -8.57
C TYR C 164 29.36 12.28 -8.07
N ARG C 165 30.45 12.65 -7.38
CA ARG C 165 30.57 13.91 -6.59
C ARG C 165 30.89 15.10 -7.49
N ASP C 166 31.28 14.87 -8.75
CA ASP C 166 31.57 15.91 -9.79
C ASP C 166 30.40 16.90 -9.89
N ASN C 167 29.17 16.37 -9.80
CA ASN C 167 27.90 17.14 -9.99
C ASN C 167 27.82 18.31 -9.01
N PHE C 168 28.51 18.23 -7.86
CA PHE C 168 28.36 19.16 -6.72
C PHE C 168 29.61 20.06 -6.58
N LYS C 169 29.43 21.19 -5.89
CA LYS C 169 30.44 22.26 -5.71
C LYS C 169 30.13 23.04 -4.42
N GLY C 170 31.11 23.82 -3.94
CA GLY C 170 30.97 24.76 -2.80
C GLY C 170 30.50 24.07 -1.53
N GLU C 171 29.60 24.71 -0.78
CA GLU C 171 29.13 24.30 0.57
C GLU C 171 28.45 22.93 0.53
N GLU C 172 28.12 22.40 -0.66
CA GLU C 172 27.43 21.09 -0.86
C GLU C 172 28.45 19.97 -1.06
N ASN C 173 29.50 20.21 -1.87
CA ASN C 173 30.62 19.25 -2.08
C ASN C 173 31.31 19.00 -0.72
N GLU C 174 31.33 20.03 0.12
CA GLU C 174 31.82 19.98 1.53
C GLU C 174 31.00 18.94 2.29
N LEU C 175 29.71 19.23 2.51
CA LEU C 175 28.76 18.33 3.25
C LEU C 175 28.95 16.89 2.77
N LEU C 176 29.15 16.71 1.46
CA LEU C 176 29.31 15.35 0.85
C LEU C 176 30.61 14.71 1.32
N LEU C 177 31.69 15.48 1.36
CA LEU C 177 33.02 14.97 1.82
C LEU C 177 32.90 14.53 3.28
N LYS C 178 32.37 15.40 4.14
CA LYS C 178 32.02 15.07 5.55
C LYS C 178 31.29 13.72 5.59
N SER C 179 30.20 13.59 4.83
CA SER C 179 29.32 12.39 4.83
C SER C 179 30.14 11.14 4.49
N GLU C 180 31.19 11.29 3.67
CA GLU C 180 32.09 10.19 3.28
C GLU C 180 33.11 9.91 4.38
N GLN C 181 33.61 10.95 5.05
CA GLN C 181 34.72 10.87 6.03
C GLN C 181 34.18 10.51 7.42
N GLU C 182 33.10 11.17 7.86
CA GLU C 182 32.44 10.91 9.18
C GLU C 182 32.04 9.44 9.27
N LYS C 183 31.86 8.94 10.49
CA LYS C 183 31.58 7.50 10.74
C LYS C 183 30.20 7.16 10.17
N THR C 184 30.11 6.08 9.41
CA THR C 184 28.88 5.59 8.75
C THR C 184 28.07 4.79 9.78
N LEU C 185 26.79 4.54 9.48
CA LEU C 185 25.96 3.63 10.28
C LEU C 185 26.63 2.26 10.33
N LEU C 186 27.17 1.79 9.20
CA LEU C 186 27.83 0.46 9.11
C LEU C 186 28.99 0.38 10.10
N GLU C 187 29.79 1.45 10.19
CA GLU C 187 31.03 1.49 11.01
C GLU C 187 30.66 1.52 12.49
N LEU C 188 29.62 2.29 12.83
CA LEU C 188 29.16 2.46 14.22
C LEU C 188 28.55 1.14 14.70
N VAL C 189 27.72 0.52 13.86
CA VAL C 189 27.10 -0.83 14.12
C VAL C 189 28.22 -1.86 14.21
N GLU C 190 29.24 -1.75 13.36
CA GLU C 190 30.42 -2.65 13.40
C GLU C 190 31.07 -2.59 14.78
N ALA C 191 31.46 -1.39 15.21
CA ALA C 191 32.07 -1.12 16.54
C ALA C 191 31.21 -1.78 17.63
N TRP C 192 29.90 -1.53 17.61
CA TRP C 192 28.93 -2.05 18.62
C TRP C 192 28.89 -3.58 18.56
N LEU C 193 28.82 -4.16 17.36
CA LEU C 193 28.79 -5.63 17.15
C LEU C 193 30.09 -6.27 17.64
N GLU C 194 31.22 -5.55 17.57
CA GLU C 194 32.55 -6.07 18.03
C GLU C 194 32.49 -6.31 19.54
N ARG C 195 31.75 -5.46 20.28
CA ARG C 195 31.66 -5.49 21.77
C ARG C 195 30.55 -6.42 22.28
N THR C 196 30.00 -7.30 21.45
CA THR C 196 28.81 -8.12 21.81
C THR C 196 29.18 -9.14 22.90
N PRO C 197 28.47 -9.19 24.04
CA PRO C 197 28.73 -10.20 25.06
C PRO C 197 28.65 -11.64 24.54
N GLY C 198 29.69 -12.44 24.84
CA GLY C 198 29.72 -13.90 24.61
C GLY C 198 30.83 -14.35 23.69
N LEU C 199 31.54 -13.41 23.05
CA LEU C 199 32.61 -13.68 22.06
C LEU C 199 33.95 -13.94 22.78
N GLU C 200 34.11 -13.37 23.98
CA GLU C 200 35.33 -13.47 24.84
C GLU C 200 35.88 -14.91 24.79
N PRO C 201 37.12 -15.12 24.30
CA PRO C 201 37.76 -16.44 24.34
C PRO C 201 37.83 -17.10 25.73
N HIS C 202 38.07 -16.30 26.79
CA HIS C 202 38.13 -16.75 28.21
C HIS C 202 36.77 -16.53 28.89
N GLY C 203 35.80 -15.96 28.17
CA GLY C 203 34.38 -15.91 28.56
C GLY C 203 33.62 -17.12 28.06
N PHE C 204 32.45 -16.90 27.45
CA PHE C 204 31.53 -17.96 26.92
C PHE C 204 32.17 -18.66 25.73
N ASN C 205 33.09 -17.98 25.03
CA ASN C 205 33.93 -18.56 23.95
C ASN C 205 33.02 -19.12 22.84
N PHE C 206 32.07 -18.31 22.38
CA PHE C 206 31.00 -18.70 21.41
C PHE C 206 31.66 -19.35 20.18
N TRP C 207 32.67 -18.69 19.62
CA TRP C 207 33.33 -19.08 18.35
C TRP C 207 34.03 -20.44 18.52
N GLY C 208 34.85 -20.58 19.55
CA GLY C 208 35.56 -21.83 19.87
C GLY C 208 34.58 -22.99 19.92
N LYS C 209 33.50 -22.83 20.70
CA LYS C 209 32.46 -23.87 20.88
C LYS C 209 31.76 -24.12 19.54
N LEU C 210 31.56 -23.08 18.73
CA LEU C 210 30.78 -23.20 17.46
C LEU C 210 31.60 -24.05 16.48
N GLU C 211 32.90 -23.72 16.32
CA GLU C 211 33.83 -24.49 15.45
C GLU C 211 33.79 -25.97 15.85
N LYS C 212 33.90 -26.26 17.14
CA LYS C 212 33.85 -27.63 17.71
C LYS C 212 32.54 -28.30 17.29
N ASN C 213 31.41 -27.65 17.54
CA ASN C 213 30.05 -28.24 17.35
C ASN C 213 29.76 -28.49 15.87
N ILE C 214 30.16 -27.57 14.99
CA ILE C 214 30.01 -27.75 13.51
C ILE C 214 30.91 -28.93 13.11
N THR C 215 32.17 -28.93 13.57
CA THR C 215 33.21 -29.93 13.21
C THR C 215 32.76 -31.33 13.63
N ARG C 216 32.26 -31.47 14.85
CA ARG C 216 31.68 -32.75 15.37
C ARG C 216 30.47 -33.11 14.50
N GLY C 217 29.43 -32.27 14.52
CA GLY C 217 28.15 -32.48 13.83
C GLY C 217 28.34 -32.91 12.38
N LEU C 218 29.31 -32.31 11.68
CA LEU C 218 29.65 -32.67 10.28
C LEU C 218 30.11 -34.14 10.25
N GLU C 219 31.10 -34.49 11.08
CA GLU C 219 31.67 -35.87 11.18
C GLU C 219 30.56 -36.90 11.50
N GLU C 220 29.59 -36.55 12.35
CA GLU C 220 28.44 -37.42 12.73
C GLU C 220 27.54 -37.68 11.50
N GLU C 221 27.91 -37.14 10.34
CA GLU C 221 27.26 -37.41 9.02
C GLU C 221 28.16 -38.35 8.20
N ALA C 239 26.71 -37.87 -0.67
CA ALA C 239 26.11 -37.03 -1.72
C ALA C 239 26.36 -35.55 -1.40
N GLU C 240 25.47 -34.93 -0.62
CA GLU C 240 25.32 -33.45 -0.45
C GLU C 240 26.33 -32.91 0.57
N PHE C 241 26.56 -33.65 1.66
CA PHE C 241 27.32 -33.27 2.88
C PHE C 241 28.67 -32.61 2.54
N GLN C 242 29.29 -32.95 1.40
CA GLN C 242 30.66 -32.48 1.04
C GLN C 242 30.63 -30.98 0.69
N LYS C 243 29.58 -30.51 0.02
CA LYS C 243 29.45 -29.08 -0.40
C LYS C 243 29.22 -28.21 0.84
N GLN C 244 28.26 -28.58 1.70
CA GLN C 244 27.92 -27.78 2.91
C GLN C 244 29.07 -27.86 3.94
N LYS C 245 29.81 -28.98 3.96
CA LYS C 245 31.04 -29.13 4.81
C LYS C 245 32.00 -28.01 4.44
N GLU C 246 32.26 -27.84 3.15
CA GLU C 246 33.17 -26.80 2.59
C GLU C 246 32.76 -25.44 3.13
N VAL C 247 31.51 -25.04 2.87
CA VAL C 247 30.96 -23.66 3.09
C VAL C 247 30.99 -23.32 4.59
N LEU C 248 30.47 -24.21 5.43
CA LEU C 248 30.39 -24.01 6.90
C LEU C 248 31.79 -23.72 7.45
N LEU C 249 32.78 -24.56 7.11
CA LEU C 249 34.14 -24.46 7.73
C LEU C 249 34.85 -23.20 7.20
N SER C 250 34.44 -22.67 6.04
CA SER C 250 34.93 -21.39 5.47
C SER C 250 34.68 -20.22 6.43
N LEU C 251 33.62 -20.33 7.25
CA LEU C 251 33.25 -19.33 8.30
C LEU C 251 34.45 -19.09 9.22
N PHE C 252 35.25 -20.12 9.46
CA PHE C 252 36.33 -20.12 10.50
C PHE C 252 37.65 -19.64 9.90
N ASP C 253 37.65 -19.18 8.64
CA ASP C 253 38.85 -18.71 7.90
C ASP C 253 38.93 -17.19 7.98
N GLU C 254 39.55 -16.65 9.04
CA GLU C 254 39.79 -15.19 9.22
C GLU C 254 40.43 -14.57 7.98
N LYS C 255 41.35 -15.29 7.34
CA LYS C 255 42.25 -14.73 6.28
C LYS C 255 41.41 -14.52 5.01
N ARG C 256 40.71 -15.57 4.60
CA ARG C 256 39.68 -15.55 3.51
C ARG C 256 38.73 -14.37 3.72
N HIS C 257 38.13 -14.25 4.92
CA HIS C 257 37.24 -13.11 5.30
C HIS C 257 37.95 -11.79 5.04
N GLU C 258 39.22 -11.68 5.46
CA GLU C 258 40.06 -10.46 5.30
C GLU C 258 40.28 -10.18 3.80
N HIS C 259 40.40 -11.23 2.99
CA HIS C 259 40.62 -11.11 1.52
C HIS C 259 39.31 -10.63 0.87
N LEU C 260 38.21 -11.34 1.11
CA LEU C 260 36.85 -10.96 0.64
C LEU C 260 36.53 -9.55 1.14
N LEU C 261 36.98 -9.21 2.35
CA LEU C 261 36.85 -7.84 2.93
C LEU C 261 37.68 -6.87 2.09
N SER C 262 38.96 -7.16 1.86
CA SER C 262 39.92 -6.29 1.11
C SER C 262 39.32 -5.90 -0.26
N LYS C 263 38.53 -6.79 -0.87
CA LYS C 263 37.80 -6.52 -2.15
C LYS C 263 36.60 -5.61 -1.89
N GLY C 264 35.69 -6.03 -1.01
CA GLY C 264 34.40 -5.35 -0.73
C GLY C 264 33.22 -6.27 -0.96
N GLU C 265 33.46 -7.58 -1.04
CA GLU C 265 32.41 -8.64 -1.10
C GLU C 265 31.95 -8.97 0.33
N ARG C 266 32.69 -8.47 1.32
CA ARG C 266 32.26 -8.35 2.74
C ARG C 266 32.59 -6.94 3.21
N ARG C 267 31.91 -6.46 4.26
CA ARG C 267 32.02 -5.06 4.77
C ARG C 267 32.36 -5.04 6.27
N LEU C 268 31.86 -6.02 7.03
CA LEU C 268 32.03 -6.08 8.50
C LEU C 268 33.34 -6.80 8.83
N SER C 269 34.06 -6.32 9.85
CA SER C 269 35.16 -7.03 10.54
C SER C 269 34.71 -8.45 10.88
N TYR C 270 35.66 -9.37 11.05
CA TYR C 270 35.42 -10.80 11.35
C TYR C 270 34.77 -10.94 12.73
N ARG C 271 35.15 -10.04 13.65
CA ARG C 271 34.63 -10.02 15.05
C ARG C 271 33.16 -9.58 15.03
N ALA C 272 32.85 -8.49 14.32
CA ALA C 272 31.48 -7.94 14.13
C ALA C 272 30.56 -9.06 13.60
N LEU C 273 31.05 -9.88 12.69
CA LEU C 273 30.30 -11.01 12.08
C LEU C 273 29.96 -12.05 13.16
N GLN C 274 30.91 -12.30 14.07
CA GLN C 274 30.73 -13.26 15.20
C GLN C 274 29.60 -12.72 16.10
N GLY C 275 29.70 -11.45 16.49
CA GLY C 275 28.71 -10.71 17.27
C GLY C 275 27.32 -10.79 16.66
N ALA C 276 27.22 -10.53 15.36
CA ALA C 276 25.95 -10.64 14.60
C ALA C 276 25.45 -12.07 14.71
N LEU C 277 26.32 -13.05 14.52
CA LEU C 277 25.89 -14.47 14.50
C LEU C 277 25.47 -14.88 15.91
N MET C 278 26.13 -14.31 16.93
CA MET C 278 25.79 -14.51 18.36
C MET C 278 24.34 -14.02 18.58
N ILE C 279 24.03 -12.81 18.13
CA ILE C 279 22.68 -12.19 18.29
C ILE C 279 21.65 -13.02 17.52
N TYR C 280 21.99 -13.56 16.34
CA TYR C 280 21.03 -14.37 15.54
C TYR C 280 20.66 -15.65 16.31
N PHE C 281 21.65 -16.41 16.78
CA PHE C 281 21.43 -17.74 17.39
C PHE C 281 20.80 -17.57 18.78
N TYR C 282 21.16 -16.53 19.52
CA TYR C 282 20.71 -16.31 20.92
C TYR C 282 19.75 -15.12 20.98
N ARG C 283 18.97 -14.90 19.90
CA ARG C 283 18.05 -13.73 19.74
C ARG C 283 16.96 -13.71 20.82
N GLU C 284 16.55 -14.85 21.36
CA GLU C 284 15.50 -14.93 22.38
C GLU C 284 16.03 -14.49 23.76
N GLU C 285 17.35 -14.48 23.99
CA GLU C 285 17.89 -14.05 25.31
C GLU C 285 17.52 -12.58 25.50
N PRO C 286 16.92 -12.20 26.65
CA PRO C 286 16.40 -10.84 26.84
C PRO C 286 17.29 -9.74 26.28
N ARG C 287 18.60 -9.78 26.53
CA ARG C 287 19.53 -8.68 26.13
C ARG C 287 19.74 -8.66 24.61
N PHE C 288 19.33 -9.71 23.89
CA PHE C 288 19.57 -9.86 22.42
C PHE C 288 18.27 -9.65 21.61
N GLN C 289 17.12 -9.55 22.29
CA GLN C 289 15.78 -9.44 21.64
C GLN C 289 15.75 -8.18 20.76
N VAL C 290 15.93 -7.01 21.35
CA VAL C 290 15.84 -5.74 20.60
C VAL C 290 17.06 -5.56 19.68
N PRO C 291 18.30 -5.91 20.10
CA PRO C 291 19.43 -5.98 19.15
C PRO C 291 19.13 -6.81 17.89
N PHE C 292 18.47 -7.96 18.03
CA PHE C 292 18.06 -8.80 16.89
C PHE C 292 17.11 -8.01 15.99
N GLN C 293 16.14 -7.32 16.59
CA GLN C 293 15.14 -6.47 15.88
C GLN C 293 15.91 -5.42 15.09
N LEU C 294 16.99 -4.88 15.66
CA LEU C 294 17.80 -3.83 15.01
C LEU C 294 18.47 -4.43 13.77
N LEU C 295 19.05 -5.63 13.87
CA LEU C 295 19.77 -6.29 12.76
C LEU C 295 18.76 -6.50 11.64
N THR C 296 17.56 -7.00 11.98
CA THR C 296 16.43 -7.21 11.03
C THR C 296 16.11 -5.89 10.32
N SER C 297 15.98 -4.78 11.05
CA SER C 297 15.62 -3.46 10.46
C SER C 297 16.76 -2.95 9.56
N LEU C 298 18.02 -3.23 9.88
CA LEU C 298 19.17 -2.78 9.04
C LEU C 298 19.08 -3.47 7.68
N MET C 299 18.74 -4.76 7.69
CA MET C 299 18.47 -5.54 6.46
C MET C 299 17.24 -4.96 5.74
N ASP C 300 16.17 -4.60 6.47
CA ASP C 300 14.94 -4.01 5.89
C ASP C 300 15.29 -2.76 5.09
N ILE C 301 16.16 -1.93 5.65
CA ILE C 301 16.55 -0.63 5.04
C ILE C 301 17.35 -0.89 3.74
N ASP C 302 18.17 -1.93 3.70
CA ASP C 302 18.89 -2.35 2.46
C ASP C 302 17.87 -2.85 1.44
N SER C 303 16.96 -3.76 1.84
CA SER C 303 15.90 -4.28 0.94
C SER C 303 15.10 -3.12 0.37
N LEU C 304 14.71 -2.14 1.19
CA LEU C 304 13.80 -1.05 0.75
C LEU C 304 14.56 -0.03 -0.12
N MET C 305 15.84 0.19 0.15
CA MET C 305 16.66 1.10 -0.69
C MET C 305 16.82 0.49 -2.09
N THR C 306 16.99 -0.84 -2.20
CA THR C 306 17.18 -1.54 -3.48
C THR C 306 15.82 -1.57 -4.19
N LYS C 307 14.74 -1.78 -3.42
CA LYS C 307 13.35 -1.74 -3.96
C LYS C 307 13.06 -0.35 -4.54
N TRP C 308 13.54 0.70 -3.88
CA TRP C 308 13.42 2.08 -4.37
C TRP C 308 14.18 2.20 -5.69
N ARG C 309 15.39 1.64 -5.76
CA ARG C 309 16.24 1.70 -6.99
C ARG C 309 15.47 0.98 -8.12
N TYR C 310 14.86 -0.17 -7.84
CA TYR C 310 14.18 -0.99 -8.88
C TYR C 310 12.89 -0.33 -9.35
N ASN C 311 12.06 0.18 -8.42
CA ASN C 311 10.79 0.86 -8.80
C ASN C 311 11.12 2.08 -9.65
N HIS C 312 12.23 2.80 -9.34
CA HIS C 312 12.75 3.94 -10.14
C HIS C 312 13.04 3.44 -11.57
N VAL C 313 13.84 2.38 -11.68
CA VAL C 313 14.21 1.70 -12.97
C VAL C 313 12.95 1.35 -13.78
N CYS C 314 11.98 0.62 -13.18
CA CYS C 314 10.75 0.13 -13.88
C CYS C 314 10.00 1.32 -14.49
N MET C 315 9.95 2.45 -13.78
CA MET C 315 9.26 3.69 -14.25
C MET C 315 10.08 4.34 -15.38
N VAL C 316 11.40 4.44 -15.20
CA VAL C 316 12.30 5.14 -16.17
C VAL C 316 12.27 4.38 -17.51
N HIS C 317 12.21 3.04 -17.50
CA HIS C 317 12.04 2.20 -18.71
C HIS C 317 10.83 2.68 -19.52
N ARG C 318 9.67 2.84 -18.88
CA ARG C 318 8.43 3.30 -19.58
C ARG C 318 8.60 4.76 -20.04
N MET C 319 9.33 5.60 -19.28
CA MET C 319 9.36 7.05 -19.54
C MET C 319 10.29 7.36 -20.73
N LEU C 320 11.41 6.66 -20.86
CA LEU C 320 12.52 7.01 -21.79
C LEU C 320 12.80 5.87 -22.77
N GLY C 321 12.45 4.63 -22.42
CA GLY C 321 12.91 3.43 -23.14
C GLY C 321 14.43 3.33 -23.09
N SER C 322 15.07 3.28 -24.27
CA SER C 322 16.54 3.13 -24.45
C SER C 322 17.23 4.49 -24.62
N LYS C 323 16.48 5.61 -24.66
CA LYS C 323 17.06 6.97 -24.79
C LYS C 323 17.83 7.32 -23.51
N ALA C 324 18.86 8.15 -23.64
CA ALA C 324 19.80 8.56 -22.56
C ALA C 324 19.12 9.62 -21.68
N GLY C 325 19.49 9.66 -20.39
CA GLY C 325 18.96 10.64 -19.43
C GLY C 325 19.56 12.02 -19.64
N THR C 326 18.79 13.07 -19.31
CA THR C 326 19.20 14.50 -19.44
C THR C 326 20.45 14.76 -18.59
N GLY C 327 20.76 13.87 -17.64
CA GLY C 327 21.96 13.94 -16.79
C GLY C 327 23.22 13.57 -17.56
N GLY C 328 23.11 12.66 -18.54
CA GLY C 328 24.21 12.28 -19.44
C GLY C 328 24.40 10.77 -19.54
N SER C 329 24.07 10.03 -18.48
CA SER C 329 24.22 8.54 -18.39
C SER C 329 23.37 7.87 -19.48
N SER C 330 23.70 6.62 -19.85
CA SER C 330 22.88 5.76 -20.75
C SER C 330 21.45 5.74 -20.21
N GLY C 331 21.30 6.04 -18.91
CA GLY C 331 20.01 6.16 -18.22
C GLY C 331 19.57 4.82 -17.70
N TYR C 332 18.65 4.17 -18.41
CA TYR C 332 18.01 2.89 -18.03
C TYR C 332 19.09 1.89 -17.57
N HIS C 333 20.15 1.71 -18.36
CA HIS C 333 21.13 0.61 -18.16
C HIS C 333 22.02 0.90 -16.95
N TYR C 334 22.43 2.15 -16.73
CA TYR C 334 23.21 2.54 -15.52
C TYR C 334 22.39 2.24 -14.25
N LEU C 335 21.12 2.68 -14.20
CA LEU C 335 20.22 2.51 -13.03
C LEU C 335 20.02 1.01 -12.73
N ARG C 336 19.91 0.16 -13.76
CA ARG C 336 19.79 -1.32 -13.59
C ARG C 336 21.01 -1.83 -12.83
N SER C 337 22.19 -1.25 -13.10
CA SER C 337 23.47 -1.67 -12.48
C SER C 337 23.49 -1.33 -10.99
N THR C 338 22.78 -0.27 -10.56
CA THR C 338 22.73 0.15 -9.13
C THR C 338 21.90 -0.83 -8.30
N VAL C 339 21.10 -1.69 -8.94
CA VAL C 339 20.26 -2.73 -8.28
C VAL C 339 21.10 -4.00 -8.15
N SER C 340 22.16 -3.94 -7.34
CA SER C 340 23.08 -5.07 -7.08
C SER C 340 23.61 -4.97 -5.65
N ASP C 341 24.22 -6.06 -5.17
CA ASP C 341 24.77 -6.19 -3.80
C ASP C 341 25.96 -5.25 -3.62
N ARG C 342 26.46 -4.65 -4.71
CA ARG C 342 27.41 -3.50 -4.67
C ARG C 342 26.94 -2.45 -3.65
N TYR C 343 25.64 -2.13 -3.65
CA TYR C 343 25.03 -1.01 -2.88
C TYR C 343 24.31 -1.53 -1.63
N LYS C 344 24.36 -2.83 -1.35
CA LYS C 344 23.80 -3.46 -0.12
C LYS C 344 24.86 -3.40 1.00
N VAL C 345 24.82 -2.35 1.81
CA VAL C 345 25.78 -2.06 2.91
C VAL C 345 25.84 -3.23 3.89
N PHE C 346 24.69 -3.81 4.26
CA PHE C 346 24.56 -4.85 5.32
C PHE C 346 24.44 -6.24 4.69
N VAL C 347 25.05 -6.43 3.51
CA VAL C 347 25.06 -7.72 2.74
C VAL C 347 25.49 -8.88 3.64
N ASP C 348 26.46 -8.62 4.51
CA ASP C 348 26.98 -9.60 5.51
C ASP C 348 25.80 -10.21 6.27
N LEU C 349 24.81 -9.39 6.69
CA LEU C 349 23.69 -9.84 7.55
C LEU C 349 22.79 -10.78 6.74
N PHE C 350 22.53 -10.46 5.47
CA PHE C 350 21.80 -11.36 4.55
C PHE C 350 22.57 -12.68 4.41
N ASN C 351 23.89 -12.59 4.26
CA ASN C 351 24.73 -13.74 3.83
C ASN C 351 24.88 -14.76 4.96
N LEU C 352 24.77 -14.33 6.22
CA LEU C 352 24.88 -15.23 7.42
C LEU C 352 23.86 -16.37 7.33
N SER C 353 22.76 -16.18 6.58
CA SER C 353 21.74 -17.24 6.34
C SER C 353 22.37 -18.45 5.64
N THR C 354 23.47 -18.26 4.92
CA THR C 354 24.31 -19.36 4.33
C THR C 354 24.76 -20.34 5.43
N TYR C 355 25.11 -19.82 6.61
CA TYR C 355 25.84 -20.54 7.70
C TYR C 355 24.89 -20.97 8.83
N LEU C 356 23.60 -21.17 8.53
CA LEU C 356 22.63 -21.67 9.53
C LEU C 356 22.79 -23.18 9.69
N ILE C 357 22.61 -23.68 10.91
CA ILE C 357 22.89 -25.09 11.32
C ILE C 357 21.70 -25.61 12.11
N PRO C 358 21.57 -26.93 12.34
CA PRO C 358 20.53 -27.46 13.22
C PRO C 358 20.65 -26.91 14.66
N ARG C 359 19.51 -26.77 15.35
CA ARG C 359 19.42 -26.27 16.75
C ARG C 359 20.45 -26.98 17.62
N HIS C 360 20.50 -28.32 17.51
CA HIS C 360 21.32 -29.24 18.35
C HIS C 360 22.78 -28.74 18.41
N TRP C 361 23.28 -28.16 17.32
CA TRP C 361 24.71 -27.79 17.15
C TRP C 361 25.04 -26.47 17.84
N ILE C 362 24.07 -25.59 18.05
CA ILE C 362 24.33 -24.24 18.64
C ILE C 362 24.84 -24.46 20.06
N PRO C 363 26.01 -23.90 20.45
CA PRO C 363 26.52 -24.05 21.81
C PRO C 363 25.45 -23.73 22.87
N LYS C 364 25.04 -24.75 23.61
CA LYS C 364 24.06 -24.63 24.74
C LYS C 364 24.54 -23.52 25.67
N MET C 365 23.59 -22.77 26.23
CA MET C 365 23.86 -21.61 27.13
C MET C 365 24.00 -22.09 28.57
N ASN C 366 25.22 -22.01 29.11
CA ASN C 366 25.56 -22.31 30.52
C ASN C 366 24.68 -21.43 31.42
N PRO C 367 23.87 -22.02 32.33
CA PRO C 367 23.01 -21.24 33.23
C PRO C 367 23.58 -19.93 33.82
N THR C 368 24.90 -19.78 33.91
CA THR C 368 25.57 -18.55 34.42
C THR C 368 25.66 -17.49 33.31
N ILE C 369 25.77 -17.93 32.05
CA ILE C 369 25.88 -17.04 30.85
C ILE C 369 24.46 -16.54 30.51
N HIS C 370 23.47 -17.43 30.62
CA HIS C 370 22.01 -17.11 30.60
C HIS C 370 21.74 -15.89 31.49
N LYS C 371 22.29 -15.90 32.72
CA LYS C 371 22.05 -14.86 33.77
C LYS C 371 22.66 -13.52 33.33
N PHE C 372 23.81 -13.53 32.65
CA PHE C 372 24.46 -12.30 32.12
C PHE C 372 23.57 -11.65 31.04
N LEU C 373 22.83 -12.48 30.28
CA LEU C 373 22.00 -12.04 29.12
C LEU C 373 20.53 -11.79 29.54
N GLU C 374 20.25 -11.76 30.86
CA GLU C 374 18.96 -11.30 31.45
C GLU C 374 19.07 -9.80 31.77
N HIS C 375 17.94 -9.12 31.92
CA HIS C 375 17.90 -7.66 32.19
C HIS C 375 18.05 -7.39 33.70
N GLY D 23 23.53 26.13 -16.81
CA GLY D 23 22.67 24.91 -16.87
C GLY D 23 21.71 24.86 -15.68
N LEU D 24 20.48 24.40 -15.90
CA LEU D 24 19.47 24.20 -14.83
C LEU D 24 19.98 23.11 -13.88
N ILE D 25 19.92 23.36 -12.56
CA ILE D 25 20.39 22.40 -11.52
C ILE D 25 19.16 21.90 -10.74
N TYR D 26 19.10 20.59 -10.52
CA TYR D 26 18.08 19.86 -9.71
C TYR D 26 17.55 20.73 -8.57
N GLY D 27 18.42 21.08 -7.61
CA GLY D 27 18.06 21.84 -6.40
C GLY D 27 17.35 23.15 -6.72
N ASN D 28 17.81 23.87 -7.75
CA ASN D 28 17.28 25.22 -8.09
C ASN D 28 15.92 25.03 -8.76
N TYR D 29 15.82 24.04 -9.65
CA TYR D 29 14.58 23.69 -10.41
C TYR D 29 13.44 23.44 -9.42
N LEU D 30 13.72 22.64 -8.37
CA LEU D 30 12.73 22.22 -7.34
C LEU D 30 12.61 23.25 -6.21
N HIS D 31 13.37 24.35 -6.25
CA HIS D 31 13.41 25.39 -5.20
C HIS D 31 13.60 24.75 -3.80
N LEU D 32 14.58 23.86 -3.68
CA LEU D 32 14.91 23.17 -2.40
C LEU D 32 15.48 24.18 -1.40
N GLU D 33 16.01 25.33 -1.86
CA GLU D 33 16.45 26.44 -0.97
C GLU D 33 15.24 26.95 -0.16
N LYS D 34 14.02 26.75 -0.65
CA LYS D 34 12.77 27.05 0.09
C LYS D 34 12.27 25.79 0.83
N VAL D 35 12.11 24.68 0.11
CA VAL D 35 11.41 23.46 0.60
C VAL D 35 12.15 22.88 1.81
N LEU D 36 13.48 22.83 1.75
CA LEU D 36 14.34 22.19 2.78
C LEU D 36 14.92 23.23 3.74
N ASN D 37 14.37 24.44 3.79
CA ASN D 37 14.71 25.48 4.81
C ASN D 37 13.41 26.02 5.41
N ALA D 38 12.47 25.11 5.69
CA ALA D 38 11.08 25.42 6.12
C ALA D 38 10.74 24.60 7.37
N GLN D 39 11.76 24.08 8.04
CA GLN D 39 11.61 23.17 9.21
C GLN D 39 12.15 23.86 10.47
N GLU D 40 11.24 24.39 11.28
CA GLU D 40 11.55 25.07 12.56
C GLU D 40 10.78 24.39 13.69
N LEU D 41 11.47 23.59 14.50
CA LEU D 41 10.88 22.93 15.69
C LEU D 41 10.62 24.01 16.73
N GLN D 42 9.34 24.26 17.05
CA GLN D 42 8.91 25.22 18.09
C GLN D 42 9.52 24.84 19.45
N SER D 43 9.71 23.55 19.71
CA SER D 43 10.34 23.04 20.94
C SER D 43 11.79 23.54 21.02
N GLU D 44 12.53 23.53 19.89
CA GLU D 44 13.93 24.00 19.81
C GLU D 44 13.97 25.53 19.89
N THR D 45 13.08 26.20 19.16
CA THR D 45 12.90 27.68 19.21
C THR D 45 12.72 28.15 20.67
N LYS D 46 12.10 27.33 21.53
CA LYS D 46 11.84 27.66 22.95
C LYS D 46 12.81 26.91 23.86
N GLY D 47 13.97 26.49 23.36
CA GLY D 47 15.10 26.00 24.18
C GLY D 47 14.96 24.57 24.68
N ASN D 48 14.00 23.79 24.15
CA ASN D 48 13.72 22.41 24.61
C ASN D 48 13.42 21.47 23.41
N LYS D 49 14.35 21.37 22.46
CA LYS D 49 14.19 20.58 21.20
C LYS D 49 13.67 19.17 21.52
N ILE D 50 12.55 18.77 20.90
CA ILE D 50 12.00 17.39 20.98
C ILE D 50 12.12 16.73 19.60
N HIS D 51 12.88 15.64 19.53
CA HIS D 51 13.28 14.96 18.27
C HIS D 51 12.06 14.74 17.36
N ASP D 52 10.95 14.21 17.87
CA ASP D 52 9.82 13.72 17.01
C ASP D 52 9.05 14.89 16.39
N GLU D 53 9.23 16.13 16.88
CA GLU D 53 8.52 17.29 16.29
C GLU D 53 8.94 17.44 14.81
N HIS D 54 10.17 17.09 14.46
CA HIS D 54 10.65 17.15 13.06
C HIS D 54 9.74 16.27 12.18
N LEU D 55 9.46 15.03 12.59
CA LEU D 55 8.53 14.12 11.88
C LEU D 55 7.16 14.78 11.71
N PHE D 56 6.65 15.38 12.77
CA PHE D 56 5.32 16.02 12.78
C PHE D 56 5.30 17.11 11.69
N ILE D 57 6.39 17.87 11.57
CA ILE D 57 6.46 19.02 10.61
C ILE D 57 6.53 18.47 9.17
N ILE D 58 7.48 17.58 8.87
CA ILE D 58 7.67 17.02 7.50
C ILE D 58 6.35 16.34 7.06
N THR D 59 5.68 15.62 7.97
CA THR D 59 4.44 14.86 7.65
C THR D 59 3.42 15.84 7.10
N HIS D 60 3.14 16.93 7.83
CA HIS D 60 2.14 17.96 7.42
C HIS D 60 2.58 18.64 6.12
N GLN D 61 3.86 18.92 5.94
CA GLN D 61 4.40 19.61 4.73
C GLN D 61 4.18 18.71 3.51
N ALA D 62 4.36 17.41 3.65
CA ALA D 62 4.16 16.43 2.56
C ALA D 62 2.68 16.41 2.19
N TYR D 63 1.76 16.37 3.19
CA TYR D 63 0.29 16.41 2.96
C TYR D 63 -0.05 17.67 2.16
N GLU D 64 0.53 18.81 2.56
CA GLU D 64 0.21 20.13 1.95
C GLU D 64 0.72 20.19 0.50
N LEU D 65 1.93 19.68 0.22
CA LEU D 65 2.43 19.56 -1.18
C LEU D 65 1.39 18.79 -2.01
N TRP D 66 0.94 17.64 -1.49
CA TRP D 66 0.00 16.74 -2.21
C TRP D 66 -1.38 17.40 -2.33
N PHE D 67 -1.86 18.11 -1.30
CA PHE D 67 -3.11 18.92 -1.38
C PHE D 67 -2.97 19.90 -2.54
N LYS D 68 -1.81 20.54 -2.65
CA LYS D 68 -1.55 21.52 -3.73
C LYS D 68 -1.65 20.81 -5.08
N GLN D 69 -1.11 19.61 -5.21
CA GLN D 69 -1.17 18.85 -6.48
C GLN D 69 -2.63 18.51 -6.77
N ILE D 70 -3.40 18.10 -5.77
CA ILE D 70 -4.81 17.69 -5.96
C ILE D 70 -5.61 18.91 -6.45
N LEU D 71 -5.41 20.08 -5.85
CA LEU D 71 -6.11 21.32 -6.28
C LEU D 71 -5.71 21.68 -7.72
N TRP D 72 -4.45 21.45 -8.10
CA TRP D 72 -3.91 21.69 -9.47
C TRP D 72 -4.70 20.84 -10.48
N GLU D 73 -4.91 19.54 -10.18
CA GLU D 73 -5.66 18.61 -11.05
C GLU D 73 -7.13 19.02 -11.05
N LEU D 74 -7.69 19.13 -9.86
CA LEU D 74 -9.12 19.40 -9.61
C LEU D 74 -9.54 20.71 -10.29
N ASP D 75 -8.74 21.78 -10.16
CA ASP D 75 -9.00 23.07 -10.84
C ASP D 75 -8.91 22.90 -12.35
N SER D 76 -7.91 22.19 -12.89
CA SER D 76 -7.80 21.94 -14.35
C SER D 76 -9.09 21.28 -14.86
N VAL D 77 -9.63 20.34 -14.10
CA VAL D 77 -10.79 19.52 -14.54
C VAL D 77 -12.05 20.39 -14.45
N ARG D 78 -12.23 21.12 -13.35
CA ARG D 78 -13.34 22.11 -13.20
C ARG D 78 -13.36 23.03 -14.43
N GLU D 79 -12.19 23.50 -14.84
CA GLU D 79 -12.03 24.49 -15.93
C GLU D 79 -12.43 23.84 -17.26
N ILE D 80 -12.09 22.57 -17.48
CA ILE D 80 -12.44 21.82 -18.71
C ILE D 80 -13.97 21.71 -18.82
N PHE D 81 -14.66 21.43 -17.71
CA PHE D 81 -16.14 21.40 -17.66
C PHE D 81 -16.65 22.82 -17.96
N GLN D 82 -16.05 23.82 -17.32
CA GLN D 82 -16.65 25.19 -17.24
C GLN D 82 -16.50 25.91 -18.58
N ASN D 83 -15.36 25.79 -19.25
CA ASN D 83 -15.06 26.48 -20.54
C ASN D 83 -15.70 25.72 -21.71
N GLY D 84 -16.55 24.73 -21.45
CA GLY D 84 -17.27 23.94 -22.48
C GLY D 84 -16.40 22.96 -23.24
N HIS D 85 -15.13 22.77 -22.86
CA HIS D 85 -14.19 21.84 -23.55
C HIS D 85 -14.63 20.39 -23.36
N VAL D 86 -15.34 20.08 -22.26
CA VAL D 86 -15.77 18.68 -21.93
C VAL D 86 -16.80 18.19 -22.97
N ARG D 87 -17.48 19.11 -23.66
CA ARG D 87 -18.48 18.77 -24.72
C ARG D 87 -17.80 17.98 -25.84
N ASP D 88 -16.52 18.27 -26.11
CA ASP D 88 -15.72 17.51 -27.10
C ASP D 88 -15.17 16.25 -26.41
N GLU D 89 -15.66 15.09 -26.83
CA GLU D 89 -15.47 13.80 -26.11
C GLU D 89 -14.01 13.34 -26.22
N ARG D 90 -13.18 14.00 -27.04
CA ARG D 90 -11.73 13.73 -27.10
C ARG D 90 -11.06 14.14 -25.78
N ASN D 91 -11.70 14.99 -24.97
CA ASN D 91 -11.12 15.51 -23.70
C ASN D 91 -11.43 14.55 -22.53
N MET D 92 -12.22 13.50 -22.76
CA MET D 92 -12.65 12.60 -21.66
C MET D 92 -11.45 11.82 -21.10
N LEU D 93 -10.49 11.40 -21.93
CA LEU D 93 -9.33 10.59 -21.45
C LEU D 93 -8.58 11.43 -20.42
N LYS D 94 -8.36 12.71 -20.73
CA LYS D 94 -7.59 13.66 -19.90
C LYS D 94 -8.37 13.91 -18.58
N VAL D 95 -9.69 14.08 -18.66
CA VAL D 95 -10.55 14.32 -17.46
C VAL D 95 -10.44 13.11 -16.53
N VAL D 96 -10.56 11.91 -17.09
CA VAL D 96 -10.62 10.67 -16.27
C VAL D 96 -9.22 10.34 -15.74
N SER D 97 -8.17 10.59 -16.53
CA SER D 97 -6.76 10.41 -16.08
C SER D 97 -6.46 11.33 -14.89
N ARG D 98 -6.93 12.57 -14.91
CA ARG D 98 -6.61 13.52 -13.82
C ARG D 98 -7.41 13.17 -12.57
N MET D 99 -8.66 12.73 -12.72
CA MET D 99 -9.53 12.37 -11.58
C MET D 99 -9.01 11.06 -10.97
N HIS D 100 -8.62 10.11 -11.79
CA HIS D 100 -7.93 8.87 -11.34
C HIS D 100 -6.63 9.21 -10.59
N ARG D 101 -5.81 10.10 -11.14
CA ARG D 101 -4.57 10.58 -10.47
C ARG D 101 -4.90 11.19 -9.09
N VAL D 102 -5.99 11.94 -8.95
CA VAL D 102 -6.41 12.46 -7.61
C VAL D 102 -6.65 11.26 -6.66
N SER D 103 -7.36 10.23 -7.10
CA SER D 103 -7.62 9.03 -6.27
C SER D 103 -6.30 8.35 -5.91
N VAL D 104 -5.30 8.29 -6.82
CA VAL D 104 -4.00 7.63 -6.54
C VAL D 104 -3.22 8.41 -5.47
N ILE D 105 -3.19 9.74 -5.57
CA ILE D 105 -2.57 10.64 -4.54
C ILE D 105 -3.31 10.43 -3.20
N LEU D 106 -4.64 10.48 -3.19
CA LEU D 106 -5.44 10.31 -1.95
C LEU D 106 -5.12 8.96 -1.30
N LYS D 107 -4.95 7.90 -2.10
CA LYS D 107 -4.53 6.57 -1.61
C LYS D 107 -3.19 6.69 -0.87
N LEU D 108 -2.21 7.39 -1.44
CA LEU D 108 -0.91 7.58 -0.76
C LEU D 108 -1.12 8.35 0.54
N LEU D 109 -1.94 9.40 0.52
CA LEU D 109 -2.19 10.25 1.71
C LEU D 109 -2.84 9.44 2.84
N VAL D 110 -3.71 8.49 2.51
CA VAL D 110 -4.31 7.54 3.49
C VAL D 110 -3.17 6.70 4.08
N GLN D 111 -2.28 6.17 3.24
CA GLN D 111 -1.15 5.28 3.67
C GLN D 111 -0.14 6.08 4.50
N GLN D 112 -0.01 7.37 4.22
CA GLN D 112 1.00 8.27 4.84
C GLN D 112 0.79 8.39 6.36
N PHE D 113 -0.42 8.17 6.87
CA PHE D 113 -0.64 8.18 8.35
C PHE D 113 0.24 7.13 9.05
N SER D 114 0.56 6.03 8.36
CA SER D 114 1.44 4.95 8.89
C SER D 114 2.74 5.55 9.43
N ILE D 115 3.25 6.60 8.79
CA ILE D 115 4.57 7.21 9.18
C ILE D 115 4.39 7.95 10.52
N LEU D 116 3.35 8.76 10.64
CA LEU D 116 3.14 9.56 11.87
C LEU D 116 2.74 8.62 13.01
N GLU D 117 2.24 7.43 12.71
CA GLU D 117 1.89 6.44 13.75
C GLU D 117 3.15 5.83 14.39
N THR D 118 4.34 6.04 13.83
CA THR D 118 5.63 5.60 14.46
C THR D 118 6.01 6.55 15.61
N MET D 119 5.27 7.65 15.78
CA MET D 119 5.41 8.58 16.93
C MET D 119 4.46 8.11 18.04
N THR D 120 4.98 7.79 19.21
CA THR D 120 4.15 7.40 20.40
C THR D 120 3.40 8.64 20.89
N ALA D 121 2.26 8.44 21.56
CA ALA D 121 1.50 9.48 22.29
C ALA D 121 2.37 10.16 23.36
N LEU D 122 3.21 9.39 24.05
CA LEU D 122 4.15 9.88 25.10
C LEU D 122 5.15 10.87 24.49
N ASP D 123 5.78 10.52 23.37
CA ASP D 123 6.74 11.41 22.67
C ASP D 123 5.99 12.62 22.10
N PHE D 124 4.80 12.42 21.55
CA PHE D 124 3.98 13.55 21.02
C PHE D 124 3.66 14.51 22.17
N ASN D 125 3.35 13.96 23.35
CA ASN D 125 3.04 14.75 24.56
C ASN D 125 4.20 15.67 24.94
N ASP D 126 5.45 15.35 24.57
CA ASP D 126 6.62 16.17 24.98
C ASP D 126 6.74 17.46 24.16
N PHE D 127 6.01 17.61 23.05
CA PHE D 127 6.10 18.88 22.27
C PHE D 127 4.73 19.47 21.93
N ARG D 128 3.61 18.82 22.21
CA ARG D 128 2.30 19.33 21.72
C ARG D 128 1.95 20.69 22.35
N GLU D 129 2.46 21.00 23.55
CA GLU D 129 2.17 22.28 24.26
C GLU D 129 2.66 23.46 23.40
N TYR D 130 3.77 23.28 22.69
CA TYR D 130 4.44 24.31 21.85
C TYR D 130 3.67 24.59 20.56
N LEU D 131 2.67 23.77 20.21
CA LEU D 131 1.85 23.93 18.97
C LEU D 131 0.64 24.83 19.23
N SER D 132 0.11 24.81 20.45
CA SER D 132 -1.15 25.51 20.81
C SER D 132 -1.04 26.99 20.42
N PRO D 133 -2.08 27.62 19.83
CA PRO D 133 -3.37 26.98 19.53
C PRO D 133 -3.61 26.60 18.06
N ALA D 134 -2.53 26.39 17.28
CA ALA D 134 -2.57 25.98 15.85
C ALA D 134 -3.27 24.62 15.72
N SER D 135 -3.99 24.38 14.61
CA SER D 135 -4.54 23.04 14.28
C SER D 135 -4.72 22.87 12.77
N GLY D 136 -4.93 21.62 12.35
CA GLY D 136 -5.29 21.24 10.97
C GLY D 136 -6.53 21.97 10.52
N PHE D 137 -7.33 22.48 11.46
CA PHE D 137 -8.53 23.31 11.17
C PHE D 137 -8.14 24.53 10.32
N GLN D 138 -6.88 24.96 10.41
CA GLN D 138 -6.36 26.18 9.73
C GLN D 138 -5.70 25.83 8.38
N SER D 139 -5.81 24.59 7.88
CA SER D 139 -5.29 24.24 6.53
C SER D 139 -6.19 24.88 5.49
N LEU D 140 -5.75 26.00 4.91
CA LEU D 140 -6.40 26.66 3.76
C LEU D 140 -6.69 25.62 2.66
N GLN D 141 -5.67 24.85 2.27
CA GLN D 141 -5.76 23.94 1.10
C GLN D 141 -6.82 22.85 1.34
N PHE D 142 -6.85 22.24 2.54
CA PHE D 142 -7.86 21.20 2.88
C PHE D 142 -9.28 21.74 2.67
N ARG D 143 -9.52 22.98 3.08
CA ARG D 143 -10.86 23.63 2.95
C ARG D 143 -11.13 23.92 1.48
N LEU D 144 -10.16 24.47 0.75
CA LEU D 144 -10.29 24.70 -0.72
C LEU D 144 -10.70 23.38 -1.40
N LEU D 145 -10.00 22.29 -1.09
CA LEU D 145 -10.27 20.93 -1.65
C LEU D 145 -11.72 20.51 -1.34
N GLU D 146 -12.13 20.58 -0.09
CA GLU D 146 -13.51 20.25 0.34
C GLU D 146 -14.50 21.08 -0.48
N ASN D 147 -14.28 22.40 -0.60
CA ASN D 147 -15.23 23.32 -1.26
C ASN D 147 -15.26 23.03 -2.75
N LYS D 148 -14.09 22.87 -3.37
CA LYS D 148 -13.99 22.72 -4.84
C LYS D 148 -14.61 21.38 -5.27
N ILE D 149 -14.54 20.33 -4.44
CA ILE D 149 -15.23 19.03 -4.73
C ILE D 149 -16.74 19.28 -4.60
N GLY D 150 -17.14 19.97 -3.53
CA GLY D 150 -18.51 20.50 -3.39
C GLY D 150 -19.14 20.24 -2.02
N VAL D 151 -18.35 20.19 -0.95
CA VAL D 151 -18.90 20.17 0.44
C VAL D 151 -19.62 21.50 0.67
N LEU D 152 -20.91 21.45 1.06
CA LEU D 152 -21.72 22.68 1.26
C LEU D 152 -21.55 23.20 2.69
N GLN D 153 -21.29 24.50 2.83
CA GLN D 153 -21.27 25.25 4.11
C GLN D 153 -22.49 24.82 4.95
N ASN D 154 -23.70 24.87 4.37
CA ASN D 154 -24.99 24.42 4.96
C ASN D 154 -24.86 23.13 5.76
N MET D 155 -24.10 22.16 5.25
CA MET D 155 -24.17 20.73 5.64
C MET D 155 -23.00 20.35 6.56
N ARG D 156 -22.02 21.23 6.76
CA ARG D 156 -20.84 20.94 7.63
C ARG D 156 -21.29 20.85 9.08
N VAL D 157 -20.78 19.87 9.83
CA VAL D 157 -20.90 19.86 11.32
C VAL D 157 -20.21 21.13 11.83
N PRO D 158 -20.87 21.98 12.65
CA PRO D 158 -20.21 23.16 13.22
C PRO D 158 -19.28 22.67 14.32
N TYR D 159 -18.10 23.28 14.46
CA TYR D 159 -17.17 23.01 15.58
C TYR D 159 -17.23 24.21 16.53
N ASN D 160 -17.47 23.96 17.82
CA ASN D 160 -17.50 25.03 18.83
C ASN D 160 -18.54 26.08 18.39
N ARG D 161 -19.66 25.61 17.84
CA ARG D 161 -20.84 26.42 17.46
C ARG D 161 -20.47 27.49 16.44
N ARG D 162 -19.47 27.26 15.58
CA ARG D 162 -18.99 28.32 14.65
C ARG D 162 -18.67 27.78 13.25
N HIS D 163 -18.74 28.68 12.29
CA HIS D 163 -18.44 28.51 10.84
C HIS D 163 -16.93 28.18 10.69
N TYR D 164 -16.58 27.19 9.87
CA TYR D 164 -15.18 26.74 9.64
C TYR D 164 -14.31 27.93 9.18
N ARG D 165 -14.91 28.90 8.48
CA ARG D 165 -14.18 30.02 7.81
C ARG D 165 -13.72 31.10 8.80
N ASP D 166 -14.22 31.09 10.05
CA ASP D 166 -13.79 32.04 11.12
C ASP D 166 -12.28 31.92 11.31
N ASN D 167 -11.78 30.67 11.35
CA ASN D 167 -10.34 30.32 11.55
C ASN D 167 -9.44 30.98 10.49
N PHE D 168 -10.00 31.74 9.55
CA PHE D 168 -9.25 32.39 8.43
C PHE D 168 -9.62 33.86 8.31
N LYS D 169 -8.64 34.68 7.91
CA LYS D 169 -8.78 36.16 7.84
C LYS D 169 -8.12 36.64 6.54
N GLY D 170 -8.41 37.89 6.13
CA GLY D 170 -7.79 38.56 4.97
C GLY D 170 -7.99 37.78 3.68
N GLU D 171 -6.93 37.70 2.85
CA GLU D 171 -6.91 37.01 1.52
C GLU D 171 -7.39 35.56 1.64
N GLU D 172 -6.89 34.82 2.64
CA GLU D 172 -7.24 33.39 2.84
C GLU D 172 -8.75 33.26 3.02
N ASN D 173 -9.36 34.18 3.79
CA ASN D 173 -10.83 34.18 4.03
C ASN D 173 -11.55 34.40 2.71
N GLU D 174 -11.05 35.30 1.86
CA GLU D 174 -11.70 35.68 0.57
C GLU D 174 -11.55 34.51 -0.41
N LEU D 175 -10.35 33.95 -0.50
CA LEU D 175 -10.04 32.79 -1.37
C LEU D 175 -11.03 31.66 -1.07
N LEU D 176 -11.41 31.48 0.21
CA LEU D 176 -12.35 30.42 0.65
C LEU D 176 -13.78 30.77 0.25
N LEU D 177 -14.18 32.04 0.32
CA LEU D 177 -15.52 32.49 -0.17
C LEU D 177 -15.64 32.13 -1.64
N LYS D 178 -14.68 32.60 -2.44
CA LYS D 178 -14.57 32.29 -3.89
C LYS D 178 -14.74 30.78 -4.11
N SER D 179 -14.03 29.95 -3.35
CA SER D 179 -14.08 28.47 -3.46
C SER D 179 -15.52 27.98 -3.19
N GLU D 180 -16.27 28.62 -2.28
CA GLU D 180 -17.66 28.20 -1.94
C GLU D 180 -18.64 28.64 -3.03
N GLN D 181 -18.38 29.81 -3.66
CA GLN D 181 -19.31 30.50 -4.59
C GLN D 181 -19.08 30.03 -6.03
N GLU D 182 -17.82 29.85 -6.43
CA GLU D 182 -17.45 29.35 -7.78
C GLU D 182 -18.05 27.95 -7.99
N LYS D 183 -18.30 27.56 -9.24
CA LYS D 183 -18.89 26.24 -9.58
C LYS D 183 -18.02 25.12 -9.03
N THR D 184 -18.62 24.16 -8.33
CA THR D 184 -17.93 23.00 -7.70
C THR D 184 -17.87 21.85 -8.71
N LEU D 185 -16.99 20.89 -8.48
CA LEU D 185 -16.96 19.66 -9.31
C LEU D 185 -18.39 19.11 -9.42
N LEU D 186 -19.10 19.00 -8.30
CA LEU D 186 -20.49 18.48 -8.20
C LEU D 186 -21.37 19.22 -9.22
N GLU D 187 -21.32 20.56 -9.20
CA GLU D 187 -22.19 21.40 -10.06
C GLU D 187 -21.84 21.18 -11.54
N LEU D 188 -20.55 21.04 -11.85
CA LEU D 188 -20.10 20.93 -13.27
C LEU D 188 -20.43 19.53 -13.81
N VAL D 189 -20.24 18.50 -13.00
CA VAL D 189 -20.61 17.10 -13.36
C VAL D 189 -22.15 17.03 -13.52
N GLU D 190 -22.90 17.58 -12.57
CA GLU D 190 -24.38 17.68 -12.62
C GLU D 190 -24.84 18.22 -14.00
N ALA D 191 -24.32 19.38 -14.41
CA ALA D 191 -24.72 20.06 -15.67
C ALA D 191 -24.44 19.13 -16.87
N TRP D 192 -23.27 18.49 -16.87
CA TRP D 192 -22.83 17.56 -17.93
C TRP D 192 -23.77 16.34 -17.95
N LEU D 193 -24.11 15.81 -16.76
CA LEU D 193 -25.04 14.65 -16.61
C LEU D 193 -26.42 14.98 -17.20
N GLU D 194 -26.83 16.25 -17.13
CA GLU D 194 -28.16 16.72 -17.59
C GLU D 194 -28.24 16.62 -19.12
N ARG D 195 -27.12 16.78 -19.84
CA ARG D 195 -27.07 16.67 -21.32
C ARG D 195 -26.70 15.25 -21.76
N THR D 196 -26.79 14.26 -20.89
CA THR D 196 -26.45 12.86 -21.29
C THR D 196 -27.37 12.47 -22.44
N PRO D 197 -26.83 12.05 -23.61
CA PRO D 197 -27.67 11.59 -24.72
C PRO D 197 -28.54 10.40 -24.29
N GLY D 198 -29.79 10.38 -24.76
CA GLY D 198 -30.75 9.28 -24.53
C GLY D 198 -31.90 9.68 -23.61
N LEU D 199 -31.76 10.80 -22.88
CA LEU D 199 -32.79 11.24 -21.91
C LEU D 199 -33.94 11.93 -22.64
N GLU D 200 -33.76 12.30 -23.91
CA GLU D 200 -34.71 13.16 -24.67
C GLU D 200 -36.07 12.46 -24.73
N PRO D 201 -37.12 13.03 -24.08
CA PRO D 201 -38.47 12.49 -24.14
C PRO D 201 -38.87 12.11 -25.57
N HIS D 202 -38.56 12.97 -26.55
CA HIS D 202 -38.93 12.82 -27.99
C HIS D 202 -37.83 12.05 -28.73
N GLY D 203 -36.92 11.37 -28.01
CA GLY D 203 -35.78 10.61 -28.58
C GLY D 203 -35.80 9.16 -28.11
N PHE D 204 -34.69 8.65 -27.55
CA PHE D 204 -34.63 7.29 -26.95
C PHE D 204 -35.57 7.21 -25.75
N ASN D 205 -35.82 8.31 -25.07
CA ASN D 205 -36.78 8.42 -23.93
C ASN D 205 -36.47 7.34 -22.89
N PHE D 206 -35.24 7.35 -22.37
CA PHE D 206 -34.75 6.36 -21.37
C PHE D 206 -35.75 6.23 -20.20
N TRP D 207 -36.16 7.35 -19.61
CA TRP D 207 -36.94 7.39 -18.34
C TRP D 207 -38.33 6.78 -18.55
N GLY D 208 -39.07 7.29 -19.54
CA GLY D 208 -40.36 6.71 -19.95
C GLY D 208 -40.24 5.21 -20.12
N LYS D 209 -39.30 4.76 -20.96
CA LYS D 209 -39.08 3.32 -21.25
C LYS D 209 -38.71 2.57 -19.97
N LEU D 210 -37.87 3.16 -19.11
CA LEU D 210 -37.37 2.48 -17.87
C LEU D 210 -38.55 2.23 -16.92
N GLU D 211 -39.43 3.22 -16.72
CA GLU D 211 -40.61 3.06 -15.83
C GLU D 211 -41.51 1.93 -16.34
N LYS D 212 -41.79 1.91 -17.65
CA LYS D 212 -42.60 0.85 -18.30
C LYS D 212 -41.96 -0.51 -18.01
N ASN D 213 -40.65 -0.68 -18.27
CA ASN D 213 -40.00 -2.01 -18.12
C ASN D 213 -40.02 -2.45 -16.65
N ILE D 214 -39.86 -1.50 -15.73
CA ILE D 214 -39.84 -1.78 -14.25
C ILE D 214 -41.26 -2.20 -13.82
N THR D 215 -42.30 -1.47 -14.23
CA THR D 215 -43.73 -1.87 -13.99
C THR D 215 -43.95 -3.31 -14.48
N ARG D 216 -43.57 -3.64 -15.71
CA ARG D 216 -43.71 -5.02 -16.28
C ARG D 216 -42.91 -6.01 -15.44
N GLY D 217 -41.63 -5.71 -15.18
CA GLY D 217 -40.74 -6.61 -14.43
C GLY D 217 -41.36 -6.99 -13.10
N LEU D 218 -41.92 -5.98 -12.41
CA LEU D 218 -42.54 -6.14 -11.08
C LEU D 218 -43.78 -7.04 -11.19
N GLU D 219 -44.67 -6.77 -12.14
CA GLU D 219 -45.90 -7.57 -12.39
C GLU D 219 -45.50 -9.02 -12.68
N GLU D 220 -44.55 -9.26 -13.57
CA GLU D 220 -44.11 -10.64 -13.92
C GLU D 220 -43.53 -11.33 -12.68
N GLU D 221 -42.81 -10.56 -11.85
CA GLU D 221 -42.20 -11.05 -10.59
C GLU D 221 -43.33 -11.44 -9.63
N PHE D 222 -44.33 -10.58 -9.47
CA PHE D 222 -45.49 -10.80 -8.57
C PHE D 222 -46.21 -12.12 -8.94
N ILE D 223 -46.37 -12.40 -10.24
CA ILE D 223 -47.06 -13.63 -10.74
C ILE D 223 -46.20 -14.86 -10.44
N ARG D 224 -44.89 -14.79 -10.63
CA ARG D 224 -43.97 -15.94 -10.35
C ARG D 224 -44.09 -16.33 -8.87
N ILE D 225 -44.22 -15.34 -7.98
CA ILE D 225 -44.27 -15.53 -6.50
C ILE D 225 -45.67 -16.03 -6.10
N GLN D 226 -46.72 -15.30 -6.50
CA GLN D 226 -48.14 -15.61 -6.18
C GLN D 226 -48.45 -17.08 -6.54
N ALA D 227 -47.59 -17.72 -7.35
CA ALA D 227 -47.62 -19.17 -7.67
C ALA D 227 -47.53 -19.99 -6.37
N SER D 231 -46.95 -21.17 1.75
CA SER D 231 -45.54 -21.50 2.12
C SER D 231 -44.94 -20.34 2.94
N GLU D 232 -43.86 -20.60 3.69
CA GLU D 232 -43.17 -19.60 4.54
C GLU D 232 -42.22 -18.77 3.66
N GLU D 233 -41.48 -19.44 2.78
CA GLU D 233 -40.61 -18.83 1.73
C GLU D 233 -41.41 -17.80 0.92
N LYS D 234 -42.72 -18.03 0.74
CA LYS D 234 -43.63 -17.20 -0.11
C LYS D 234 -43.95 -15.87 0.59
N GLU D 235 -44.37 -15.90 1.87
CA GLU D 235 -44.86 -14.71 2.62
C GLU D 235 -43.72 -13.73 2.89
N GLU D 236 -42.46 -14.20 2.92
CA GLU D 236 -41.25 -13.35 3.07
C GLU D 236 -40.99 -12.59 1.77
N GLN D 237 -40.96 -13.32 0.65
CA GLN D 237 -40.71 -12.78 -0.71
C GLN D 237 -41.78 -11.75 -1.09
N VAL D 238 -43.00 -11.88 -0.58
CA VAL D 238 -44.11 -10.90 -0.81
C VAL D 238 -43.78 -9.59 -0.08
N ALA D 239 -43.27 -9.68 1.15
CA ALA D 239 -42.82 -8.50 1.95
C ALA D 239 -41.60 -7.86 1.26
N GLU D 240 -40.58 -8.66 0.97
CA GLU D 240 -39.36 -8.24 0.21
C GLU D 240 -39.75 -7.63 -1.13
N PHE D 241 -40.57 -8.34 -1.92
CA PHE D 241 -41.08 -7.86 -3.24
C PHE D 241 -41.70 -6.47 -3.05
N GLN D 242 -42.54 -6.31 -2.03
CA GLN D 242 -43.29 -5.05 -1.74
C GLN D 242 -42.30 -3.95 -1.30
N LYS D 243 -41.22 -4.33 -0.60
CA LYS D 243 -40.09 -3.41 -0.29
C LYS D 243 -39.47 -2.94 -1.61
N GLN D 244 -38.97 -3.89 -2.41
CA GLN D 244 -38.25 -3.61 -3.68
C GLN D 244 -39.20 -2.85 -4.63
N LYS D 245 -40.50 -3.22 -4.64
CA LYS D 245 -41.52 -2.47 -5.39
C LYS D 245 -41.51 -1.02 -4.90
N GLU D 246 -41.75 -0.81 -3.60
CA GLU D 246 -41.84 0.55 -2.99
C GLU D 246 -40.63 1.37 -3.43
N VAL D 247 -39.44 0.80 -3.32
CA VAL D 247 -38.15 1.49 -3.57
C VAL D 247 -38.03 1.82 -5.06
N LEU D 248 -38.20 0.83 -5.95
CA LEU D 248 -38.01 1.06 -7.41
C LEU D 248 -38.97 2.16 -7.87
N LEU D 249 -40.23 2.14 -7.44
CA LEU D 249 -41.25 3.10 -7.98
C LEU D 249 -40.97 4.50 -7.43
N SER D 250 -40.38 4.65 -6.24
CA SER D 250 -40.05 5.96 -5.62
C SER D 250 -39.05 6.72 -6.50
N LEU D 251 -38.26 6.00 -7.29
CA LEU D 251 -37.29 6.55 -8.26
C LEU D 251 -37.98 7.53 -9.22
N PHE D 252 -39.25 7.27 -9.56
CA PHE D 252 -40.01 8.05 -10.58
C PHE D 252 -40.78 9.22 -9.94
N ASP D 253 -40.74 9.31 -8.61
CA ASP D 253 -41.37 10.39 -7.79
C ASP D 253 -40.47 11.63 -7.77
N GLU D 254 -40.59 12.51 -8.78
CA GLU D 254 -39.73 13.72 -8.90
C GLU D 254 -39.93 14.69 -7.72
N LYS D 255 -41.06 14.62 -7.00
CA LYS D 255 -41.36 15.53 -5.85
C LYS D 255 -40.61 15.05 -4.61
N ARG D 256 -40.64 13.76 -4.33
CA ARG D 256 -39.81 13.12 -3.27
C ARG D 256 -38.36 13.57 -3.50
N HIS D 257 -37.85 13.43 -4.73
CA HIS D 257 -36.45 13.79 -5.08
C HIS D 257 -36.18 15.26 -4.76
N GLU D 258 -36.98 16.20 -5.28
CA GLU D 258 -36.84 17.67 -5.04
C GLU D 258 -36.82 17.97 -3.53
N HIS D 259 -37.65 17.25 -2.76
CA HIS D 259 -37.78 17.39 -1.29
C HIS D 259 -36.47 16.97 -0.62
N LEU D 260 -35.88 15.84 -1.05
CA LEU D 260 -34.62 15.32 -0.47
C LEU D 260 -33.47 16.24 -0.87
N LEU D 261 -33.50 16.84 -2.06
CA LEU D 261 -32.53 17.91 -2.49
C LEU D 261 -32.46 18.98 -1.40
N SER D 262 -33.58 19.64 -1.13
CA SER D 262 -33.70 20.80 -0.20
C SER D 262 -33.17 20.41 1.20
N LYS D 263 -33.37 19.16 1.63
CA LYS D 263 -32.84 18.59 2.90
C LYS D 263 -31.39 18.07 2.73
N GLY D 264 -30.75 18.32 1.58
CA GLY D 264 -29.34 17.98 1.30
C GLY D 264 -29.03 16.50 1.39
N GLU D 265 -30.05 15.63 1.40
CA GLU D 265 -29.91 14.15 1.55
C GLU D 265 -29.65 13.57 0.15
N ARG D 266 -29.97 14.34 -0.89
CA ARG D 266 -29.53 14.12 -2.29
C ARG D 266 -28.93 15.44 -2.78
N ARG D 267 -28.06 15.39 -3.79
CA ARG D 267 -27.25 16.56 -4.21
C ARG D 267 -27.48 16.86 -5.69
N LEU D 268 -27.63 15.83 -6.52
CA LEU D 268 -27.82 16.01 -7.99
C LEU D 268 -29.30 16.31 -8.27
N SER D 269 -29.58 17.19 -9.24
CA SER D 269 -30.91 17.38 -9.88
C SER D 269 -31.44 16.03 -10.35
N TYR D 270 -32.77 15.91 -10.50
CA TYR D 270 -33.48 14.68 -10.94
C TYR D 270 -32.98 14.26 -12.32
N ARG D 271 -32.71 15.25 -13.18
CA ARG D 271 -32.28 15.03 -14.58
C ARG D 271 -30.84 14.49 -14.59
N ALA D 272 -29.94 15.08 -13.77
CA ALA D 272 -28.53 14.63 -13.65
C ALA D 272 -28.52 13.16 -13.23
N LEU D 273 -29.39 12.83 -12.27
CA LEU D 273 -29.59 11.45 -11.76
C LEU D 273 -29.95 10.50 -12.91
N GLN D 274 -30.89 10.91 -13.78
CA GLN D 274 -31.32 10.11 -14.96
C GLN D 274 -30.08 9.87 -15.86
N GLY D 275 -29.31 10.91 -16.14
CA GLY D 275 -28.05 10.84 -16.92
C GLY D 275 -27.06 9.85 -16.33
N ALA D 276 -26.87 9.87 -15.02
CA ALA D 276 -25.96 8.94 -14.30
C ALA D 276 -26.44 7.50 -14.49
N LEU D 277 -27.75 7.26 -14.30
CA LEU D 277 -28.36 5.91 -14.43
C LEU D 277 -28.24 5.42 -15.88
N MET D 278 -28.36 6.33 -16.84
CA MET D 278 -28.22 6.05 -18.29
C MET D 278 -26.79 5.54 -18.55
N ILE D 279 -25.79 6.19 -17.95
CA ILE D 279 -24.34 5.82 -18.08
C ILE D 279 -24.11 4.46 -17.41
N TYR D 280 -24.62 4.23 -16.19
CA TYR D 280 -24.49 2.93 -15.47
C TYR D 280 -25.01 1.79 -16.36
N PHE D 281 -26.24 1.93 -16.84
CA PHE D 281 -26.95 0.83 -17.53
C PHE D 281 -26.32 0.59 -18.91
N TYR D 282 -25.89 1.66 -19.60
CA TYR D 282 -25.40 1.54 -21.00
C TYR D 282 -23.88 1.75 -21.09
N ARG D 283 -23.17 1.51 -19.99
CA ARG D 283 -21.73 1.81 -19.81
C ARG D 283 -20.90 1.16 -20.92
N GLU D 284 -21.27 -0.03 -21.39
CA GLU D 284 -20.51 -0.75 -22.45
C GLU D 284 -20.67 -0.05 -23.81
N GLU D 285 -21.74 0.74 -24.02
CA GLU D 285 -21.86 1.54 -25.26
C GLU D 285 -20.61 2.42 -25.34
N PRO D 286 -19.86 2.41 -26.47
CA PRO D 286 -18.61 3.15 -26.59
C PRO D 286 -18.58 4.58 -26.08
N ARG D 287 -19.61 5.37 -26.36
CA ARG D 287 -19.66 6.80 -25.95
C ARG D 287 -19.84 6.90 -24.43
N PHE D 288 -20.24 5.82 -23.76
CA PHE D 288 -20.50 5.81 -22.29
C PHE D 288 -19.37 5.11 -21.53
N GLN D 289 -18.39 4.48 -22.20
CA GLN D 289 -17.32 3.70 -21.52
C GLN D 289 -16.51 4.63 -20.60
N VAL D 290 -15.98 5.71 -21.13
CA VAL D 290 -15.08 6.61 -20.35
C VAL D 290 -15.93 7.44 -19.39
N PRO D 291 -17.12 7.97 -19.77
CA PRO D 291 -18.04 8.54 -18.78
C PRO D 291 -18.33 7.64 -17.57
N PHE D 292 -18.50 6.32 -17.76
CA PHE D 292 -18.71 5.40 -16.62
C PHE D 292 -17.43 5.35 -15.74
N GLN D 293 -16.23 5.36 -16.33
CA GLN D 293 -14.95 5.41 -15.57
C GLN D 293 -14.91 6.69 -14.73
N LEU D 294 -15.31 7.83 -15.30
CA LEU D 294 -15.38 9.12 -14.55
C LEU D 294 -16.29 8.96 -13.31
N LEU D 295 -17.50 8.42 -13.47
CA LEU D 295 -18.46 8.32 -12.33
C LEU D 295 -17.85 7.42 -11.27
N THR D 296 -17.20 6.33 -11.67
CA THR D 296 -16.46 5.42 -10.77
C THR D 296 -15.37 6.22 -10.03
N SER D 297 -14.57 7.03 -10.73
CA SER D 297 -13.48 7.82 -10.10
C SER D 297 -14.07 8.83 -9.10
N LEU D 298 -15.24 9.40 -9.38
CA LEU D 298 -15.87 10.38 -8.47
C LEU D 298 -16.24 9.65 -7.17
N MET D 299 -16.82 8.45 -7.26
CA MET D 299 -17.12 7.67 -6.04
C MET D 299 -15.79 7.33 -5.33
N ASP D 300 -14.75 6.98 -6.09
CA ASP D 300 -13.40 6.66 -5.57
C ASP D 300 -12.87 7.81 -4.70
N ILE D 301 -12.99 9.04 -5.18
CA ILE D 301 -12.49 10.25 -4.46
C ILE D 301 -13.29 10.44 -3.16
N ASP D 302 -14.61 10.30 -3.23
CA ASP D 302 -15.50 10.38 -2.04
C ASP D 302 -15.06 9.35 -1.01
N SER D 303 -14.90 8.10 -1.44
CA SER D 303 -14.53 6.98 -0.55
C SER D 303 -13.15 7.23 0.06
N LEU D 304 -12.21 7.79 -0.72
CA LEU D 304 -10.82 8.00 -0.25
C LEU D 304 -10.74 9.24 0.66
N MET D 305 -11.54 10.26 0.43
CA MET D 305 -11.63 11.42 1.34
C MET D 305 -12.11 10.93 2.72
N THR D 306 -13.11 10.06 2.75
CA THR D 306 -13.70 9.54 4.01
C THR D 306 -12.69 8.63 4.70
N LYS D 307 -11.94 7.82 3.94
CA LYS D 307 -10.89 6.95 4.52
C LYS D 307 -9.80 7.84 5.11
N TRP D 308 -9.46 8.95 4.44
CA TRP D 308 -8.53 9.95 4.99
C TRP D 308 -9.06 10.42 6.35
N ARG D 309 -10.33 10.81 6.41
CA ARG D 309 -10.96 11.36 7.65
C ARG D 309 -10.93 10.29 8.75
N TYR D 310 -11.17 9.01 8.40
CA TYR D 310 -11.20 7.89 9.36
C TYR D 310 -9.78 7.57 9.86
N ASN D 311 -8.77 7.50 8.99
CA ASN D 311 -7.39 7.14 9.43
C ASN D 311 -6.89 8.23 10.38
N HIS D 312 -7.22 9.49 10.09
CA HIS D 312 -6.91 10.67 10.93
C HIS D 312 -7.48 10.42 12.34
N VAL D 313 -8.78 10.11 12.41
CA VAL D 313 -9.55 9.74 13.64
C VAL D 313 -8.82 8.62 14.40
N CYS D 314 -8.48 7.50 13.75
CA CYS D 314 -7.89 6.31 14.41
C CYS D 314 -6.58 6.72 15.10
N MET D 315 -5.83 7.64 14.47
CA MET D 315 -4.49 8.08 14.94
C MET D 315 -4.67 9.03 16.12
N VAL D 316 -5.47 10.08 15.92
CA VAL D 316 -5.82 11.10 16.96
C VAL D 316 -6.32 10.37 18.24
N HIS D 317 -7.16 9.34 18.11
CA HIS D 317 -7.59 8.53 19.26
C HIS D 317 -6.35 8.13 20.06
N ARG D 318 -5.34 7.55 19.41
CA ARG D 318 -4.16 6.99 20.13
C ARG D 318 -3.28 8.12 20.67
N MET D 319 -3.25 9.30 20.01
CA MET D 319 -2.38 10.45 20.39
C MET D 319 -2.95 11.20 21.60
N LEU D 320 -4.26 11.44 21.62
CA LEU D 320 -4.90 12.38 22.58
C LEU D 320 -5.88 11.65 23.52
N GLY D 321 -6.31 10.44 23.16
CA GLY D 321 -7.35 9.70 23.91
C GLY D 321 -8.75 10.27 23.66
N SER D 322 -9.78 9.68 24.25
CA SER D 322 -11.20 10.06 24.02
C SER D 322 -11.45 11.48 24.54
N SER D 330 -15.18 18.16 22.43
CA SER D 330 -13.92 17.42 22.15
C SER D 330 -13.67 17.36 20.64
N GLY D 331 -12.40 17.48 20.23
CA GLY D 331 -11.94 17.31 18.84
C GLY D 331 -12.29 15.93 18.31
N TYR D 332 -11.87 14.87 19.01
CA TYR D 332 -12.05 13.44 18.64
C TYR D 332 -13.50 13.15 18.25
N HIS D 333 -14.48 13.83 18.86
CA HIS D 333 -15.92 13.61 18.59
C HIS D 333 -16.40 14.40 17.35
N TYR D 334 -15.92 15.63 17.13
CA TYR D 334 -16.26 16.42 15.91
C TYR D 334 -15.72 15.67 14.67
N LEU D 335 -14.51 15.11 14.79
CA LEU D 335 -13.78 14.37 13.71
C LEU D 335 -14.54 13.09 13.37
N ARG D 336 -14.78 12.21 14.35
CA ARG D 336 -15.64 10.99 14.18
C ARG D 336 -16.92 11.37 13.43
N SER D 337 -17.39 12.60 13.63
CA SER D 337 -18.65 13.14 13.05
C SER D 337 -18.48 13.55 11.58
N THR D 338 -17.27 13.89 11.11
CA THR D 338 -17.02 14.25 9.68
C THR D 338 -16.98 12.96 8.83
N VAL D 339 -16.89 11.81 9.49
CA VAL D 339 -16.87 10.45 8.86
C VAL D 339 -18.32 10.00 8.67
N SER D 340 -19.07 10.70 7.82
CA SER D 340 -20.51 10.49 7.60
C SER D 340 -20.88 10.94 6.20
N ASP D 341 -22.10 10.64 5.77
CA ASP D 341 -22.56 10.89 4.38
C ASP D 341 -22.78 12.39 4.15
N ARG D 342 -22.70 13.22 5.20
CA ARG D 342 -22.81 14.70 5.06
C ARG D 342 -21.68 15.22 4.17
N TYR D 343 -20.53 14.54 4.20
CA TYR D 343 -19.28 14.97 3.53
C TYR D 343 -19.02 14.16 2.26
N LYS D 344 -19.95 13.27 1.92
CA LYS D 344 -19.93 12.42 0.70
C LYS D 344 -20.67 13.21 -0.40
N VAL D 345 -19.92 13.97 -1.19
CA VAL D 345 -20.47 14.93 -2.19
C VAL D 345 -21.26 14.17 -3.28
N PHE D 346 -20.75 13.02 -3.72
CA PHE D 346 -21.34 12.18 -4.79
C PHE D 346 -22.11 11.02 -4.16
N VAL D 347 -22.73 11.27 -3.00
CA VAL D 347 -23.52 10.23 -2.28
C VAL D 347 -24.58 9.65 -3.25
N ASP D 348 -25.10 10.46 -4.17
CA ASP D 348 -26.16 10.01 -5.12
C ASP D 348 -25.63 8.88 -6.01
N LEU D 349 -24.34 8.89 -6.36
CA LEU D 349 -23.76 7.88 -7.29
C LEU D 349 -23.72 6.52 -6.59
N PHE D 350 -23.38 6.51 -5.30
CA PHE D 350 -23.42 5.29 -4.46
C PHE D 350 -24.86 4.77 -4.38
N ASN D 351 -25.80 5.64 -4.03
CA ASN D 351 -27.19 5.27 -3.66
C ASN D 351 -27.96 4.79 -4.89
N LEU D 352 -27.51 5.10 -6.12
CA LEU D 352 -28.08 4.53 -7.37
C LEU D 352 -28.05 2.99 -7.34
N SER D 353 -27.08 2.40 -6.63
CA SER D 353 -26.97 0.93 -6.45
C SER D 353 -28.26 0.38 -5.81
N THR D 354 -28.98 1.21 -5.05
CA THR D 354 -30.33 0.88 -4.53
C THR D 354 -31.29 0.50 -5.67
N TYR D 355 -31.17 1.12 -6.85
CA TYR D 355 -32.16 1.03 -7.97
C TYR D 355 -31.69 0.13 -9.11
N LEU D 356 -30.71 -0.76 -8.90
CA LEU D 356 -30.30 -1.71 -9.95
C LEU D 356 -31.40 -2.76 -10.15
N ILE D 357 -31.59 -3.19 -11.39
CA ILE D 357 -32.71 -4.08 -11.80
C ILE D 357 -32.10 -5.20 -12.62
N PRO D 358 -32.79 -6.34 -12.80
CA PRO D 358 -32.27 -7.38 -13.69
C PRO D 358 -31.91 -6.80 -15.07
N ARG D 359 -30.81 -7.27 -15.64
CA ARG D 359 -30.31 -6.84 -16.98
C ARG D 359 -31.47 -6.81 -17.97
N HIS D 360 -32.27 -7.88 -18.02
CA HIS D 360 -33.29 -8.07 -19.08
C HIS D 360 -34.44 -7.05 -18.94
N TRP D 361 -34.53 -6.30 -17.83
CA TRP D 361 -35.52 -5.19 -17.69
C TRP D 361 -34.96 -3.90 -18.30
N ILE D 362 -33.68 -3.84 -18.61
CA ILE D 362 -33.08 -2.56 -19.08
C ILE D 362 -33.61 -2.31 -20.48
N PRO D 363 -34.16 -1.12 -20.80
CA PRO D 363 -34.61 -0.82 -22.16
C PRO D 363 -33.58 -1.19 -23.23
N LYS D 364 -34.00 -1.98 -24.22
CA LYS D 364 -33.16 -2.37 -25.38
C LYS D 364 -32.76 -1.13 -26.17
N MET D 365 -31.58 -1.15 -26.77
CA MET D 365 -31.12 -0.12 -27.75
C MET D 365 -31.26 -0.68 -29.16
N ASN D 366 -32.09 -0.02 -29.98
CA ASN D 366 -32.31 -0.36 -31.42
C ASN D 366 -31.09 0.07 -32.23
N PRO D 367 -30.91 -0.42 -33.48
CA PRO D 367 -29.78 -0.01 -34.33
C PRO D 367 -29.64 1.47 -34.72
N THR D 368 -30.57 2.36 -34.32
CA THR D 368 -30.54 3.81 -34.64
C THR D 368 -29.95 4.62 -33.48
N ILE D 369 -30.14 4.18 -32.23
CA ILE D 369 -29.59 4.81 -31.00
C ILE D 369 -28.19 4.24 -30.71
N HIS D 370 -27.98 2.94 -30.99
CA HIS D 370 -26.64 2.29 -31.00
C HIS D 370 -25.69 3.15 -31.84
N LYS D 371 -26.09 3.49 -33.08
CA LYS D 371 -25.33 4.33 -34.05
C LYS D 371 -24.83 5.64 -33.40
N PHE D 372 -25.71 6.39 -32.71
CA PHE D 372 -25.37 7.66 -32.03
C PHE D 372 -24.22 7.42 -31.02
N LEU D 373 -24.22 6.27 -30.35
CA LEU D 373 -23.31 5.93 -29.21
C LEU D 373 -22.13 5.06 -29.64
N GLU D 374 -21.97 4.77 -30.95
CA GLU D 374 -21.00 3.78 -31.50
C GLU D 374 -20.13 4.46 -32.56
#